data_3OS7
#
_entry.id   3OS7
#
_cell.length_a   209.532
_cell.length_b   41.553
_cell.length_c   211.641
_cell.angle_alpha   90.000
_cell.angle_beta   119.580
_cell.angle_gamma   90.000
#
_symmetry.space_group_name_H-M   'C 1 2 1'
#
loop_
_entity.id
_entity.type
_entity.pdbx_description
1 polymer 'galactose mutarotase-like protein'
2 non-polymer 'TETRAETHYLENE GLYCOL'
3 non-polymer 'L(+)-TARTARIC ACID'
4 non-polymer 1,2-ETHANEDIOL
5 water water
#
_entity_poly.entity_id   1
_entity_poly.type   'polypeptide(L)'
_entity_poly.pdbx_seq_one_letter_code
;G(MSE)NNKDLWIKEEIIWSEHKCIRFAAGGYEALIIPDVGGNVVELKDTNKGVTILRTPKKDLKFEDFKNRPQVYGLPV
LFPPNRIDDGTFKLGDKTYKFPINEAKNNNYIHGFIKNSKWTVHKKKIDQDKALVEVVFDFTKENEAYKYFSHEFQFKLS
YELSSKGLKQTTSVVNLSSEE(MSE)PLSVGYHSAFNVPFIEGSEDSNCRVKISIDKFWKQDSRNLPTGESFAPTGEQKE
YLENGVAVASHPIESLFSLKDIDVNGKTFRGACIEDASKNTRVVYE(MSE)SSEYKYLVIWND(MSE)GDKKYACIEPQT
SIINSPNVKLDRSVSGFKTLKPNESWSGVCKLYIEN(MSE)
;
_entity_poly.pdbx_strand_id   A,B,C,D
#
loop_
_chem_comp.id
_chem_comp.type
_chem_comp.name
_chem_comp.formula
EDO non-polymer 1,2-ETHANEDIOL 'C2 H6 O2'
PG4 non-polymer 'TETRAETHYLENE GLYCOL' 'C8 H18 O5'
TLA non-polymer 'L(+)-TARTARIC ACID' 'C4 H6 O6'
#
# COMPACT_ATOMS: atom_id res chain seq x y z
N ASN A 4 -57.06 58.83 -26.96
CA ASN A 4 -57.13 57.34 -27.00
C ASN A 4 -58.05 56.75 -25.91
N LYS A 5 -58.25 55.42 -25.94
CA LYS A 5 -59.14 54.74 -25.01
C LYS A 5 -58.63 54.69 -23.54
N ASP A 6 -57.33 54.91 -23.36
CA ASP A 6 -56.69 54.77 -22.06
C ASP A 6 -56.45 56.14 -21.39
N LEU A 7 -57.14 57.16 -21.89
CA LEU A 7 -57.12 58.48 -21.28
C LEU A 7 -58.48 58.84 -20.72
N TRP A 8 -58.59 58.96 -19.40
CA TRP A 8 -59.87 59.25 -18.75
C TRP A 8 -59.72 59.61 -17.29
N ILE A 9 -60.77 60.21 -16.75
CA ILE A 9 -60.86 60.55 -15.33
C ILE A 9 -62.28 60.19 -14.90
N LYS A 10 -62.39 59.40 -13.83
CA LYS A 10 -63.68 58.92 -13.33
C LYS A 10 -63.79 59.23 -11.84
N GLU A 11 -64.86 59.92 -11.47
CA GLU A 11 -65.19 60.13 -10.08
C GLU A 11 -66.21 59.06 -9.73
N GLU A 12 -65.95 58.31 -8.66
CA GLU A 12 -66.83 57.20 -8.28
C GLU A 12 -66.83 57.03 -6.76
N ILE A 13 -67.62 56.06 -6.27
CA ILE A 13 -67.78 55.86 -4.83
C ILE A 13 -66.90 54.69 -4.40
N ILE A 14 -66.25 54.83 -3.27
CA ILE A 14 -65.46 53.72 -2.69
C ILE A 14 -65.83 53.65 -1.21
N TRP A 15 -65.69 52.47 -0.61
CA TRP A 15 -66.08 52.27 0.80
C TRP A 15 -67.50 52.77 1.06
N SER A 16 -68.40 52.47 0.13
CA SER A 16 -69.84 52.80 0.23
C SER A 16 -70.28 54.27 0.14
N GLU A 17 -69.55 55.20 0.75
CA GLU A 17 -70.01 56.58 0.80
C GLU A 17 -68.92 57.62 0.56
N HIS A 18 -67.76 57.19 0.05
CA HIS A 18 -66.67 58.16 -0.18
C HIS A 18 -66.36 58.35 -1.65
N LYS A 19 -66.14 59.59 -2.03
CA LYS A 19 -65.81 59.88 -3.40
C LYS A 19 -64.33 59.55 -3.62
N CYS A 20 -64.01 59.01 -4.79
CA CYS A 20 -62.62 58.82 -5.14
C CYS A 20 -62.51 59.19 -6.61
N ILE A 21 -61.29 59.50 -7.03
CA ILE A 21 -61.02 59.78 -8.44
C ILE A 21 -60.04 58.77 -8.98
N ARG A 22 -60.46 58.02 -10.01
CA ARG A 22 -59.59 57.12 -10.76
C ARG A 22 -59.19 57.83 -12.05
N PHE A 23 -57.93 57.79 -12.41
CA PHE A 23 -57.47 58.52 -13.60
C PHE A 23 -56.40 57.73 -14.34
N ALA A 24 -56.36 57.91 -15.65
CA ALA A 24 -55.59 57.05 -16.54
C ALA A 24 -55.04 57.86 -17.70
N ALA A 25 -53.78 57.62 -18.03
CA ALA A 25 -53.19 58.18 -19.24
C ALA A 25 -51.92 57.42 -19.54
N GLY A 26 -51.64 57.24 -20.81
CA GLY A 26 -50.37 56.66 -21.26
C GLY A 26 -50.07 55.26 -20.77
N GLY A 27 -51.10 54.47 -20.51
CA GLY A 27 -50.92 53.12 -19.99
C GLY A 27 -50.88 52.98 -18.48
N TYR A 28 -50.83 54.11 -17.76
CA TYR A 28 -50.89 54.11 -16.30
C TYR A 28 -52.32 54.38 -15.82
N GLU A 29 -52.64 53.91 -14.62
CA GLU A 29 -53.87 54.22 -13.94
C GLU A 29 -53.57 54.47 -12.46
N ALA A 30 -54.21 55.49 -11.90
CA ALA A 30 -54.06 55.88 -10.49
C ALA A 30 -55.42 56.01 -9.80
N LEU A 31 -55.38 55.98 -8.49
CA LEU A 31 -56.59 56.15 -7.66
C LEU A 31 -56.23 57.07 -6.51
N ILE A 32 -56.99 58.16 -6.33
CA ILE A 32 -56.78 59.08 -5.28
C ILE A 32 -58.02 59.18 -4.37
N ILE A 33 -57.77 59.30 -3.07
CA ILE A 33 -58.83 59.36 -2.05
C ILE A 33 -58.82 60.73 -1.35
N PRO A 34 -59.60 61.69 -1.87
CA PRO A 34 -59.62 63.03 -1.28
C PRO A 34 -59.93 63.07 0.21
N ASP A 35 -60.90 62.27 0.65
CA ASP A 35 -61.31 62.23 2.07
C ASP A 35 -60.23 61.80 3.07
N VAL A 36 -59.21 61.07 2.60
CA VAL A 36 -58.10 60.71 3.46
C VAL A 36 -56.76 61.22 2.85
N GLY A 37 -56.42 62.46 3.15
CA GLY A 37 -55.10 63.01 2.81
C GLY A 37 -54.85 63.27 1.35
N GLY A 38 -55.89 63.23 0.52
CA GLY A 38 -55.67 63.27 -0.93
C GLY A 38 -54.66 62.21 -1.35
N ASN A 39 -54.77 61.04 -0.72
CA ASN A 39 -53.76 60.00 -0.88
C ASN A 39 -53.98 59.25 -2.19
N VAL A 40 -52.98 59.27 -3.06
CA VAL A 40 -52.88 58.35 -4.19
C VAL A 40 -52.45 56.94 -3.71
N VAL A 41 -53.42 56.04 -3.61
CA VAL A 41 -53.24 54.71 -3.05
C VAL A 41 -52.93 53.63 -4.05
N GLU A 42 -53.06 53.95 -5.33
CA GLU A 42 -52.73 53.04 -6.39
C GLU A 42 -52.12 53.77 -7.59
N LEU A 43 -51.04 53.20 -8.14
CA LEU A 43 -50.44 53.65 -9.40
C LEU A 43 -49.95 52.40 -10.12
N LYS A 44 -50.59 52.05 -11.22
CA LYS A 44 -50.25 50.79 -11.88
C LYS A 44 -50.11 50.97 -13.38
N ASP A 45 -49.49 49.99 -14.02
CA ASP A 45 -49.45 49.87 -15.50
C ASP A 45 -49.94 48.46 -15.76
N THR A 46 -51.23 48.31 -16.06
CA THR A 46 -51.83 46.98 -16.11
C THR A 46 -51.20 46.13 -17.24
N ASN A 47 -50.82 46.75 -18.36
CA ASN A 47 -50.21 45.98 -19.45
C ASN A 47 -48.81 45.46 -19.12
N LYS A 48 -48.09 46.14 -18.23
CA LYS A 48 -46.79 45.63 -17.76
C LYS A 48 -46.94 44.73 -16.53
N GLY A 49 -48.12 44.71 -15.94
CA GLY A 49 -48.37 43.96 -14.74
C GLY A 49 -47.70 44.55 -13.50
N VAL A 50 -47.48 45.86 -13.49
CA VAL A 50 -46.74 46.50 -12.41
C VAL A 50 -47.72 47.33 -11.59
N THR A 51 -47.68 47.15 -10.26
CA THR A 51 -48.40 48.04 -9.36
C THR A 51 -47.39 48.62 -8.37
N ILE A 52 -47.20 49.92 -8.44
CA ILE A 52 -46.11 50.58 -7.72
C ILE A 52 -46.38 50.82 -6.23
N LEU A 53 -47.54 51.36 -5.92
CA LEU A 53 -47.84 51.85 -4.57
C LEU A 53 -48.65 50.82 -3.79
N ARG A 54 -48.34 50.73 -2.50
CA ARG A 54 -49.05 49.81 -1.63
C ARG A 54 -50.48 50.31 -1.43
N THR A 55 -51.44 49.47 -1.78
CA THR A 55 -52.87 49.82 -1.83
C THR A 55 -53.64 49.02 -0.76
N PRO A 56 -54.61 49.66 -0.08
CA PRO A 56 -55.49 48.91 0.83
C PRO A 56 -56.15 47.69 0.17
N LYS A 57 -56.18 46.59 0.89
CA LYS A 57 -56.90 45.38 0.43
C LYS A 57 -58.40 45.59 0.59
N LYS A 58 -59.20 44.80 -0.13
CA LYS A 58 -60.67 44.94 -0.16
C LYS A 58 -61.29 44.85 1.25
N ASP A 59 -60.68 44.06 2.12
CA ASP A 59 -61.18 43.87 3.48
C ASP A 59 -60.84 45.00 4.46
N LEU A 60 -59.96 45.94 4.11
CA LEU A 60 -59.61 47.02 5.04
C LEU A 60 -60.77 47.96 5.16
N LYS A 61 -61.20 48.23 6.39
CA LYS A 61 -62.28 49.18 6.63
C LYS A 61 -61.80 50.61 6.46
N PHE A 62 -62.71 51.48 6.01
CA PHE A 62 -62.39 52.88 5.84
C PHE A 62 -61.74 53.46 7.08
N GLU A 63 -62.33 53.20 8.23
CA GLU A 63 -61.87 53.80 9.46
C GLU A 63 -60.44 53.40 9.83
N ASP A 64 -60.07 52.15 9.54
CA ASP A 64 -58.72 51.64 9.79
C ASP A 64 -57.71 52.25 8.81
N PHE A 65 -58.17 52.56 7.59
CA PHE A 65 -57.37 53.33 6.65
C PHE A 65 -57.17 54.76 7.16
N LYS A 66 -58.26 55.44 7.50
CA LYS A 66 -58.20 56.84 7.91
C LYS A 66 -57.35 57.03 9.17
N ASN A 67 -57.36 56.03 10.05
CA ASN A 67 -56.58 56.11 11.28
C ASN A 67 -55.08 55.83 11.11
N ARG A 68 -54.70 55.17 10.03
CA ARG A 68 -53.27 54.90 9.73
C ARG A 68 -53.03 54.88 8.21
N PRO A 69 -53.15 56.05 7.58
CA PRO A 69 -53.01 56.07 6.12
C PRO A 69 -51.57 56.09 5.68
N GLN A 70 -50.67 56.37 6.62
CA GLN A 70 -49.28 56.55 6.26
C GLN A 70 -48.54 55.29 5.77
N VAL A 71 -49.13 54.12 5.93
CA VAL A 71 -48.55 52.86 5.41
C VAL A 71 -49.10 52.43 4.05
N TYR A 72 -49.84 53.33 3.38
CA TYR A 72 -50.30 53.13 2.02
C TYR A 72 -50.07 54.36 1.13
N GLY A 73 -49.85 54.08 -0.13
CA GLY A 73 -49.86 55.13 -1.18
C GLY A 73 -48.85 56.26 -0.95
N LEU A 74 -49.33 57.49 -1.14
CA LEU A 74 -48.50 58.70 -1.04
C LEU A 74 -49.07 59.63 0.06
N PRO A 75 -48.74 59.37 1.31
CA PRO A 75 -49.20 60.19 2.45
C PRO A 75 -48.36 61.45 2.61
N VAL A 76 -48.99 62.61 2.45
CA VAL A 76 -48.26 63.86 2.61
C VAL A 76 -48.10 64.25 4.09
N LEU A 77 -46.88 64.65 4.46
CA LEU A 77 -46.52 64.89 5.85
C LEU A 77 -46.19 66.36 6.07
N PHE A 78 -46.67 66.90 7.18
CA PHE A 78 -46.44 68.29 7.58
C PHE A 78 -46.57 68.39 9.09
N PRO A 79 -45.46 68.25 9.82
CA PRO A 79 -44.10 68.03 9.37
C PRO A 79 -43.87 66.54 9.14
N PRO A 80 -42.91 66.16 8.28
CA PRO A 80 -42.50 64.77 8.21
C PRO A 80 -41.75 64.36 9.48
N ASN A 81 -42.11 63.22 10.03
CA ASN A 81 -41.41 62.66 11.15
C ASN A 81 -41.52 63.52 12.42
N ARG A 82 -40.55 63.40 13.32
CA ARG A 82 -40.69 63.84 14.71
C ARG A 82 -40.28 65.29 15.06
N ILE A 83 -41.06 65.90 15.95
CA ILE A 83 -40.66 67.10 16.66
C ILE A 83 -40.52 66.75 18.13
N ASP A 84 -39.31 66.92 18.65
CA ASP A 84 -38.98 66.63 20.05
C ASP A 84 -39.93 67.27 21.06
N ASP A 85 -40.60 66.43 21.89
CA ASP A 85 -41.55 66.93 22.90
C ASP A 85 -42.72 67.73 22.32
N GLY A 86 -42.94 67.61 21.02
CA GLY A 86 -43.97 68.36 20.33
C GLY A 86 -43.82 69.87 20.38
N THR A 87 -42.60 70.36 20.54
CA THR A 87 -42.43 71.81 20.73
C THR A 87 -41.16 72.31 20.08
N PHE A 88 -41.25 73.56 19.60
CA PHE A 88 -40.08 74.25 19.03
C PHE A 88 -40.37 75.72 19.11
N LYS A 89 -39.33 76.52 18.92
CA LYS A 89 -39.46 77.98 18.85
C LYS A 89 -39.11 78.52 17.47
N LEU A 90 -39.77 79.61 17.11
CA LEU A 90 -39.36 80.40 15.95
C LEU A 90 -39.30 81.84 16.45
N GLY A 91 -38.08 82.39 16.52
CA GLY A 91 -37.90 83.66 17.16
C GLY A 91 -38.39 83.57 18.60
N ASP A 92 -39.21 84.51 19.01
CA ASP A 92 -39.69 84.48 20.38
C ASP A 92 -41.02 83.77 20.51
N LYS A 93 -41.48 83.09 19.46
CA LYS A 93 -42.75 82.33 19.49
CA LYS A 93 -42.76 82.34 19.50
C LYS A 93 -42.52 80.86 19.80
N THR A 94 -43.34 80.31 20.71
CA THR A 94 -43.28 78.89 21.05
C THR A 94 -44.47 78.17 20.45
N TYR A 95 -44.19 77.08 19.74
CA TYR A 95 -45.18 76.18 19.21
C TYR A 95 -45.20 74.95 20.11
N LYS A 96 -46.37 74.54 20.54
CA LYS A 96 -46.50 73.36 21.39
C LYS A 96 -47.70 72.54 20.91
N PHE A 97 -47.43 71.31 20.47
CA PHE A 97 -48.45 70.43 19.91
C PHE A 97 -48.74 69.27 20.84
N PRO A 98 -49.97 68.76 20.84
CA PRO A 98 -50.23 67.58 21.68
C PRO A 98 -49.40 66.38 21.22
N ILE A 99 -48.91 65.57 22.14
CA ILE A 99 -48.05 64.42 21.83
C ILE A 99 -48.87 63.32 21.14
N ASN A 100 -48.47 62.94 19.93
CA ASN A 100 -49.13 61.83 19.19
C ASN A 100 -48.18 60.64 18.94
N GLU A 101 -46.99 60.68 19.55
CA GLU A 101 -46.08 59.52 19.62
C GLU A 101 -45.72 59.36 21.07
N ALA A 102 -46.41 58.47 21.76
CA ALA A 102 -46.39 58.46 23.21
C ALA A 102 -45.07 57.97 23.79
N LYS A 103 -44.59 56.87 23.23
CA LYS A 103 -43.42 56.15 23.75
C LYS A 103 -42.17 57.05 23.73
N ASN A 104 -42.00 57.79 22.64
CA ASN A 104 -40.83 58.67 22.51
C ASN A 104 -41.11 60.18 22.82
N ASN A 105 -42.33 60.48 23.26
CA ASN A 105 -42.81 61.82 23.59
C ASN A 105 -42.53 62.86 22.49
N ASN A 106 -43.07 62.59 21.31
CA ASN A 106 -42.89 63.48 20.16
C ASN A 106 -44.21 63.81 19.52
N TYR A 107 -44.24 64.88 18.72
CA TYR A 107 -45.26 65.07 17.71
C TYR A 107 -44.70 64.55 16.40
N ILE A 108 -45.50 63.79 15.64
CA ILE A 108 -44.96 63.14 14.43
C ILE A 108 -45.95 63.25 13.27
N HIS A 109 -45.43 63.54 12.07
CA HIS A 109 -46.10 63.39 10.78
C HIS A 109 -47.21 64.39 10.37
N GLY A 110 -47.83 65.02 11.35
CA GLY A 110 -48.92 65.96 11.06
C GLY A 110 -50.31 65.34 10.88
N PHE A 111 -51.29 66.16 10.58
CA PHE A 111 -52.69 65.71 10.49
C PHE A 111 -53.24 65.79 9.07
N ILE A 112 -52.54 66.44 8.14
CA ILE A 112 -53.13 66.65 6.83
C ILE A 112 -53.28 65.32 6.08
N LYS A 113 -52.46 64.34 6.42
CA LYS A 113 -52.58 62.99 5.84
C LYS A 113 -53.87 62.28 6.27
N ASN A 114 -54.44 62.69 7.40
CA ASN A 114 -55.68 62.07 7.93
C ASN A 114 -56.93 62.88 7.58
N SER A 115 -56.75 64.03 6.96
CA SER A 115 -57.82 65.03 6.85
C SER A 115 -58.50 65.02 5.51
N LYS A 116 -59.67 65.65 5.41
CA LYS A 116 -60.40 65.71 4.14
C LYS A 116 -59.87 66.80 3.26
N TRP A 117 -59.54 66.44 2.02
CA TRP A 117 -59.14 67.37 1.01
C TRP A 117 -60.30 67.48 0.03
N THR A 118 -60.31 68.55 -0.76
CA THR A 118 -61.36 68.75 -1.75
C THR A 118 -60.76 68.74 -3.14
N VAL A 119 -61.54 68.28 -4.11
CA VAL A 119 -61.08 68.19 -5.48
C VAL A 119 -61.08 69.59 -6.06
N HIS A 120 -59.94 70.00 -6.62
CA HIS A 120 -59.77 71.35 -7.08
C HIS A 120 -59.88 71.43 -8.61
N LYS A 121 -59.34 70.42 -9.30
CA LYS A 121 -59.30 70.39 -10.76
C LYS A 121 -59.25 68.96 -11.29
N LYS A 122 -59.95 68.74 -12.39
CA LYS A 122 -59.90 67.50 -13.15
C LYS A 122 -59.86 67.92 -14.60
N LYS A 123 -58.84 67.48 -15.34
CA LYS A 123 -58.68 67.90 -16.72
C LYS A 123 -57.93 66.87 -17.51
N ILE A 124 -58.48 66.53 -18.67
CA ILE A 124 -57.74 65.79 -19.68
C ILE A 124 -57.29 66.73 -20.78
N ASP A 125 -56.03 66.62 -21.16
CA ASP A 125 -55.46 67.56 -22.12
C ASP A 125 -54.21 67.00 -22.72
N GLN A 126 -54.12 67.17 -24.03
N GLN A 126 -54.13 66.96 -24.05
CA GLN A 126 -53.25 66.41 -24.90
CA GLN A 126 -52.89 66.55 -24.72
C GLN A 126 -53.54 64.97 -24.53
C GLN A 126 -52.24 65.30 -24.11
N ASP A 127 -52.50 64.23 -24.14
N ASP A 127 -53.03 64.23 -24.03
CA ASP A 127 -52.68 62.86 -23.69
CA ASP A 127 -52.49 62.93 -23.72
C ASP A 127 -52.28 62.70 -22.22
C ASP A 127 -52.15 62.76 -22.23
N LYS A 128 -52.59 63.70 -21.40
CA LYS A 128 -52.33 63.67 -19.95
C LYS A 128 -53.63 63.79 -19.14
N ALA A 129 -53.64 63.22 -17.93
CA ALA A 129 -54.76 63.35 -17.01
C ALA A 129 -54.26 64.08 -15.80
N LEU A 130 -54.92 65.19 -15.47
CA LEU A 130 -54.56 66.04 -14.36
C LEU A 130 -55.66 66.05 -13.29
N VAL A 131 -55.26 65.73 -12.05
CA VAL A 131 -56.16 65.81 -10.89
C VAL A 131 -55.45 66.58 -9.79
N GLU A 132 -56.13 67.59 -9.27
CA GLU A 132 -55.57 68.41 -8.19
C GLU A 132 -56.52 68.41 -7.01
N VAL A 133 -55.94 68.29 -5.81
CA VAL A 133 -56.71 68.34 -4.57
C VAL A 133 -56.10 69.41 -3.71
N VAL A 134 -56.91 70.06 -2.89
CA VAL A 134 -56.42 71.05 -1.96
C VAL A 134 -56.91 70.81 -0.55
N PHE A 135 -56.13 71.29 0.39
CA PHE A 135 -56.50 71.32 1.80
C PHE A 135 -56.43 72.75 2.28
N ASP A 136 -57.57 73.26 2.72
CA ASP A 136 -57.69 74.63 3.24
C ASP A 136 -57.71 74.61 4.76
N PHE A 137 -56.68 75.18 5.36
CA PHE A 137 -56.56 75.22 6.81
C PHE A 137 -56.98 76.62 7.24
N THR A 138 -58.11 76.70 7.94
CA THR A 138 -58.69 77.97 8.35
C THR A 138 -58.67 78.16 9.85
N LYS A 139 -59.01 79.38 10.25
CA LYS A 139 -59.13 79.77 11.63
C LYS A 139 -60.17 78.93 12.38
N GLU A 140 -61.06 78.25 11.66
CA GLU A 140 -62.08 77.43 12.30
C GLU A 140 -61.64 76.01 12.58
N ASN A 141 -60.47 75.62 12.07
CA ASN A 141 -59.99 74.26 12.26
C ASN A 141 -59.64 74.08 13.74
N GLU A 142 -59.97 72.91 14.27
CA GLU A 142 -59.71 72.60 15.67
CA GLU A 142 -59.72 72.63 15.67
C GLU A 142 -58.21 72.65 16.00
N ALA A 143 -57.36 72.50 14.99
CA ALA A 143 -55.91 72.55 15.20
C ALA A 143 -55.34 73.96 15.10
N TYR A 144 -56.12 74.92 14.63
CA TYR A 144 -55.63 76.30 14.48
C TYR A 144 -55.04 76.86 15.79
N LYS A 145 -55.67 76.57 16.92
CA LYS A 145 -55.14 77.04 18.20
C LYS A 145 -53.71 76.59 18.51
N TYR A 146 -53.31 75.44 17.97
CA TYR A 146 -51.94 74.96 18.14
C TYR A 146 -50.94 75.49 17.10
N PHE A 147 -51.43 75.80 15.89
CA PHE A 147 -50.62 76.29 14.79
C PHE A 147 -51.39 77.39 14.06
N SER A 148 -51.28 78.61 14.56
CA SER A 148 -52.18 79.65 14.13
C SER A 148 -51.70 80.36 12.86
N HIS A 149 -51.64 79.59 11.78
CA HIS A 149 -51.34 80.12 10.46
C HIS A 149 -52.31 79.49 9.47
N GLU A 150 -53.18 80.31 8.87
CA GLU A 150 -53.96 79.83 7.74
C GLU A 150 -53.04 79.45 6.58
N PHE A 151 -53.38 78.37 5.89
CA PHE A 151 -52.59 77.94 4.73
C PHE A 151 -53.44 77.12 3.77
N GLN A 152 -52.95 76.97 2.54
CA GLN A 152 -53.55 76.02 1.61
C GLN A 152 -52.44 75.13 1.08
N PHE A 153 -52.65 73.84 1.23
CA PHE A 153 -51.83 72.83 0.60
C PHE A 153 -52.51 72.40 -0.73
N LYS A 154 -51.70 72.08 -1.72
CA LYS A 154 -52.21 71.54 -2.98
C LYS A 154 -51.32 70.42 -3.46
N LEU A 155 -51.96 69.33 -3.88
CA LEU A 155 -51.27 68.24 -4.57
C LEU A 155 -51.82 68.25 -6.00
N SER A 156 -50.91 68.39 -6.96
CA SER A 156 -51.25 68.41 -8.36
C SER A 156 -50.63 67.20 -9.07
N TYR A 157 -51.48 66.26 -9.45
CA TYR A 157 -51.03 65.03 -10.06
C TYR A 157 -51.27 65.02 -11.54
N GLU A 158 -50.20 64.83 -12.31
CA GLU A 158 -50.30 64.75 -13.74
C GLU A 158 -49.85 63.37 -14.19
N LEU A 159 -50.77 62.63 -14.75
CA LEU A 159 -50.45 61.31 -15.26
C LEU A 159 -50.30 61.34 -16.80
N SER A 160 -49.31 60.63 -17.29
CA SER A 160 -48.98 60.60 -18.73
C SER A 160 -48.16 59.35 -19.03
N SER A 161 -47.75 59.22 -20.28
CA SER A 161 -46.86 58.13 -20.64
C SER A 161 -45.52 58.16 -19.93
N LYS A 162 -45.14 59.31 -19.39
CA LYS A 162 -43.95 59.43 -18.58
C LYS A 162 -44.15 59.04 -17.11
N GLY A 163 -45.34 58.58 -16.78
CA GLY A 163 -45.70 58.19 -15.42
C GLY A 163 -46.48 59.27 -14.69
N LEU A 164 -46.33 59.28 -13.37
CA LEU A 164 -47.03 60.21 -12.49
C LEU A 164 -46.09 61.32 -12.05
N LYS A 165 -46.51 62.57 -12.26
CA LYS A 165 -45.80 63.74 -11.74
C LYS A 165 -46.64 64.37 -10.64
N GLN A 166 -46.01 64.53 -9.51
CA GLN A 166 -46.61 65.06 -8.32
C GLN A 166 -45.97 66.41 -8.03
N THR A 167 -46.75 67.48 -8.10
CA THR A 167 -46.29 68.81 -7.69
C THR A 167 -47.03 69.16 -6.38
N THR A 168 -46.25 69.28 -5.31
CA THR A 168 -46.75 69.57 -3.95
C THR A 168 -46.47 71.04 -3.66
N SER A 169 -47.46 71.76 -3.17
CA SER A 169 -47.21 73.17 -2.84
C SER A 169 -47.99 73.57 -1.65
N VAL A 170 -47.48 74.58 -0.94
CA VAL A 170 -48.19 75.16 0.15
C VAL A 170 -47.95 76.66 0.12
N VAL A 171 -48.97 77.42 0.50
CA VAL A 171 -48.89 78.88 0.55
C VAL A 171 -49.31 79.31 1.96
N ASN A 172 -48.53 80.19 2.55
CA ASN A 172 -48.81 80.76 3.85
C ASN A 172 -49.84 81.86 3.64
N LEU A 173 -51.05 81.68 4.17
CA LEU A 173 -52.13 82.65 4.04
C LEU A 173 -52.29 83.51 5.31
N SER A 174 -51.33 83.40 6.23
CA SER A 174 -51.36 84.09 7.51
C SER A 174 -50.58 85.38 7.42
N SER A 175 -50.65 86.16 8.50
CA SER A 175 -49.96 87.44 8.59
CA SER A 175 -49.97 87.44 8.59
C SER A 175 -48.57 87.34 9.22
N GLU A 176 -48.11 86.12 9.50
CA GLU A 176 -46.83 85.90 10.17
C GLU A 176 -46.00 84.85 9.44
N GLU A 177 -44.71 84.85 9.74
CA GLU A 177 -43.78 83.85 9.23
C GLU A 177 -44.21 82.44 9.66
N MSE A 178 -44.32 81.51 8.72
CA MSE A 178 -44.82 80.16 8.97
C MSE A 178 -43.70 79.13 8.87
O MSE A 178 -43.05 79.02 7.85
CB MSE A 178 -45.90 79.81 7.97
CG MSE A 178 -46.66 78.54 8.31
SE MSE A 178 -47.83 77.95 6.92
CE MSE A 178 -46.66 76.82 5.90
N PRO A 179 -43.50 78.35 9.94
CA PRO A 179 -42.54 77.23 9.85
C PRO A 179 -42.92 76.26 8.76
N LEU A 180 -41.94 75.67 8.10
CA LEU A 180 -42.23 74.79 6.98
C LEU A 180 -41.25 73.61 6.93
N SER A 181 -41.83 72.42 6.94
CA SER A 181 -41.10 71.19 6.65
C SER A 181 -42.15 70.22 6.10
N VAL A 182 -41.86 69.63 4.97
CA VAL A 182 -42.80 68.82 4.22
C VAL A 182 -42.11 67.51 3.84
N GLY A 183 -42.89 66.44 3.71
CA GLY A 183 -42.37 65.20 3.17
C GLY A 183 -43.50 64.26 2.83
N TYR A 184 -43.12 63.03 2.47
CA TYR A 184 -44.07 61.99 2.18
C TYR A 184 -43.67 60.69 2.84
N HIS A 185 -44.66 59.92 3.25
CA HIS A 185 -44.42 58.60 3.84
C HIS A 185 -44.68 57.49 2.81
N SER A 186 -44.15 57.68 1.61
CA SER A 186 -44.53 56.90 0.44
C SER A 186 -44.29 55.38 0.61
N ALA A 187 -45.34 54.59 0.33
CA ALA A 187 -45.36 53.14 0.57
C ALA A 187 -45.36 52.35 -0.73
N PHE A 188 -44.28 51.59 -0.94
CA PHE A 188 -44.04 50.87 -2.18
C PHE A 188 -44.20 49.37 -2.04
N ASN A 189 -44.82 48.77 -3.04
CA ASN A 189 -44.92 47.32 -3.13
C ASN A 189 -43.52 46.73 -3.40
N VAL A 190 -43.11 45.76 -2.58
CA VAL A 190 -41.89 45.01 -2.83
C VAL A 190 -42.20 43.51 -2.58
N PRO A 191 -42.47 42.73 -3.64
CA PRO A 191 -42.36 43.03 -5.06
C PRO A 191 -43.53 43.86 -5.62
N PHE A 192 -43.30 44.41 -6.79
CA PHE A 192 -44.30 45.24 -7.47
C PHE A 192 -44.85 44.57 -8.74
N ILE A 193 -44.45 43.32 -9.00
CA ILE A 193 -44.95 42.58 -10.13
CA ILE A 193 -44.88 42.54 -10.17
C ILE A 193 -45.25 41.14 -9.69
N GLU A 194 -46.25 40.53 -10.32
CA GLU A 194 -46.59 39.13 -10.01
C GLU A 194 -45.53 38.17 -10.55
N GLY A 195 -45.40 37.01 -9.91
CA GLY A 195 -44.44 36.01 -10.33
C GLY A 195 -43.02 36.39 -9.96
N SER A 196 -42.88 37.24 -8.96
CA SER A 196 -41.58 37.59 -8.43
C SER A 196 -41.62 37.40 -6.92
N GLU A 197 -40.60 37.88 -6.20
CA GLU A 197 -40.51 37.66 -4.76
C GLU A 197 -39.90 38.90 -4.13
N ASP A 198 -40.19 39.16 -2.86
CA ASP A 198 -39.59 40.31 -2.16
C ASP A 198 -38.03 40.30 -2.21
N SER A 199 -37.43 39.10 -2.18
CA SER A 199 -35.98 38.91 -2.23
CA SER A 199 -35.96 39.03 -2.20
C SER A 199 -35.36 39.24 -3.60
N ASN A 200 -36.18 39.40 -4.62
CA ASN A 200 -35.69 39.77 -5.94
C ASN A 200 -35.49 41.28 -6.09
N CYS A 201 -35.92 42.06 -5.10
CA CYS A 201 -35.91 43.52 -5.24
C CYS A 201 -34.71 44.17 -4.55
N ARG A 202 -34.06 45.09 -5.27
CA ARG A 202 -32.96 45.88 -4.70
CA ARG A 202 -32.96 45.87 -4.70
C ARG A 202 -33.34 47.35 -4.71
N VAL A 203 -33.03 48.04 -3.61
CA VAL A 203 -33.32 49.47 -3.50
C VAL A 203 -32.03 50.31 -3.61
N LYS A 204 -32.02 51.29 -4.53
CA LYS A 204 -30.93 52.28 -4.63
C LYS A 204 -31.49 53.64 -4.25
N ILE A 205 -30.67 54.43 -3.60
CA ILE A 205 -31.05 55.76 -3.14
C ILE A 205 -29.83 56.67 -3.28
N SER A 206 -30.04 57.91 -3.74
CA SER A 206 -28.91 58.84 -3.98
C SER A 206 -28.50 59.52 -2.66
N ILE A 207 -27.96 58.72 -1.74
CA ILE A 207 -27.64 59.20 -0.42
C ILE A 207 -26.31 59.95 -0.41
N ASP A 208 -26.23 60.92 0.49
CA ASP A 208 -25.03 61.69 0.77
C ASP A 208 -24.44 61.17 2.07
N LYS A 209 -25.01 61.55 3.22
CA LYS A 209 -24.54 61.09 4.51
C LYS A 209 -25.65 60.38 5.29
N PHE A 210 -25.24 59.48 6.15
CA PHE A 210 -26.09 58.87 7.16
C PHE A 210 -26.14 59.75 8.41
N TRP A 211 -27.32 59.88 9.04
CA TRP A 211 -27.52 60.71 10.23
C TRP A 211 -27.98 59.81 11.37
N LYS A 212 -27.16 59.74 12.41
CA LYS A 212 -27.44 58.91 13.56
C LYS A 212 -28.68 59.43 14.29
N GLN A 213 -29.48 58.49 14.77
CA GLN A 213 -30.60 58.79 15.65
C GLN A 213 -30.41 58.20 17.05
N ASP A 214 -30.96 58.89 18.06
CA ASP A 214 -30.90 58.47 19.46
C ASP A 214 -32.05 57.52 19.78
N SER A 215 -32.21 57.19 21.06
CA SER A 215 -33.20 56.18 21.43
C SER A 215 -34.65 56.69 21.32
N ARG A 216 -34.84 58.01 21.17
CA ARG A 216 -36.17 58.58 20.87
C ARG A 216 -36.38 58.84 19.38
N ASN A 217 -35.48 58.33 18.55
CA ASN A 217 -35.49 58.52 17.12
C ASN A 217 -35.30 59.95 16.63
N LEU A 218 -34.70 60.79 17.47
CA LEU A 218 -34.32 62.17 17.15
C LEU A 218 -32.84 62.16 16.69
N PRO A 219 -32.50 62.98 15.70
CA PRO A 219 -31.09 63.01 15.30
C PRO A 219 -30.19 63.50 16.38
N THR A 220 -29.01 62.90 16.45
CA THR A 220 -27.98 63.42 17.36
C THR A 220 -27.31 64.65 16.81
N GLY A 221 -27.42 64.84 15.50
CA GLY A 221 -26.70 65.92 14.82
C GLY A 221 -25.40 65.47 14.17
N GLU A 222 -24.99 64.23 14.43
CA GLU A 222 -23.80 63.65 13.85
C GLU A 222 -24.17 63.02 12.51
N SER A 223 -23.32 63.23 11.53
CA SER A 223 -23.47 62.64 10.22
C SER A 223 -22.21 61.87 9.80
N PHE A 224 -22.39 60.86 8.96
CA PHE A 224 -21.31 59.96 8.59
C PHE A 224 -21.37 59.57 7.15
N ALA A 225 -20.19 59.31 6.55
CA ALA A 225 -20.13 58.70 5.24
C ALA A 225 -20.83 57.32 5.33
N PRO A 226 -21.51 56.89 4.26
CA PRO A 226 -22.14 55.57 4.26
C PRO A 226 -21.12 54.49 4.61
N THR A 227 -21.55 53.53 5.43
CA THR A 227 -20.69 52.43 5.81
C THR A 227 -21.46 51.14 5.65
N GLY A 228 -20.72 50.06 5.49
CA GLY A 228 -21.31 48.73 5.37
C GLY A 228 -22.35 48.64 4.27
N GLU A 229 -23.48 48.07 4.64
CA GLU A 229 -24.55 47.87 3.71
C GLU A 229 -25.07 49.17 3.08
N GLN A 230 -24.90 50.29 3.79
CA GLN A 230 -25.38 51.60 3.29
C GLN A 230 -24.74 51.93 1.96
N LYS A 231 -23.51 51.48 1.74
CA LYS A 231 -22.80 51.74 0.51
C LYS A 231 -23.51 51.19 -0.70
N GLU A 232 -24.28 50.12 -0.50
CA GLU A 232 -24.99 49.47 -1.59
C GLU A 232 -26.13 50.31 -2.16
N TYR A 233 -26.62 51.26 -1.39
CA TYR A 233 -27.63 52.16 -1.94
C TYR A 233 -27.12 52.91 -3.18
N LEU A 234 -25.80 53.13 -3.27
CA LEU A 234 -25.18 53.84 -4.38
C LEU A 234 -24.57 52.90 -5.44
N GLU A 235 -24.59 51.61 -5.19
CA GLU A 235 -23.95 50.65 -6.10
CA GLU A 235 -23.92 50.60 -6.02
C GLU A 235 -24.95 49.62 -6.58
N ASN A 236 -24.99 48.41 -6.04
CA ASN A 236 -25.89 47.41 -6.59
C ASN A 236 -27.27 47.35 -5.95
N GLY A 237 -27.50 48.12 -4.89
CA GLY A 237 -28.81 48.18 -4.25
C GLY A 237 -28.90 47.29 -3.03
N VAL A 238 -29.72 47.72 -2.07
CA VAL A 238 -29.93 47.01 -0.81
C VAL A 238 -31.13 46.04 -0.97
N ALA A 239 -30.96 44.79 -0.51
CA ALA A 239 -32.06 43.80 -0.50
C ALA A 239 -32.94 44.17 0.68
N VAL A 240 -33.91 45.01 0.41
CA VAL A 240 -34.67 45.67 1.45
C VAL A 240 -35.51 44.72 2.29
N ALA A 241 -35.82 43.56 1.76
CA ALA A 241 -36.66 42.61 2.49
C ALA A 241 -35.89 41.69 3.44
N SER A 242 -34.56 41.81 3.51
CA SER A 242 -33.79 40.81 4.25
CA SER A 242 -33.74 40.85 4.24
C SER A 242 -33.76 41.04 5.76
N HIS A 243 -33.95 42.26 6.22
CA HIS A 243 -33.93 42.53 7.66
C HIS A 243 -34.56 43.90 7.94
N PRO A 244 -34.81 44.22 9.23
CA PRO A 244 -35.41 45.52 9.53
C PRO A 244 -34.46 46.66 9.17
N ILE A 245 -35.03 47.70 8.59
CA ILE A 245 -34.31 48.90 8.16
C ILE A 245 -35.10 50.08 8.65
N GLU A 246 -34.43 51.03 9.30
CA GLU A 246 -35.03 52.31 9.67
C GLU A 246 -33.89 53.30 9.73
N SER A 247 -33.73 54.10 8.66
CA SER A 247 -32.53 54.92 8.53
C SER A 247 -32.84 56.31 8.00
N LEU A 248 -32.03 57.29 8.40
CA LEU A 248 -32.14 58.66 7.93
C LEU A 248 -30.89 59.04 7.13
N PHE A 249 -31.08 59.52 5.90
CA PHE A 249 -29.99 60.00 5.07
C PHE A 249 -30.24 61.41 4.58
N SER A 250 -29.18 62.16 4.35
CA SER A 250 -29.29 63.29 3.42
C SER A 250 -29.18 62.80 1.98
N LEU A 251 -29.65 63.62 1.05
CA LEU A 251 -29.66 63.29 -0.37
C LEU A 251 -28.70 64.14 -1.15
N LYS A 252 -28.23 63.61 -2.27
CA LYS A 252 -27.45 64.38 -3.23
C LYS A 252 -27.87 63.95 -4.62
N ASP A 253 -27.44 64.71 -5.63
CA ASP A 253 -27.53 64.26 -7.01
C ASP A 253 -26.40 63.29 -7.36
N ILE A 254 -26.74 62.32 -8.20
CA ILE A 254 -25.79 61.42 -8.81
C ILE A 254 -25.96 61.49 -10.33
N ASP A 255 -25.01 60.94 -11.06
CA ASP A 255 -25.09 60.91 -12.52
C ASP A 255 -25.57 59.55 -12.98
N VAL A 256 -26.62 59.53 -13.77
CA VAL A 256 -27.15 58.30 -14.39
C VAL A 256 -27.39 58.57 -15.86
N ASN A 257 -26.69 57.85 -16.75
CA ASN A 257 -26.86 58.02 -18.20
C ASN A 257 -26.77 59.46 -18.72
N GLY A 258 -25.68 60.12 -18.36
CA GLY A 258 -25.42 61.47 -18.81
C GLY A 258 -26.27 62.57 -18.22
N LYS A 259 -27.06 62.24 -17.19
CA LYS A 259 -28.06 63.13 -16.68
C LYS A 259 -27.99 63.09 -15.15
N THR A 260 -28.23 64.19 -14.46
CA THR A 260 -28.29 64.12 -13.00
C THR A 260 -29.61 63.49 -12.55
N PHE A 261 -29.55 62.78 -11.43
CA PHE A 261 -30.71 62.12 -10.85
C PHE A 261 -30.62 62.26 -9.36
N ARG A 262 -31.77 62.55 -8.75
CA ARG A 262 -31.92 62.49 -7.31
C ARG A 262 -33.17 61.67 -7.01
N GLY A 263 -33.03 60.73 -6.09
CA GLY A 263 -34.16 59.91 -5.66
C GLY A 263 -33.80 58.48 -5.43
N ALA A 264 -34.77 57.61 -5.68
CA ALA A 264 -34.63 56.20 -5.40
C ALA A 264 -35.13 55.39 -6.55
N CYS A 265 -34.72 54.12 -6.55
CA CYS A 265 -35.33 53.17 -7.43
C CYS A 265 -35.36 51.79 -6.80
N ILE A 266 -36.29 50.98 -7.31
CA ILE A 266 -36.48 49.60 -6.86
C ILE A 266 -36.33 48.75 -8.12
N GLU A 267 -35.32 47.90 -8.15
CA GLU A 267 -34.97 47.08 -9.31
C GLU A 267 -35.32 45.63 -9.03
N ASP A 268 -36.04 45.04 -9.96
CA ASP A 268 -36.29 43.59 -10.01
C ASP A 268 -35.67 43.06 -11.30
N ALA A 269 -34.41 42.68 -11.20
CA ALA A 269 -33.65 42.17 -12.32
C ALA A 269 -34.33 40.93 -12.92
N SER A 270 -34.92 40.11 -12.07
CA SER A 270 -35.61 38.89 -12.51
C SER A 270 -36.71 39.20 -13.53
N LYS A 271 -37.29 40.40 -13.44
CA LYS A 271 -38.32 40.83 -14.39
C LYS A 271 -37.86 41.96 -15.32
N ASN A 272 -36.58 42.28 -15.28
CA ASN A 272 -36.00 43.36 -16.09
C ASN A 272 -36.74 44.70 -16.00
N THR A 273 -37.24 45.00 -14.82
CA THR A 273 -38.02 46.20 -14.57
C THR A 273 -37.53 46.98 -13.34
N ARG A 274 -37.53 48.31 -13.47
CA ARG A 274 -37.12 49.23 -12.41
C ARG A 274 -38.28 50.20 -12.14
N VAL A 275 -38.64 50.39 -10.87
CA VAL A 275 -39.55 51.47 -10.46
C VAL A 275 -38.70 52.64 -10.01
N VAL A 276 -38.97 53.81 -10.56
CA VAL A 276 -38.17 55.00 -10.28
C VAL A 276 -38.99 56.05 -9.54
N TYR A 277 -38.40 56.59 -8.48
CA TYR A 277 -39.00 57.64 -7.66
C TYR A 277 -38.01 58.82 -7.66
N GLU A 278 -38.22 59.73 -8.61
CA GLU A 278 -37.35 60.89 -8.80
C GLU A 278 -37.86 62.07 -7.97
N MSE A 279 -36.95 62.73 -7.28
CA MSE A 279 -37.28 63.80 -6.36
C MSE A 279 -36.54 65.06 -6.75
O MSE A 279 -35.35 65.01 -7.05
CB MSE A 279 -36.87 63.42 -4.95
CG MSE A 279 -37.38 62.11 -4.48
SE MSE A 279 -36.36 61.37 -3.01
CE MSE A 279 -37.17 59.67 -3.14
N SER A 280 -37.23 66.19 -6.68
CA SER A 280 -36.60 67.49 -6.94
C SER A 280 -35.66 67.87 -5.80
N SER A 281 -34.81 68.86 -6.08
CA SER A 281 -33.79 69.34 -5.14
CA SER A 281 -33.78 69.25 -5.12
C SER A 281 -34.35 69.91 -3.85
N GLU A 282 -35.65 70.23 -3.84
CA GLU A 282 -36.28 70.68 -2.61
C GLU A 282 -36.29 69.60 -1.55
N TYR A 283 -36.16 68.35 -1.97
CA TYR A 283 -36.11 67.22 -1.01
C TYR A 283 -34.65 66.92 -0.68
N LYS A 284 -34.31 67.17 0.58
CA LYS A 284 -32.92 67.16 1.01
C LYS A 284 -32.54 65.98 1.92
N TYR A 285 -33.55 65.31 2.48
CA TYR A 285 -33.37 64.19 3.39
C TYR A 285 -34.36 63.09 3.03
N LEU A 286 -34.10 61.89 3.54
CA LEU A 286 -34.96 60.77 3.25
C LEU A 286 -34.85 59.75 4.35
N VAL A 287 -36.00 59.20 4.72
CA VAL A 287 -36.10 58.11 5.67
C VAL A 287 -36.51 56.89 4.89
N ILE A 288 -35.80 55.78 5.11
CA ILE A 288 -36.21 54.50 4.57
C ILE A 288 -36.60 53.65 5.78
N TRP A 289 -37.78 53.06 5.72
CA TRP A 289 -38.33 52.26 6.80
C TRP A 289 -39.13 51.13 6.15
N ASN A 290 -38.76 49.88 6.44
CA ASN A 290 -39.43 48.75 5.77
C ASN A 290 -40.37 47.93 6.68
N ASP A 291 -40.74 48.47 7.85
CA ASP A 291 -41.68 47.83 8.76
C ASP A 291 -41.27 46.38 9.03
N MSE A 292 -40.01 46.19 9.42
CA MSE A 292 -39.37 44.89 9.71
C MSE A 292 -38.96 44.08 8.47
O MSE A 292 -38.21 43.13 8.61
CB MSE A 292 -40.23 44.02 10.64
CG MSE A 292 -40.67 44.68 11.93
SE MSE A 292 -39.21 45.49 12.93
CE MSE A 292 -38.39 43.88 13.69
N GLY A 293 -39.42 44.47 7.28
CA GLY A 293 -39.05 43.84 6.01
C GLY A 293 -39.81 42.55 5.68
N ASP A 294 -40.86 42.27 6.43
CA ASP A 294 -41.57 40.99 6.25
C ASP A 294 -43.02 41.20 5.81
N LYS A 295 -43.35 42.40 5.33
CA LYS A 295 -44.73 42.71 4.93
C LYS A 295 -44.91 43.09 3.45
N LYS A 296 -43.91 42.79 2.61
CA LYS A 296 -44.01 42.95 1.16
C LYS A 296 -44.16 44.42 0.74
N TYR A 297 -43.65 45.32 1.57
CA TYR A 297 -43.59 46.74 1.22
C TYR A 297 -42.44 47.43 1.93
N ALA A 298 -42.11 48.60 1.44
CA ALA A 298 -41.15 49.46 2.11
C ALA A 298 -41.56 50.90 1.87
N CYS A 299 -41.32 51.72 2.88
CA CYS A 299 -41.49 53.17 2.77
C CYS A 299 -40.18 53.90 2.46
N ILE A 300 -40.29 54.78 1.47
CA ILE A 300 -39.16 55.61 1.00
C ILE A 300 -39.66 57.03 1.08
N GLU A 301 -39.13 57.79 2.03
CA GLU A 301 -39.79 58.96 2.59
C GLU A 301 -38.95 60.24 2.40
N PRO A 302 -39.18 60.96 1.30
CA PRO A 302 -38.48 62.20 1.07
C PRO A 302 -38.93 63.27 2.03
N GLN A 303 -38.01 64.17 2.40
CA GLN A 303 -38.29 65.27 3.33
C GLN A 303 -37.52 66.50 2.91
N THR A 304 -38.10 67.68 3.12
CA THR A 304 -37.38 68.94 2.88
C THR A 304 -36.29 69.24 3.89
N SER A 305 -36.37 68.61 5.05
CA SER A 305 -35.46 68.90 6.12
C SER A 305 -35.23 67.64 6.95
N ILE A 306 -34.22 67.74 7.81
CA ILE A 306 -33.89 66.69 8.71
C ILE A 306 -35.03 66.47 9.71
N ILE A 307 -35.10 65.28 10.27
CA ILE A 307 -36.00 64.99 11.37
C ILE A 307 -35.74 66.03 12.47
N ASN A 308 -36.82 66.56 13.06
CA ASN A 308 -36.73 67.51 14.19
C ASN A 308 -36.02 68.82 13.79
N SER A 309 -36.08 69.20 12.51
CA SER A 309 -35.31 70.33 11.96
C SER A 309 -35.46 71.66 12.72
N PRO A 310 -36.66 71.99 13.24
CA PRO A 310 -36.74 73.25 13.97
C PRO A 310 -35.90 73.32 15.24
N ASN A 311 -35.47 72.17 15.77
CA ASN A 311 -34.74 72.12 17.03
C ASN A 311 -33.25 71.77 16.94
N VAL A 312 -32.73 71.42 15.76
CA VAL A 312 -31.35 70.93 15.67
C VAL A 312 -30.39 72.13 15.71
N LYS A 313 -29.17 71.87 16.18
CA LYS A 313 -28.14 72.92 16.31
C LYS A 313 -27.27 72.86 15.10
N LEU A 314 -27.90 73.12 13.97
CA LEU A 314 -27.28 73.16 12.67
C LEU A 314 -27.80 74.37 11.96
N ASP A 315 -27.02 74.90 11.02
CA ASP A 315 -27.54 75.99 10.22
CA ASP A 315 -27.50 75.98 10.16
C ASP A 315 -28.65 75.49 9.28
N ARG A 316 -29.51 76.40 8.88
CA ARG A 316 -30.63 76.09 8.01
C ARG A 316 -30.20 75.55 6.65
N SER A 317 -29.04 75.99 6.14
CA SER A 317 -28.54 75.46 4.89
C SER A 317 -28.28 73.97 5.01
N VAL A 318 -27.89 73.50 6.19
CA VAL A 318 -27.69 72.06 6.42
C VAL A 318 -29.01 71.33 6.82
N SER A 319 -29.74 71.89 7.77
CA SER A 319 -30.94 71.24 8.31
C SER A 319 -32.07 71.20 7.29
N GLY A 320 -32.17 72.23 6.45
CA GLY A 320 -33.26 72.38 5.50
C GLY A 320 -34.53 73.01 6.05
N PHE A 321 -34.52 73.38 7.35
CA PHE A 321 -35.65 74.05 7.94
C PHE A 321 -35.85 75.36 7.21
N LYS A 322 -37.10 75.68 6.91
CA LYS A 322 -37.47 76.86 6.15
C LYS A 322 -38.65 77.52 6.83
N THR A 323 -38.87 78.76 6.47
CA THR A 323 -40.11 79.42 6.85
C THR A 323 -40.66 80.09 5.61
N LEU A 324 -41.96 80.30 5.59
CA LEU A 324 -42.61 81.05 4.55
C LEU A 324 -43.10 82.40 5.08
N LYS A 325 -42.74 83.47 4.36
CA LYS A 325 -43.26 84.78 4.67
C LYS A 325 -44.74 84.81 4.23
N PRO A 326 -45.50 85.83 4.67
CA PRO A 326 -46.91 85.96 4.29
C PRO A 326 -47.10 85.94 2.78
N ASN A 327 -47.97 85.03 2.33
CA ASN A 327 -48.31 84.79 0.93
C ASN A 327 -47.20 84.19 0.10
N GLU A 328 -46.11 83.80 0.74
CA GLU A 328 -45.04 83.05 0.06
C GLU A 328 -45.44 81.58 -0.05
N SER A 329 -44.94 80.94 -1.11
CA SER A 329 -45.18 79.52 -1.29
C SER A 329 -43.91 78.70 -1.40
N TRP A 330 -44.07 77.41 -1.18
CA TRP A 330 -43.04 76.38 -1.40
C TRP A 330 -43.66 75.36 -2.36
N SER A 331 -42.86 74.84 -3.29
CA SER A 331 -43.30 73.76 -4.17
CA SER A 331 -43.31 73.75 -4.13
C SER A 331 -42.17 72.75 -4.39
N GLY A 332 -42.52 71.47 -4.45
CA GLY A 332 -41.56 70.43 -4.78
C GLY A 332 -42.21 69.47 -5.75
N VAL A 333 -41.39 68.81 -6.56
CA VAL A 333 -41.88 67.87 -7.55
C VAL A 333 -41.22 66.50 -7.40
N CYS A 334 -42.04 65.44 -7.48
CA CYS A 334 -41.54 64.06 -7.58
C CYS A 334 -42.19 63.39 -8.77
N LYS A 335 -41.51 62.38 -9.31
CA LYS A 335 -42.02 61.63 -10.43
C LYS A 335 -41.92 60.15 -10.10
N LEU A 336 -42.93 59.38 -10.51
CA LEU A 336 -42.90 57.94 -10.34
C LEU A 336 -43.17 57.33 -11.73
N TYR A 337 -42.31 56.41 -12.14
CA TYR A 337 -42.44 55.75 -13.45
C TYR A 337 -41.76 54.41 -13.44
N ILE A 338 -42.02 53.64 -14.48
CA ILE A 338 -41.47 52.30 -14.65
C ILE A 338 -40.59 52.32 -15.89
N GLU A 339 -39.47 51.62 -15.83
CA GLU A 339 -38.62 51.52 -17.04
C GLU A 339 -37.98 50.15 -17.13
N ASN A 340 -37.57 49.81 -18.35
CA ASN A 340 -36.85 48.56 -18.60
C ASN A 340 -35.44 48.69 -18.09
N MSE A 341 -34.86 47.61 -17.61
CA MSE A 341 -33.46 47.62 -17.21
C MSE A 341 -32.60 47.13 -18.36
O MSE A 341 -33.09 46.52 -19.32
OXT MSE A 341 -31.38 47.31 -18.35
CB MSE A 341 -33.25 46.72 -15.98
CG MSE A 341 -34.01 47.19 -14.77
SE MSE A 341 -33.87 46.06 -13.23
CE MSE A 341 -31.92 45.80 -13.16
N ASN B 4 -5.90 -35.76 -34.72
CA ASN B 4 -5.86 -37.26 -34.80
C ASN B 4 -6.80 -37.96 -33.79
N LYS B 5 -6.83 -39.30 -33.81
CA LYS B 5 -7.59 -40.10 -32.82
C LYS B 5 -7.09 -39.95 -31.36
N ASP B 6 -5.87 -39.45 -31.19
CA ASP B 6 -5.24 -39.37 -29.87
C ASP B 6 -5.25 -37.94 -29.29
N LEU B 7 -6.08 -37.07 -29.86
CA LEU B 7 -6.21 -35.70 -29.42
C LEU B 7 -7.62 -35.46 -28.94
N TRP B 8 -7.80 -35.26 -27.63
CA TRP B 8 -9.12 -35.06 -27.08
C TRP B 8 -9.08 -34.55 -25.65
N ILE B 9 -10.23 -34.05 -25.19
CA ILE B 9 -10.41 -33.64 -23.82
C ILE B 9 -11.76 -34.17 -23.37
N LYS B 10 -11.82 -34.79 -22.20
CA LYS B 10 -13.05 -35.39 -21.72
C LYS B 10 -13.26 -34.96 -20.27
N GLU B 11 -14.47 -34.48 -19.99
CA GLU B 11 -14.89 -34.19 -18.63
C GLU B 11 -15.75 -35.39 -18.21
N GLU B 12 -15.39 -35.97 -17.07
CA GLU B 12 -16.10 -37.14 -16.57
C GLU B 12 -16.18 -37.11 -15.03
N ILE B 13 -16.85 -38.09 -14.46
CA ILE B 13 -17.05 -38.14 -13.02
C ILE B 13 -16.11 -39.19 -12.41
N ILE B 14 -15.48 -38.84 -11.29
CA ILE B 14 -14.61 -39.74 -10.57
C ILE B 14 -14.98 -39.64 -9.09
N TRP B 15 -14.74 -40.72 -8.35
CA TRP B 15 -15.15 -40.76 -6.93
C TRP B 15 -16.61 -40.37 -6.76
N SER B 16 -17.43 -40.87 -7.69
CA SER B 16 -18.90 -40.77 -7.67
C SER B 16 -19.51 -39.42 -7.94
N GLU B 17 -18.86 -38.34 -7.51
CA GLU B 17 -19.47 -37.02 -7.62
C GLU B 17 -18.47 -35.91 -7.90
N HIS B 18 -17.27 -36.25 -8.32
CA HIS B 18 -16.31 -35.21 -8.60
C HIS B 18 -16.02 -35.16 -10.11
N LYS B 19 -15.94 -33.96 -10.65
CA LYS B 19 -15.66 -33.81 -12.06
C LYS B 19 -14.14 -33.85 -12.22
N CYS B 20 -13.67 -34.52 -13.24
CA CYS B 20 -12.24 -34.55 -13.57
CA CYS B 20 -12.27 -34.48 -13.55
C CYS B 20 -12.12 -34.30 -15.05
N ILE B 21 -10.93 -33.85 -15.46
CA ILE B 21 -10.66 -33.63 -16.88
C ILE B 21 -9.52 -34.57 -17.30
N ARG B 22 -9.80 -35.37 -18.32
CA ARG B 22 -8.82 -36.24 -18.92
C ARG B 22 -8.50 -35.62 -20.27
N PHE B 23 -7.22 -35.56 -20.60
CA PHE B 23 -6.80 -34.90 -21.82
C PHE B 23 -5.66 -35.64 -22.44
N ALA B 24 -5.62 -35.63 -23.78
CA ALA B 24 -4.72 -36.48 -24.55
C ALA B 24 -4.21 -35.69 -25.77
N ALA B 25 -2.92 -35.79 -26.03
CA ALA B 25 -2.33 -35.29 -27.25
C ALA B 25 -1.01 -35.95 -27.48
N GLY B 26 -0.67 -36.19 -28.74
CA GLY B 26 0.70 -36.59 -29.08
C GLY B 26 1.19 -37.92 -28.51
N GLY B 27 0.25 -38.80 -28.16
CA GLY B 27 0.54 -40.10 -27.55
C GLY B 27 0.55 -40.11 -26.03
N TYR B 28 0.49 -38.92 -25.42
CA TYR B 28 0.38 -38.79 -23.97
C TYR B 28 -1.09 -38.65 -23.55
N GLU B 29 -1.38 -39.04 -22.31
CA GLU B 29 -2.67 -38.83 -21.69
C GLU B 29 -2.49 -38.39 -20.21
N ALA B 30 -3.29 -37.43 -19.78
CA ALA B 30 -3.16 -36.90 -18.43
C ALA B 30 -4.54 -36.79 -17.79
N LEU B 31 -4.57 -36.75 -16.47
CA LEU B 31 -5.82 -36.61 -15.71
C LEU B 31 -5.60 -35.58 -14.61
N ILE B 32 -6.47 -34.60 -14.56
CA ILE B 32 -6.41 -33.52 -13.59
C ILE B 32 -7.69 -33.53 -12.76
N ILE B 33 -7.52 -33.24 -11.48
CA ILE B 33 -8.59 -33.27 -10.46
C ILE B 33 -8.76 -31.86 -9.91
N PRO B 34 -9.60 -31.06 -10.56
CA PRO B 34 -9.74 -29.68 -10.06
C PRO B 34 -10.17 -29.55 -8.60
N ASP B 35 -11.03 -30.43 -8.09
CA ASP B 35 -11.46 -30.33 -6.68
C ASP B 35 -10.38 -30.52 -5.62
N VAL B 36 -9.24 -31.10 -5.98
CA VAL B 36 -8.12 -31.28 -5.06
C VAL B 36 -6.86 -30.71 -5.68
N GLY B 37 -6.70 -29.40 -5.54
CA GLY B 37 -5.43 -28.79 -5.86
C GLY B 37 -5.16 -28.59 -7.31
N GLY B 38 -6.13 -28.85 -8.18
CA GLY B 38 -5.86 -28.87 -9.61
C GLY B 38 -4.72 -29.85 -9.88
N ASN B 39 -4.74 -30.97 -9.18
CA ASN B 39 -3.64 -31.94 -9.22
C ASN B 39 -3.74 -32.85 -10.45
N VAL B 40 -2.69 -32.80 -11.26
CA VAL B 40 -2.48 -33.75 -12.35
C VAL B 40 -1.93 -35.04 -11.76
N VAL B 41 -2.82 -36.02 -11.59
CA VAL B 41 -2.51 -37.25 -10.90
C VAL B 41 -2.05 -38.38 -11.80
N GLU B 42 -2.14 -38.17 -13.10
CA GLU B 42 -1.69 -39.16 -14.05
C GLU B 42 -1.13 -38.51 -15.33
N LEU B 43 0.02 -39.00 -15.77
CA LEU B 43 0.62 -38.60 -17.03
C LEU B 43 1.26 -39.84 -17.60
N LYS B 44 0.70 -40.33 -18.70
CA LYS B 44 1.23 -41.58 -19.28
C LYS B 44 1.37 -41.55 -20.77
N ASP B 45 2.16 -42.48 -21.28
CA ASP B 45 2.27 -42.73 -22.73
C ASP B 45 1.97 -44.20 -22.90
N THR B 46 0.72 -44.54 -23.23
CA THR B 46 0.32 -45.97 -23.19
C THR B 46 1.05 -46.80 -24.26
N ASN B 47 1.35 -46.23 -25.42
CA ASN B 47 2.12 -46.99 -26.44
C ASN B 47 3.55 -47.32 -26.01
N LYS B 48 4.16 -46.49 -25.15
CA LYS B 48 5.45 -46.83 -24.55
C LYS B 48 5.34 -47.61 -23.26
N GLY B 49 4.13 -47.70 -22.69
CA GLY B 49 3.94 -48.42 -21.44
C GLY B 49 4.53 -47.70 -20.23
N VAL B 50 4.61 -46.36 -20.30
CA VAL B 50 5.24 -45.55 -19.28
C VAL B 50 4.17 -44.72 -18.57
N THR B 51 4.18 -44.74 -17.23
CA THR B 51 3.30 -43.87 -16.43
C THR B 51 4.18 -43.12 -15.44
N ILE B 52 4.21 -41.79 -15.59
CA ILE B 52 5.24 -40.98 -14.97
C ILE B 52 4.92 -40.65 -13.51
N LEU B 53 3.69 -40.18 -13.30
CA LEU B 53 3.29 -39.63 -12.00
C LEU B 53 2.54 -40.66 -11.16
N ARG B 54 2.82 -40.66 -9.86
CA ARG B 54 2.16 -41.59 -8.95
C ARG B 54 0.70 -41.23 -8.83
N THR B 55 -0.17 -42.21 -9.10
CA THR B 55 -1.62 -42.01 -9.24
C THR B 55 -2.32 -42.78 -8.10
N PRO B 56 -3.35 -42.19 -7.48
CA PRO B 56 -4.11 -42.93 -6.48
C PRO B 56 -4.67 -44.24 -7.03
N LYS B 57 -4.59 -45.31 -6.24
CA LYS B 57 -5.13 -46.61 -6.66
C LYS B 57 -6.63 -46.54 -6.52
N LYS B 58 -7.33 -47.51 -7.13
CA LYS B 58 -8.78 -47.46 -7.23
C LYS B 58 -9.47 -47.61 -5.87
N ASP B 59 -8.77 -48.10 -4.87
CA ASP B 59 -9.34 -48.25 -3.53
C ASP B 59 -9.26 -46.97 -2.69
N LEU B 60 -8.47 -45.97 -3.11
CA LEU B 60 -8.27 -44.80 -2.26
C LEU B 60 -9.56 -43.98 -2.21
N LYS B 61 -10.00 -43.62 -1.01
CA LYS B 61 -11.21 -42.83 -0.88
C LYS B 61 -10.90 -41.39 -1.16
N PHE B 62 -11.89 -40.66 -1.67
CA PHE B 62 -11.72 -39.25 -1.98
C PHE B 62 -11.18 -38.46 -0.77
N GLU B 63 -11.78 -38.67 0.40
CA GLU B 63 -11.40 -37.96 1.65
CA GLU B 63 -11.37 -37.91 1.58
C GLU B 63 -9.92 -38.18 1.96
N ASP B 64 -9.44 -39.40 1.76
CA ASP B 64 -8.06 -39.74 2.08
C ASP B 64 -7.08 -39.14 1.11
N PHE B 65 -7.48 -39.03 -0.16
CA PHE B 65 -6.73 -38.24 -1.15
C PHE B 65 -6.73 -36.76 -0.79
N LYS B 66 -7.91 -36.18 -0.56
CA LYS B 66 -8.03 -34.77 -0.24
C LYS B 66 -7.20 -34.41 1.01
N ASN B 67 -7.15 -35.31 1.97
CA ASN B 67 -6.41 -35.06 3.22
C ASN B 67 -4.88 -35.20 3.11
N ARG B 68 -4.41 -35.85 2.04
CA ARG B 68 -2.97 -35.98 1.82
C ARG B 68 -2.68 -36.13 0.32
N PRO B 69 -2.89 -35.05 -0.46
CA PRO B 69 -2.71 -35.13 -1.90
C PRO B 69 -1.25 -35.00 -2.32
N GLN B 70 -0.39 -34.59 -1.38
CA GLN B 70 1.00 -34.25 -1.70
C GLN B 70 1.86 -35.45 -2.07
N VAL B 71 1.38 -36.67 -1.84
CA VAL B 71 2.12 -37.88 -2.19
C VAL B 71 1.65 -38.48 -3.54
N TYR B 72 0.87 -37.71 -4.30
CA TYR B 72 0.43 -38.09 -5.65
C TYR B 72 0.56 -36.94 -6.63
N GLY B 73 0.87 -37.28 -7.87
CA GLY B 73 0.72 -36.32 -8.95
C GLY B 73 1.62 -35.11 -8.83
N LEU B 74 1.04 -33.95 -9.11
CA LEU B 74 1.74 -32.65 -9.10
C LEU B 74 1.04 -31.70 -8.12
N PRO B 75 1.38 -31.79 -6.83
CA PRO B 75 0.77 -30.96 -5.79
C PRO B 75 1.46 -29.59 -5.68
N VAL B 76 0.73 -28.52 -5.93
CA VAL B 76 1.29 -27.20 -5.93
C VAL B 76 1.34 -26.65 -4.49
N LEU B 77 2.49 -26.08 -4.13
CA LEU B 77 2.80 -25.70 -2.76
C LEU B 77 3.01 -24.19 -2.65
N PHE B 78 2.44 -23.61 -1.58
CA PHE B 78 2.50 -22.17 -1.32
C PHE B 78 2.35 -22.00 0.16
N PRO B 79 3.47 -21.96 0.92
CA PRO B 79 4.87 -22.13 0.53
C PRO B 79 5.23 -23.59 0.45
N PRO B 80 6.24 -23.92 -0.36
CA PRO B 80 6.78 -25.27 -0.28
C PRO B 80 7.52 -25.47 1.02
N ASN B 81 7.25 -26.58 1.69
CA ASN B 81 8.01 -26.99 2.85
C ASN B 81 7.73 -26.07 4.02
N ARG B 82 8.68 -25.97 4.94
CA ARG B 82 8.41 -25.45 6.28
C ARG B 82 8.69 -23.97 6.51
N ILE B 83 7.85 -23.39 7.36
CA ILE B 83 8.08 -22.11 7.96
CA ILE B 83 8.09 -22.10 7.95
C ILE B 83 8.24 -22.30 9.47
N ASP B 84 9.40 -21.95 9.99
CA ASP B 84 9.75 -22.13 11.42
C ASP B 84 8.69 -21.51 12.32
N ASP B 85 8.10 -22.35 13.19
CA ASP B 85 7.09 -21.88 14.17
C ASP B 85 5.85 -21.26 13.54
N GLY B 86 5.65 -21.48 12.26
CA GLY B 86 4.54 -20.87 11.54
C GLY B 86 4.54 -19.36 11.48
N THR B 87 5.70 -18.75 11.60
CA THR B 87 5.74 -17.29 11.69
C THR B 87 6.97 -16.68 11.03
N PHE B 88 6.79 -15.49 10.49
CA PHE B 88 7.91 -14.71 9.96
C PHE B 88 7.49 -13.26 9.97
N LYS B 89 8.50 -12.40 9.82
CA LYS B 89 8.33 -10.96 9.80
CA LYS B 89 8.28 -10.97 9.77
C LYS B 89 8.74 -10.43 8.43
N LEU B 90 7.99 -9.47 7.91
CA LEU B 90 8.32 -8.80 6.66
C LEU B 90 8.22 -7.31 7.00
N GLY B 91 9.38 -6.71 7.26
CA GLY B 91 9.48 -5.38 7.85
C GLY B 91 8.85 -5.31 9.24
N ASP B 92 7.72 -4.62 9.30
CA ASP B 92 7.00 -4.37 10.55
CA ASP B 92 7.02 -4.39 10.56
C ASP B 92 5.83 -5.34 10.74
N LYS B 93 5.52 -6.11 9.69
CA LYS B 93 4.36 -6.98 9.70
C LYS B 93 4.78 -8.38 10.17
N THR B 94 3.98 -8.98 11.04
CA THR B 94 4.26 -10.34 11.48
C THR B 94 3.21 -11.22 10.91
N TYR B 95 3.64 -12.30 10.27
CA TYR B 95 2.73 -13.30 9.80
C TYR B 95 2.78 -14.47 10.80
N LYS B 96 1.61 -14.98 11.16
CA LYS B 96 1.47 -16.09 12.08
C LYS B 96 0.38 -17.06 11.65
N PHE B 97 0.79 -18.30 11.36
CA PHE B 97 -0.09 -19.32 10.80
C PHE B 97 -0.26 -20.46 11.82
N PRO B 98 -1.41 -21.14 11.80
CA PRO B 98 -1.55 -22.26 12.74
C PRO B 98 -0.58 -23.39 12.40
N ILE B 99 -0.11 -24.12 13.39
CA ILE B 99 0.90 -25.16 13.18
C ILE B 99 0.24 -26.42 12.59
N ASN B 100 0.70 -26.87 11.42
CA ASN B 100 0.18 -28.05 10.77
C ASN B 100 1.23 -29.16 10.63
N GLU B 101 2.40 -28.95 11.23
CA GLU B 101 3.43 -29.99 11.38
C GLU B 101 3.78 -30.00 12.86
N ALA B 102 3.19 -30.92 13.61
CA ALA B 102 3.16 -30.83 15.06
C ALA B 102 4.49 -31.12 15.72
N LYS B 103 5.17 -32.17 15.32
CA LYS B 103 6.36 -32.58 16.07
C LYS B 103 7.48 -31.56 15.95
N ASN B 104 7.61 -30.95 14.78
CA ASN B 104 8.67 -29.98 14.53
C ASN B 104 8.20 -28.54 14.67
N ASN B 105 6.91 -28.35 14.99
CA ASN B 105 6.30 -27.01 15.23
C ASN B 105 6.53 -26.04 14.08
N ASN B 106 6.07 -26.44 12.89
CA ASN B 106 6.16 -25.63 11.68
C ASN B 106 4.80 -25.50 11.00
N TYR B 107 4.70 -24.51 10.12
CA TYR B 107 3.69 -24.51 9.08
C TYR B 107 4.36 -25.10 7.84
N ILE B 108 3.67 -25.99 7.14
CA ILE B 108 4.26 -26.67 5.97
C ILE B 108 3.28 -26.70 4.80
N HIS B 109 3.82 -26.46 3.60
CA HIS B 109 3.18 -26.81 2.30
C HIS B 109 2.00 -25.97 1.81
N GLY B 110 1.26 -25.36 2.71
CA GLY B 110 0.12 -24.55 2.32
C GLY B 110 -1.17 -25.30 2.16
N PHE B 111 -2.20 -24.59 1.75
CA PHE B 111 -3.54 -25.16 1.67
C PHE B 111 -4.06 -25.23 0.24
N ILE B 112 -3.39 -24.59 -0.70
CA ILE B 112 -3.91 -24.63 -2.05
C ILE B 112 -3.94 -26.02 -2.64
N LYS B 113 -3.01 -26.87 -2.22
CA LYS B 113 -2.96 -28.27 -2.70
C LYS B 113 -4.20 -29.09 -2.31
N ASN B 114 -4.90 -28.62 -1.28
CA ASN B 114 -6.04 -29.33 -0.67
C ASN B 114 -7.37 -28.71 -1.11
N SER B 115 -7.33 -27.58 -1.80
CA SER B 115 -8.50 -26.74 -2.03
C SER B 115 -9.08 -26.97 -3.42
N LYS B 116 -10.32 -26.52 -3.61
CA LYS B 116 -10.99 -26.58 -4.91
C LYS B 116 -10.51 -25.50 -5.83
N TRP B 117 -10.11 -25.91 -7.02
CA TRP B 117 -9.76 -25.01 -8.08
C TRP B 117 -10.87 -25.05 -9.14
N THR B 118 -10.94 -24.02 -9.97
CA THR B 118 -11.96 -23.96 -11.00
CA THR B 118 -11.96 -23.87 -11.00
C THR B 118 -11.33 -24.10 -12.37
N VAL B 119 -12.04 -24.79 -13.25
CA VAL B 119 -11.55 -24.96 -14.63
C VAL B 119 -11.72 -23.66 -15.38
N HIS B 120 -10.61 -23.15 -15.90
CA HIS B 120 -10.55 -21.85 -16.55
C HIS B 120 -10.57 -21.92 -18.06
N LYS B 121 -9.91 -22.93 -18.63
CA LYS B 121 -9.82 -23.09 -20.06
CA LYS B 121 -9.82 -23.09 -20.06
C LYS B 121 -9.62 -24.56 -20.38
N LYS B 122 -10.22 -25.02 -21.48
CA LYS B 122 -10.05 -26.37 -21.99
C LYS B 122 -10.13 -26.21 -23.50
N LYS B 123 -9.07 -26.53 -24.20
CA LYS B 123 -9.02 -26.24 -25.64
C LYS B 123 -8.16 -27.26 -26.33
N ILE B 124 -8.64 -27.77 -27.47
CA ILE B 124 -7.80 -28.52 -28.41
CA ILE B 124 -7.73 -28.48 -28.35
C ILE B 124 -7.39 -27.58 -29.53
N ASP B 125 -6.10 -27.50 -29.83
CA ASP B 125 -5.65 -26.44 -30.73
C ASP B 125 -4.36 -26.84 -31.37
N GLN B 126 -4.36 -26.73 -32.69
CA GLN B 126 -3.39 -27.38 -33.51
C GLN B 126 -3.37 -28.79 -32.92
N ASP B 127 -2.20 -29.38 -32.65
CA ASP B 127 -2.13 -30.77 -32.17
C ASP B 127 -1.82 -30.85 -30.66
N LYS B 128 -2.35 -29.90 -29.89
CA LYS B 128 -2.07 -29.82 -28.46
C LYS B 128 -3.38 -29.76 -27.71
N ALA B 129 -3.35 -30.24 -26.47
CA ALA B 129 -4.49 -30.12 -25.56
C ALA B 129 -4.11 -29.21 -24.40
N LEU B 130 -4.93 -28.19 -24.16
CA LEU B 130 -4.66 -27.22 -23.12
C LEU B 130 -5.76 -27.28 -22.05
N VAL B 131 -5.35 -27.41 -20.78
CA VAL B 131 -6.30 -27.30 -19.65
C VAL B 131 -5.68 -26.35 -18.65
N GLU B 132 -6.47 -25.38 -18.19
CA GLU B 132 -6.01 -24.38 -17.22
C GLU B 132 -6.97 -24.38 -16.06
N VAL B 133 -6.42 -24.32 -14.85
CA VAL B 133 -7.23 -24.23 -13.62
C VAL B 133 -6.77 -23.00 -12.84
N VAL B 134 -7.70 -22.37 -12.12
CA VAL B 134 -7.36 -21.21 -11.30
C VAL B 134 -7.82 -21.38 -9.87
N PHE B 135 -7.10 -20.74 -8.96
CA PHE B 135 -7.54 -20.63 -7.58
C PHE B 135 -7.60 -19.15 -7.20
N ASP B 136 -8.78 -18.69 -6.80
CA ASP B 136 -9.05 -17.33 -6.37
C ASP B 136 -9.11 -17.28 -4.86
N PHE B 137 -8.16 -16.58 -4.26
CA PHE B 137 -8.09 -16.40 -2.83
C PHE B 137 -8.66 -15.03 -2.53
N THR B 138 -9.80 -15.02 -1.85
CA THR B 138 -10.53 -13.78 -1.64
C THR B 138 -10.61 -13.49 -0.14
N LYS B 139 -11.05 -12.26 0.16
CA LYS B 139 -11.29 -11.84 1.53
C LYS B 139 -12.31 -12.70 2.29
N GLU B 140 -13.11 -13.48 1.58
CA GLU B 140 -14.10 -14.34 2.21
CA GLU B 140 -14.11 -14.37 2.16
C GLU B 140 -13.51 -15.70 2.61
N ASN B 141 -12.30 -16.00 2.17
CA ASN B 141 -11.68 -17.28 2.53
C ASN B 141 -11.38 -17.34 4.02
N GLU B 142 -11.60 -18.51 4.64
CA GLU B 142 -11.31 -18.70 6.08
CA GLU B 142 -11.31 -18.66 6.07
C GLU B 142 -9.84 -18.45 6.42
N ALA B 143 -8.93 -18.60 5.45
CA ALA B 143 -7.50 -18.38 5.70
C ALA B 143 -7.07 -16.94 5.57
N TYR B 144 -7.94 -16.08 5.06
CA TYR B 144 -7.54 -14.68 4.77
C TYR B 144 -7.08 -13.96 6.03
N LYS B 145 -7.71 -14.26 7.18
CA LYS B 145 -7.30 -13.60 8.41
C LYS B 145 -5.83 -13.87 8.78
N TYR B 146 -5.29 -14.98 8.32
CA TYR B 146 -3.88 -15.31 8.57
C TYR B 146 -2.92 -14.79 7.49
N PHE B 147 -3.45 -14.50 6.32
CA PHE B 147 -2.63 -14.07 5.18
C PHE B 147 -3.47 -13.14 4.32
N SER B 148 -3.51 -11.87 4.71
CA SER B 148 -4.53 -10.96 4.22
C SER B 148 -4.09 -10.35 2.90
N HIS B 149 -3.87 -11.19 1.90
CA HIS B 149 -3.52 -10.72 0.54
C HIS B 149 -4.36 -11.50 -0.41
N GLU B 150 -5.30 -10.86 -1.11
CA GLU B 150 -5.99 -11.52 -2.21
C GLU B 150 -4.98 -11.87 -3.31
N PHE B 151 -5.19 -13.02 -3.94
CA PHE B 151 -4.36 -13.48 -5.03
C PHE B 151 -5.12 -14.44 -5.93
N GLN B 152 -4.57 -14.65 -7.14
CA GLN B 152 -5.02 -15.73 -8.02
C GLN B 152 -3.83 -16.56 -8.48
N PHE B 153 -3.95 -17.88 -8.31
CA PHE B 153 -3.02 -18.86 -8.83
C PHE B 153 -3.60 -19.43 -10.09
N LYS B 154 -2.73 -19.74 -11.04
CA LYS B 154 -3.15 -20.42 -12.27
CA LYS B 154 -3.16 -20.41 -12.27
C LYS B 154 -2.17 -21.50 -12.62
N LEU B 155 -2.70 -22.68 -12.96
CA LEU B 155 -1.89 -23.75 -13.52
C LEU B 155 -2.36 -23.94 -14.96
N SER B 156 -1.43 -23.75 -15.90
CA SER B 156 -1.74 -23.92 -17.31
C SER B 156 -0.96 -25.10 -17.87
N TYR B 157 -1.68 -26.17 -18.24
CA TYR B 157 -1.09 -27.40 -18.74
C TYR B 157 -1.32 -27.57 -20.25
N GLU B 158 -0.24 -27.82 -20.99
CA GLU B 158 -0.31 -28.06 -22.40
C GLU B 158 0.34 -29.41 -22.66
N LEU B 159 -0.43 -30.33 -23.23
CA LEU B 159 0.04 -31.65 -23.58
C LEU B 159 0.19 -31.68 -25.08
N SER B 160 1.28 -32.30 -25.52
CA SER B 160 1.60 -32.41 -26.93
C SER B 160 2.53 -33.61 -27.11
N SER B 161 2.96 -33.83 -28.35
CA SER B 161 4.00 -34.82 -28.59
C SER B 161 5.30 -34.54 -27.80
N LYS B 162 5.53 -33.29 -27.38
CA LYS B 162 6.68 -32.94 -26.54
C LYS B 162 6.50 -33.26 -25.04
N GLY B 163 5.38 -33.86 -24.67
CA GLY B 163 5.08 -34.11 -23.26
C GLY B 163 4.18 -33.06 -22.65
N LEU B 164 4.30 -32.90 -21.33
CA LEU B 164 3.42 -31.97 -20.60
C LEU B 164 4.24 -30.73 -20.24
N LYS B 165 3.68 -29.57 -20.54
CA LYS B 165 4.28 -28.29 -20.14
C LYS B 165 3.36 -27.64 -19.12
N GLN B 166 3.95 -27.24 -17.99
CA GLN B 166 3.20 -26.71 -16.87
C GLN B 166 3.67 -25.28 -16.68
N THR B 167 2.79 -24.31 -16.87
CA THR B 167 3.08 -22.92 -16.56
C THR B 167 2.30 -22.53 -15.32
N THR B 168 3.05 -22.24 -14.27
CA THR B 168 2.49 -21.87 -12.96
C THR B 168 2.62 -20.37 -12.78
N SER B 169 1.54 -19.71 -12.40
CA SER B 169 1.60 -18.27 -12.21
C SER B 169 0.74 -17.84 -11.03
N VAL B 170 1.15 -16.75 -10.40
CA VAL B 170 0.37 -16.17 -9.32
C VAL B 170 0.50 -14.65 -9.44
N VAL B 171 -0.61 -13.97 -9.15
CA VAL B 171 -0.63 -12.51 -9.18
C VAL B 171 -1.12 -12.03 -7.82
N ASN B 172 -0.42 -11.03 -7.32
CA ASN B 172 -0.81 -10.35 -6.06
C ASN B 172 -1.92 -9.33 -6.36
N LEU B 173 -3.12 -9.61 -5.87
CA LEU B 173 -4.30 -8.76 -6.09
C LEU B 173 -4.57 -7.87 -4.88
N SER B 174 -3.61 -7.80 -3.97
CA SER B 174 -3.77 -7.03 -2.73
C SER B 174 -3.11 -5.66 -2.89
N SER B 175 -3.30 -4.80 -1.88
CA SER B 175 -2.73 -3.43 -1.90
CA SER B 175 -2.76 -3.42 -1.84
C SER B 175 -1.38 -3.30 -1.20
N GLU B 176 -0.82 -4.44 -0.77
CA GLU B 176 0.45 -4.49 -0.08
C GLU B 176 1.38 -5.53 -0.72
N GLU B 177 2.67 -5.44 -0.41
CA GLU B 177 3.69 -6.40 -0.80
CA GLU B 177 3.64 -6.43 -0.90
C GLU B 177 3.31 -7.80 -0.30
N MSE B 178 3.33 -8.79 -1.15
CA MSE B 178 2.94 -10.16 -0.77
C MSE B 178 4.13 -11.12 -0.77
O MSE B 178 4.79 -11.26 -1.78
CB MSE B 178 1.88 -10.70 -1.72
CG MSE B 178 1.33 -12.05 -1.35
SE MSE B 178 0.18 -12.82 -2.72
CE MSE B 178 1.39 -13.83 -3.65
N PRO B 179 4.41 -11.76 0.37
CA PRO B 179 5.40 -12.83 0.44
C PRO B 179 5.12 -13.93 -0.59
N LEU B 180 6.17 -14.46 -1.20
CA LEU B 180 6.07 -15.41 -2.31
C LEU B 180 7.14 -16.47 -2.23
N SER B 181 6.70 -17.72 -2.13
CA SER B 181 7.56 -18.89 -2.28
C SER B 181 6.64 -19.98 -2.81
N VAL B 182 7.04 -20.59 -3.91
CA VAL B 182 6.21 -21.57 -4.62
C VAL B 182 7.00 -22.83 -4.90
N GLY B 183 6.32 -23.96 -4.92
CA GLY B 183 7.00 -25.21 -5.34
C GLY B 183 5.99 -26.30 -5.62
N TYR B 184 6.49 -27.50 -5.87
CA TYR B 184 5.67 -28.66 -6.12
C TYR B 184 6.21 -29.84 -5.35
N HIS B 185 5.30 -30.68 -4.87
CA HIS B 185 5.66 -31.90 -4.17
C HIS B 185 5.55 -33.12 -5.12
N SER B 186 6.07 -32.97 -6.32
CA SER B 186 5.83 -33.90 -7.41
C SER B 186 6.21 -35.35 -7.11
N ALA B 187 5.31 -36.27 -7.39
CA ALA B 187 5.44 -37.69 -6.98
C ALA B 187 5.55 -38.59 -8.22
N PHE B 188 6.72 -39.23 -8.34
CA PHE B 188 7.10 -40.00 -9.52
C PHE B 188 7.11 -41.50 -9.26
N ASN B 189 6.53 -42.24 -10.20
CA ASN B 189 6.63 -43.70 -10.16
C ASN B 189 8.07 -44.15 -10.33
N VAL B 190 8.50 -45.04 -9.45
CA VAL B 190 9.84 -45.65 -9.51
C VAL B 190 9.66 -47.14 -9.17
N PRO B 191 9.53 -48.02 -10.18
CA PRO B 191 9.68 -47.81 -11.62
C PRO B 191 8.46 -47.22 -12.30
N PHE B 192 8.67 -46.70 -13.49
CA PHE B 192 7.63 -46.06 -14.29
C PHE B 192 7.21 -46.87 -15.52
N ILE B 193 7.78 -48.05 -15.67
CA ILE B 193 7.49 -48.93 -16.78
C ILE B 193 7.34 -50.35 -16.20
N GLU B 194 6.48 -51.16 -16.83
CA GLU B 194 6.27 -52.55 -16.40
C GLU B 194 7.47 -53.36 -16.85
N GLY B 195 7.68 -54.48 -16.18
CA GLY B 195 8.77 -55.38 -16.53
C GLY B 195 10.08 -54.94 -15.93
N SER B 196 10.04 -53.98 -15.00
CA SER B 196 11.25 -53.46 -14.39
C SER B 196 11.17 -53.58 -12.85
N GLU B 197 12.08 -52.93 -12.16
CA GLU B 197 12.15 -52.98 -10.71
C GLU B 197 12.57 -51.59 -10.25
N ASP B 198 12.16 -51.23 -9.04
CA ASP B 198 12.60 -49.97 -8.45
C ASP B 198 14.13 -49.83 -8.43
N SER B 199 14.85 -50.93 -8.20
CA SER B 199 16.30 -50.92 -8.14
C SER B 199 16.98 -50.66 -9.48
N ASN B 200 16.23 -50.72 -10.58
CA ASN B 200 16.78 -50.40 -11.90
C ASN B 200 16.85 -48.88 -12.18
N CYS B 201 16.24 -48.07 -11.32
CA CYS B 201 16.13 -46.63 -11.58
C CYS B 201 17.24 -45.83 -10.90
N ARG B 202 17.76 -44.86 -11.61
CA ARG B 202 18.73 -43.91 -11.07
C ARG B 202 18.23 -42.50 -11.32
N VAL B 203 18.43 -41.62 -10.35
CA VAL B 203 17.95 -40.25 -10.40
C VAL B 203 19.10 -39.28 -10.50
N LYS B 204 19.07 -38.45 -11.52
CA LYS B 204 20.04 -37.36 -11.71
C LYS B 204 19.34 -36.04 -11.48
N ILE B 205 20.06 -35.12 -10.86
CA ILE B 205 19.55 -33.80 -10.58
C ILE B 205 20.66 -32.78 -10.78
N SER B 206 20.33 -31.62 -11.36
CA SER B 206 21.30 -30.56 -11.63
C SER B 206 21.58 -29.70 -10.39
N ILE B 207 22.15 -30.36 -9.38
CA ILE B 207 22.45 -29.75 -8.10
C ILE B 207 23.68 -28.85 -8.14
N ASP B 208 23.63 -27.85 -7.28
CA ASP B 208 24.74 -26.93 -7.05
C ASP B 208 25.34 -27.25 -5.70
N LYS B 209 24.66 -26.87 -4.63
CA LYS B 209 25.16 -27.20 -3.27
C LYS B 209 24.09 -27.92 -2.47
N PHE B 210 24.58 -28.60 -1.43
CA PHE B 210 23.75 -29.28 -0.42
C PHE B 210 23.56 -28.35 0.77
N TRP B 211 22.34 -28.28 1.29
CA TRP B 211 22.03 -27.39 2.43
C TRP B 211 21.63 -28.24 3.61
N LYS B 212 22.40 -28.12 4.68
CA LYS B 212 22.17 -28.89 5.90
C LYS B 212 20.89 -28.47 6.57
N GLN B 213 20.19 -29.46 7.12
CA GLN B 213 18.98 -29.24 7.89
C GLN B 213 19.20 -29.76 9.30
N ASP B 214 18.57 -29.10 10.25
CA ASP B 214 18.66 -29.45 11.67
C ASP B 214 17.62 -30.49 12.05
N SER B 215 17.48 -30.78 13.36
CA SER B 215 16.53 -31.82 13.77
C SER B 215 15.04 -31.48 13.57
N ARG B 216 14.73 -30.21 13.30
CA ARG B 216 13.34 -29.80 12.99
C ARG B 216 13.12 -29.67 11.48
N ASN B 217 14.10 -30.18 10.72
CA ASN B 217 14.11 -30.15 9.25
C ASN B 217 14.21 -28.73 8.67
N LEU B 218 14.77 -27.82 9.45
CA LEU B 218 14.92 -26.45 9.01
C LEU B 218 16.36 -26.23 8.61
N PRO B 219 16.59 -25.44 7.56
CA PRO B 219 17.97 -25.28 7.18
C PRO B 219 18.74 -24.49 8.23
N THR B 220 20.00 -24.84 8.40
CA THR B 220 20.91 -24.06 9.25
C THR B 220 21.49 -22.84 8.55
N GLY B 221 21.31 -22.72 7.24
CA GLY B 221 22.01 -21.71 6.44
C GLY B 221 23.37 -22.12 5.91
N GLU B 222 23.92 -23.24 6.37
CA GLU B 222 25.19 -23.74 5.88
C GLU B 222 24.99 -24.52 4.56
N SER B 223 25.91 -24.32 3.62
CA SER B 223 25.89 -25.04 2.36
C SER B 223 27.25 -25.63 2.07
N PHE B 224 27.25 -26.67 1.25
CA PHE B 224 28.40 -27.55 1.05
C PHE B 224 28.42 -28.08 -0.37
N ALA B 225 29.63 -28.21 -0.90
CA ALA B 225 29.82 -28.93 -2.13
C ALA B 225 29.28 -30.36 -1.94
N PRO B 226 28.64 -30.93 -2.97
CA PRO B 226 28.17 -32.30 -2.85
C PRO B 226 29.28 -33.27 -2.41
N THR B 227 28.94 -34.22 -1.56
CA THR B 227 29.90 -35.19 -1.07
CA THR B 227 29.91 -35.22 -1.12
C THR B 227 29.28 -36.59 -1.13
N GLY B 228 30.12 -37.61 -1.20
CA GLY B 228 29.66 -38.98 -1.23
C GLY B 228 28.63 -39.27 -2.31
N GLU B 229 27.54 -39.88 -1.89
CA GLU B 229 26.47 -40.28 -2.79
C GLU B 229 25.88 -39.09 -3.53
N GLN B 230 25.90 -37.91 -2.90
CA GLN B 230 25.32 -36.71 -3.52
C GLN B 230 26.00 -36.37 -4.85
N LYS B 231 27.29 -36.68 -4.96
CA LYS B 231 27.99 -36.44 -6.21
C LYS B 231 27.37 -37.22 -7.37
N GLU B 232 26.77 -38.36 -7.07
CA GLU B 232 26.17 -39.20 -8.12
C GLU B 232 25.00 -38.54 -8.85
N TYR B 233 24.34 -37.57 -8.23
CA TYR B 233 23.27 -36.82 -8.91
C TYR B 233 23.75 -36.16 -10.20
N LEU B 234 25.05 -35.87 -10.29
CA LEU B 234 25.65 -35.17 -11.43
C LEU B 234 26.39 -36.12 -12.36
N GLU B 235 26.50 -37.38 -11.96
CA GLU B 235 27.26 -38.39 -12.75
CA GLU B 235 27.28 -38.39 -12.71
C GLU B 235 26.35 -39.50 -13.25
N ASN B 236 26.36 -40.67 -12.60
CA ASN B 236 25.57 -41.81 -13.10
C ASN B 236 24.20 -41.98 -12.45
N GLY B 237 23.86 -41.08 -11.54
CA GLY B 237 22.58 -41.09 -10.89
C GLY B 237 22.58 -41.85 -9.57
N VAL B 238 21.70 -41.41 -8.67
CA VAL B 238 21.50 -42.04 -7.35
C VAL B 238 20.49 -43.18 -7.41
N ALA B 239 20.84 -44.29 -6.75
CA ALA B 239 19.95 -45.46 -6.67
C ALA B 239 18.87 -45.15 -5.62
N VAL B 240 17.82 -44.47 -6.07
CA VAL B 240 16.89 -43.84 -5.14
C VAL B 240 16.12 -44.83 -4.25
N ALA B 241 15.90 -46.05 -4.71
CA ALA B 241 15.13 -47.04 -3.96
C ALA B 241 15.94 -47.75 -2.84
N SER B 242 17.25 -47.55 -2.78
CA SER B 242 18.10 -48.39 -1.93
C SER B 242 18.11 -48.03 -0.44
N HIS B 243 17.75 -46.80 -0.10
CA HIS B 243 17.71 -46.36 1.28
C HIS B 243 16.93 -45.04 1.44
N PRO B 244 16.58 -44.66 2.67
CA PRO B 244 15.86 -43.39 2.82
C PRO B 244 16.65 -42.20 2.36
N ILE B 245 15.96 -41.30 1.66
CA ILE B 245 16.53 -40.02 1.18
C ILE B 245 15.59 -38.89 1.53
N GLU B 246 16.17 -37.84 2.10
CA GLU B 246 15.44 -36.58 2.33
C GLU B 246 16.50 -35.50 2.34
N SER B 247 16.65 -34.81 1.23
CA SER B 247 17.77 -33.87 1.05
C SER B 247 17.34 -32.57 0.37
N LEU B 248 17.99 -31.47 0.76
CA LEU B 248 17.76 -30.16 0.17
C LEU B 248 19.00 -29.69 -0.60
N PHE B 249 18.77 -29.29 -1.85
CA PHE B 249 19.81 -28.77 -2.73
C PHE B 249 19.45 -27.46 -3.37
N SER B 250 20.47 -26.65 -3.66
CA SER B 250 20.24 -25.57 -4.62
C SER B 250 20.44 -26.15 -6.03
N LEU B 251 19.86 -25.50 -7.02
CA LEU B 251 19.95 -25.90 -8.44
C LEU B 251 20.86 -25.00 -9.26
N LYS B 252 21.47 -25.60 -10.28
CA LYS B 252 22.19 -24.87 -11.32
C LYS B 252 21.85 -25.46 -12.67
N ASP B 253 22.23 -24.74 -13.72
CA ASP B 253 22.17 -25.29 -15.06
C ASP B 253 23.39 -26.18 -15.31
N ILE B 254 23.19 -27.20 -16.10
CA ILE B 254 24.25 -28.03 -16.61
C ILE B 254 24.12 -28.11 -18.11
N ASP B 255 25.15 -28.61 -18.79
CA ASP B 255 25.09 -28.77 -20.25
C ASP B 255 24.83 -30.22 -20.59
N VAL B 256 23.81 -30.44 -21.44
CA VAL B 256 23.46 -31.76 -21.96
C VAL B 256 23.23 -31.64 -23.49
N ASN B 257 24.04 -32.34 -24.27
CA ASN B 257 23.87 -32.34 -25.74
C ASN B 257 23.74 -30.96 -26.32
N GLY B 258 24.69 -30.10 -25.98
CA GLY B 258 24.80 -28.79 -26.57
C GLY B 258 23.84 -27.76 -26.09
N LYS B 259 23.01 -28.05 -25.09
CA LYS B 259 22.14 -27.02 -24.59
C LYS B 259 22.11 -27.08 -23.06
N THR B 260 21.73 -25.98 -22.45
CA THR B 260 21.65 -25.97 -20.99
C THR B 260 20.39 -26.72 -20.58
N PHE B 261 20.48 -27.31 -19.39
CA PHE B 261 19.38 -28.06 -18.81
C PHE B 261 19.39 -27.77 -17.32
N ARG B 262 18.20 -27.55 -16.75
CA ARG B 262 18.03 -27.54 -15.30
C ARG B 262 16.90 -28.52 -14.97
N GLY B 263 17.11 -29.33 -13.94
CA GLY B 263 16.08 -30.28 -13.52
C GLY B 263 16.62 -31.62 -13.12
N ALA B 264 15.80 -32.63 -13.31
CA ALA B 264 16.00 -34.00 -12.88
C ALA B 264 15.60 -34.98 -14.01
N CYS B 265 16.16 -36.19 -13.93
CA CYS B 265 15.67 -37.28 -14.74
CA CYS B 265 15.81 -37.31 -14.79
C CYS B 265 15.74 -38.57 -13.95
N ILE B 266 14.88 -39.51 -14.33
CA ILE B 266 14.86 -40.86 -13.76
C ILE B 266 15.18 -41.76 -14.96
N GLU B 267 16.33 -42.43 -14.89
CA GLU B 267 16.81 -43.29 -15.93
C GLU B 267 16.54 -44.74 -15.54
N ASP B 268 15.97 -45.49 -16.47
CA ASP B 268 15.86 -46.93 -16.33
C ASP B 268 16.63 -47.54 -17.52
N ALA B 269 17.93 -47.73 -17.34
CA ALA B 269 18.78 -48.28 -18.41
C ALA B 269 18.30 -49.66 -18.89
N SER B 270 17.78 -50.48 -17.97
CA SER B 270 17.28 -51.83 -18.30
C SER B 270 16.20 -51.77 -19.37
N LYS B 271 15.46 -50.67 -19.43
CA LYS B 271 14.42 -50.45 -20.43
C LYS B 271 14.74 -49.32 -21.39
N ASN B 272 15.99 -48.84 -21.41
CA ASN B 272 16.45 -47.78 -22.30
C ASN B 272 15.55 -46.56 -22.35
N THR B 273 14.97 -46.20 -21.20
CA THR B 273 14.02 -45.10 -21.12
C THR B 273 14.38 -44.15 -19.97
N ARG B 274 14.22 -42.86 -20.22
CA ARG B 274 14.44 -41.79 -19.25
C ARG B 274 13.19 -40.91 -19.17
N VAL B 275 12.75 -40.64 -17.93
CA VAL B 275 11.72 -39.63 -17.66
C VAL B 275 12.45 -38.35 -17.27
N VAL B 276 12.09 -37.23 -17.91
CA VAL B 276 12.78 -35.96 -17.72
C VAL B 276 11.81 -34.95 -17.09
N TYR B 277 12.29 -34.27 -16.06
CA TYR B 277 11.56 -33.22 -15.39
C TYR B 277 12.38 -31.95 -15.47
N GLU B 278 12.13 -31.15 -16.50
CA GLU B 278 12.88 -29.94 -16.77
C GLU B 278 12.23 -28.75 -16.07
N MSE B 279 13.06 -27.91 -15.46
CA MSE B 279 12.58 -26.79 -14.63
C MSE B 279 13.15 -25.46 -15.08
O MSE B 279 14.35 -25.38 -15.38
CB MSE B 279 13.02 -27.01 -13.20
CG MSE B 279 12.52 -28.25 -12.57
SE MSE B 279 13.60 -28.78 -11.04
CE MSE B 279 13.01 -30.62 -11.00
N SER B 280 12.33 -24.40 -15.10
CA SER B 280 12.83 -23.09 -15.50
C SER B 280 13.69 -22.51 -14.38
N SER B 281 14.42 -21.45 -14.73
CA SER B 281 15.39 -20.80 -13.83
CA SER B 281 15.41 -20.88 -13.79
C SER B 281 14.73 -20.19 -12.59
N GLU B 282 13.41 -20.02 -12.62
CA GLU B 282 12.66 -19.54 -11.45
C GLU B 282 12.78 -20.51 -10.27
N TYR B 283 13.05 -21.76 -10.57
CA TYR B 283 13.17 -22.80 -9.54
C TYR B 283 14.63 -22.89 -9.16
N LYS B 284 14.90 -22.54 -7.92
CA LYS B 284 16.26 -22.32 -7.44
C LYS B 284 16.73 -23.36 -6.43
N TYR B 285 15.79 -24.11 -5.86
CA TYR B 285 16.10 -25.15 -4.88
C TYR B 285 15.24 -26.39 -5.17
N LEU B 286 15.62 -27.50 -4.56
CA LEU B 286 14.93 -28.76 -4.76
C LEU B 286 15.08 -29.64 -3.56
N VAL B 287 13.96 -30.28 -3.19
CA VAL B 287 13.96 -31.30 -2.16
C VAL B 287 13.68 -32.64 -2.82
N ILE B 288 14.49 -33.64 -2.49
CA ILE B 288 14.23 -35.03 -2.90
C ILE B 288 13.87 -35.81 -1.64
N TRP B 289 12.73 -36.49 -1.66
CA TRP B 289 12.23 -37.25 -0.52
C TRP B 289 11.62 -38.50 -1.12
N ASN B 290 12.12 -39.66 -0.70
CA ASN B 290 11.60 -40.93 -1.24
C ASN B 290 10.74 -41.76 -0.29
N ASP B 291 10.27 -41.16 0.81
CA ASP B 291 9.35 -41.84 1.75
C ASP B 291 9.94 -43.20 2.13
N MSE B 292 11.22 -43.19 2.51
CA MSE B 292 12.01 -44.37 2.92
C MSE B 292 12.52 -45.25 1.79
O MSE B 292 13.32 -46.17 2.03
CB MSE B 292 11.23 -45.26 3.94
CG MSE B 292 10.66 -44.55 5.12
SE MSE B 292 11.97 -43.56 6.18
CE MSE B 292 12.60 -45.12 7.18
N GLY B 293 12.07 -45.02 0.56
CA GLY B 293 12.54 -45.73 -0.60
C GLY B 293 11.90 -47.07 -0.87
N ASP B 294 10.88 -47.42 -0.12
CA ASP B 294 10.30 -48.77 -0.21
C ASP B 294 8.84 -48.77 -0.70
N LYS B 295 8.38 -47.66 -1.22
CA LYS B 295 6.98 -47.58 -1.66
C LYS B 295 6.80 -47.37 -3.16
N LYS B 296 7.86 -47.62 -3.94
CA LYS B 296 7.85 -47.57 -5.40
CA LYS B 296 7.78 -47.59 -5.40
C LYS B 296 7.52 -46.17 -5.95
N TYR B 297 7.90 -45.17 -5.19
CA TYR B 297 7.80 -43.79 -5.71
C TYR B 297 8.86 -42.92 -5.04
N ALA B 298 9.10 -41.75 -5.63
CA ALA B 298 9.93 -40.73 -5.05
C ALA B 298 9.41 -39.35 -5.37
N CYS B 299 9.56 -38.43 -4.43
CA CYS B 299 9.22 -37.03 -4.70
C CYS B 299 10.44 -36.19 -5.03
N ILE B 300 10.30 -35.41 -6.11
CA ILE B 300 11.32 -34.51 -6.60
C ILE B 300 10.61 -33.17 -6.69
N GLU B 301 11.02 -32.27 -5.80
CA GLU B 301 10.21 -31.14 -5.34
C GLU B 301 10.92 -29.83 -5.63
N PRO B 302 10.68 -29.23 -6.81
CA PRO B 302 11.29 -27.95 -7.10
C PRO B 302 10.68 -26.82 -6.23
N GLN B 303 11.49 -25.81 -5.92
CA GLN B 303 11.08 -24.67 -5.10
C GLN B 303 11.72 -23.39 -5.58
N THR B 304 11.00 -22.27 -5.44
CA THR B 304 11.56 -20.96 -5.81
C THR B 304 12.58 -20.46 -4.80
N SER B 305 12.59 -21.04 -3.61
CA SER B 305 13.42 -20.57 -2.54
C SER B 305 13.75 -21.70 -1.57
N ILE B 306 14.71 -21.42 -0.71
CA ILE B 306 15.14 -22.40 0.29
C ILE B 306 13.99 -22.66 1.26
N ILE B 307 14.00 -23.80 1.91
CA ILE B 307 13.09 -24.08 3.03
C ILE B 307 13.18 -22.92 4.02
N ASN B 308 12.03 -22.44 4.52
CA ASN B 308 12.01 -21.41 5.54
C ASN B 308 12.66 -20.10 5.08
N SER B 309 12.59 -19.83 3.77
CA SER B 309 13.17 -18.64 3.18
C SER B 309 12.80 -17.29 3.80
N PRO B 310 11.57 -17.08 4.30
CA PRO B 310 11.32 -15.78 4.90
C PRO B 310 12.08 -15.49 6.19
N ASN B 311 12.59 -16.52 6.83
CA ASN B 311 13.30 -16.38 8.11
C ASN B 311 14.80 -16.57 8.03
N VAL B 312 15.30 -17.27 7.00
CA VAL B 312 16.74 -17.57 6.95
CA VAL B 312 16.72 -17.59 6.95
C VAL B 312 17.61 -16.32 6.93
N LYS B 313 18.78 -16.39 7.56
CA LYS B 313 19.68 -15.20 7.60
C LYS B 313 20.59 -15.22 6.41
N LEU B 314 20.00 -14.97 5.25
CA LEU B 314 20.67 -14.94 3.98
C LEU B 314 20.03 -13.80 3.18
N ASP B 315 20.75 -13.21 2.25
CA ASP B 315 20.11 -12.19 1.39
C ASP B 315 19.20 -12.89 0.42
N ARG B 316 18.32 -12.14 -0.25
CA ARG B 316 17.31 -12.75 -1.11
C ARG B 316 17.89 -13.36 -2.37
N SER B 317 19.03 -12.85 -2.83
CA SER B 317 19.68 -13.41 -3.99
C SER B 317 20.14 -14.82 -3.73
N VAL B 318 20.44 -15.16 -2.47
CA VAL B 318 20.71 -16.56 -2.09
C VAL B 318 19.49 -17.36 -1.65
N SER B 319 18.67 -16.81 -0.77
CA SER B 319 17.53 -17.54 -0.23
C SER B 319 16.47 -17.82 -1.28
N GLY B 320 16.38 -16.92 -2.26
CA GLY B 320 15.28 -16.89 -3.22
C GLY B 320 13.94 -16.36 -2.75
N PHE B 321 13.85 -15.90 -1.49
CA PHE B 321 12.62 -15.31 -1.00
C PHE B 321 12.30 -14.09 -1.87
N LYS B 322 11.02 -13.94 -2.20
CA LYS B 322 10.53 -12.84 -3.00
C LYS B 322 9.29 -12.24 -2.36
N THR B 323 9.02 -11.00 -2.73
CA THR B 323 7.74 -10.39 -2.44
C THR B 323 7.22 -9.83 -3.78
N LEU B 324 5.92 -9.93 -3.99
CA LEU B 324 5.26 -9.35 -5.15
C LEU B 324 4.64 -8.02 -4.76
N LYS B 325 4.96 -6.98 -5.51
CA LYS B 325 4.27 -5.68 -5.33
C LYS B 325 2.82 -5.80 -5.84
N PRO B 326 1.95 -4.83 -5.48
CA PRO B 326 0.56 -4.94 -5.90
C PRO B 326 0.44 -5.10 -7.42
N ASN B 327 -0.36 -6.08 -7.82
CA ASN B 327 -0.58 -6.49 -9.19
C ASN B 327 0.62 -7.06 -9.95
N GLU B 328 1.72 -7.34 -9.27
CA GLU B 328 2.86 -8.02 -9.88
C GLU B 328 2.59 -9.53 -9.93
N SER B 329 3.18 -10.20 -10.90
CA SER B 329 2.99 -11.67 -11.05
C SER B 329 4.35 -12.36 -11.03
N TRP B 330 4.31 -13.65 -10.74
CA TRP B 330 5.42 -14.54 -10.87
C TRP B 330 4.97 -15.67 -11.77
N SER B 331 5.87 -16.21 -12.59
CA SER B 331 5.53 -17.37 -13.40
CA SER B 331 5.53 -17.40 -13.38
C SER B 331 6.75 -18.30 -13.54
N GLY B 332 6.50 -19.61 -13.52
CA GLY B 332 7.58 -20.59 -13.74
C GLY B 332 7.09 -21.70 -14.64
N VAL B 333 8.00 -22.34 -15.38
CA VAL B 333 7.62 -23.37 -16.32
C VAL B 333 8.36 -24.66 -16.00
N CYS B 334 7.65 -25.79 -16.02
CA CYS B 334 8.26 -27.11 -15.96
C CYS B 334 7.75 -27.95 -17.11
N LYS B 335 8.54 -28.93 -17.48
CA LYS B 335 8.20 -29.87 -18.57
C LYS B 335 8.45 -31.27 -18.09
N LEU B 336 7.51 -32.17 -18.40
CA LEU B 336 7.70 -33.59 -18.22
C LEU B 336 7.54 -34.34 -19.53
N TYR B 337 8.51 -35.19 -19.81
CA TYR B 337 8.52 -35.99 -21.01
C TYR B 337 9.39 -37.24 -20.87
N ILE B 338 9.23 -38.12 -21.83
CA ILE B 338 9.88 -39.41 -21.87
C ILE B 338 10.82 -39.39 -23.07
N GLU B 339 12.02 -39.91 -22.90
CA GLU B 339 12.90 -40.06 -24.06
C GLU B 339 13.69 -41.36 -24.03
N ASN B 340 14.15 -41.74 -25.21
CA ASN B 340 14.98 -42.92 -25.34
C ASN B 340 16.37 -42.59 -24.83
N MSE B 341 17.00 -43.54 -24.18
CA MSE B 341 18.37 -43.31 -23.76
C MSE B 341 19.27 -43.66 -24.93
O MSE B 341 18.87 -44.36 -25.86
OXT MSE B 341 20.41 -43.21 -24.97
CB MSE B 341 18.71 -44.10 -22.49
CG MSE B 341 17.96 -43.56 -21.31
SE MSE B 341 18.16 -44.57 -19.71
CE MSE B 341 20.12 -44.47 -19.57
N ASN C 4 60.55 -65.86 38.38
CA ASN C 4 60.72 -67.28 37.89
C ASN C 4 61.75 -67.36 36.75
N LYS C 5 61.92 -68.57 36.17
CA LYS C 5 62.81 -68.78 35.00
C LYS C 5 62.31 -68.16 33.68
N ASP C 6 61.07 -67.70 33.68
CA ASP C 6 60.48 -67.13 32.48
C ASP C 6 60.43 -65.59 32.54
N LEU C 7 61.18 -65.00 33.46
CA LEU C 7 61.29 -63.54 33.59
C LEU C 7 62.72 -63.11 33.23
N TRP C 8 62.88 -62.44 32.09
CA TRP C 8 64.19 -62.04 31.61
C TRP C 8 64.11 -61.01 30.49
N ILE C 9 65.23 -60.33 30.30
CA ILE C 9 65.42 -59.41 29.19
C ILE C 9 66.77 -59.71 28.56
N LYS C 10 66.80 -59.98 27.25
CA LYS C 10 68.03 -60.33 26.54
C LYS C 10 68.23 -59.37 25.37
N GLU C 11 69.39 -58.75 25.34
CA GLU C 11 69.77 -57.91 24.19
CA GLU C 11 69.81 -57.89 24.23
C GLU C 11 70.71 -58.71 23.32
N GLU C 12 70.43 -58.73 22.01
CA GLU C 12 71.16 -59.59 21.11
C GLU C 12 71.18 -58.97 19.73
N ILE C 13 71.86 -59.62 18.79
CA ILE C 13 72.05 -59.09 17.45
C ILE C 13 71.08 -59.78 16.54
N ILE C 14 70.50 -59.02 15.64
CA ILE C 14 69.62 -59.57 14.64
C ILE C 14 69.99 -58.90 13.32
N TRP C 15 69.75 -59.57 12.20
CA TRP C 15 70.07 -59.00 10.88
C TRP C 15 71.54 -58.55 10.81
N SER C 16 72.39 -59.35 11.44
CA SER C 16 73.85 -59.24 11.42
C SER C 16 74.43 -58.07 12.17
N GLU C 17 73.80 -56.90 12.09
CA GLU C 17 74.37 -55.69 12.68
C GLU C 17 73.38 -54.84 13.49
N HIS C 18 72.22 -55.38 13.84
CA HIS C 18 71.23 -54.61 14.60
C HIS C 18 70.95 -55.20 15.96
N LYS C 19 70.65 -54.33 16.90
CA LYS C 19 70.40 -54.79 18.25
C LYS C 19 68.89 -54.99 18.36
N CYS C 20 68.47 -56.05 19.03
CA CYS C 20 67.08 -56.21 19.35
C CYS C 20 67.01 -56.56 20.83
N ILE C 21 65.83 -56.40 21.41
CA ILE C 21 65.61 -56.75 22.81
C ILE C 21 64.48 -57.78 22.85
N ARG C 22 64.80 -58.94 23.40
CA ARG C 22 63.83 -59.98 23.66
CA ARG C 22 63.80 -59.96 23.67
C ARG C 22 63.49 -59.89 25.15
N PHE C 23 62.20 -59.87 25.47
CA PHE C 23 61.80 -59.79 26.85
C PHE C 23 60.65 -60.74 27.18
N ALA C 24 60.66 -61.23 28.41
CA ALA C 24 59.77 -62.34 28.81
C ALA C 24 59.27 -62.12 30.24
N ALA C 25 57.99 -62.40 30.46
CA ALA C 25 57.42 -62.43 31.80
C ALA C 25 56.11 -63.18 31.73
N GLY C 26 55.81 -63.93 32.78
CA GLY C 26 54.50 -64.54 32.93
C GLY C 26 54.08 -65.51 31.84
N GLY C 27 55.03 -66.13 31.17
CA GLY C 27 54.76 -67.08 30.09
C GLY C 27 54.80 -66.47 28.69
N TYR C 28 54.78 -65.13 28.63
CA TYR C 28 54.88 -64.40 27.37
C TYR C 28 56.34 -64.06 27.03
N GLU C 29 56.59 -63.93 25.73
CA GLU C 29 57.87 -63.48 25.23
C GLU C 29 57.65 -62.53 24.03
N ALA C 30 58.38 -61.43 24.01
CA ALA C 30 58.22 -60.40 22.99
C ALA C 30 59.57 -60.06 22.42
N LEU C 31 59.56 -59.43 21.26
CA LEU C 31 60.82 -59.02 20.58
C LEU C 31 60.57 -57.65 19.99
N ILE C 32 61.41 -56.68 20.34
CA ILE C 32 61.31 -55.31 19.82
C ILE C 32 62.56 -54.96 19.03
N ILE C 33 62.36 -54.18 17.98
CA ILE C 33 63.44 -53.74 17.10
C ILE C 33 63.55 -52.21 17.15
N PRO C 34 64.41 -51.69 18.04
CA PRO C 34 64.50 -50.21 18.20
C PRO C 34 64.87 -49.43 16.97
N ASP C 35 65.74 -50.00 16.13
CA ASP C 35 66.18 -49.37 14.88
C ASP C 35 65.10 -49.19 13.82
N VAL C 36 64.00 -49.95 13.92
CA VAL C 36 62.89 -49.79 12.98
C VAL C 36 61.60 -49.52 13.77
N GLY C 37 61.38 -48.26 14.07
CA GLY C 37 60.16 -47.78 14.69
C GLY C 37 59.85 -48.23 16.11
N GLY C 38 60.83 -48.79 16.81
CA GLY C 38 60.55 -49.48 18.10
C GLY C 38 59.45 -50.52 18.00
N ASN C 39 59.48 -51.26 16.88
CA ASN C 39 58.43 -52.16 16.51
C ASN C 39 58.56 -53.47 17.28
N VAL C 40 57.54 -53.78 18.10
CA VAL C 40 57.42 -55.10 18.73
C VAL C 40 56.88 -56.05 17.67
N VAL C 41 57.76 -56.88 17.12
CA VAL C 41 57.44 -57.73 15.97
C VAL C 41 57.01 -59.14 16.36
N GLU C 42 57.09 -59.48 17.64
CA GLU C 42 56.69 -60.80 18.10
C GLU C 42 56.16 -60.70 19.52
N LEU C 43 55.07 -61.43 19.77
CA LEU C 43 54.51 -61.57 21.11
C LEU C 43 53.88 -62.93 21.14
N LYS C 44 54.47 -63.81 21.94
CA LYS C 44 54.03 -65.19 21.97
C LYS C 44 53.95 -65.76 23.36
N ASP C 45 53.19 -66.84 23.47
CA ASP C 45 53.15 -67.68 24.68
C ASP C 45 53.48 -69.11 24.24
N THR C 46 54.74 -69.51 24.41
CA THR C 46 55.23 -70.76 23.80
C THR C 46 54.55 -71.99 24.39
N ASN C 47 54.22 -71.96 25.68
CA ASN C 47 53.53 -73.10 26.30
C ASN C 47 52.11 -73.28 25.75
N LYS C 48 51.43 -72.19 25.44
CA LYS C 48 50.11 -72.26 24.80
C LYS C 48 50.17 -72.49 23.29
N GLY C 49 51.35 -72.36 22.71
CA GLY C 49 51.52 -72.47 21.26
C GLY C 49 50.90 -71.33 20.47
N VAL C 50 50.81 -70.15 21.09
CA VAL C 50 50.15 -69.01 20.49
C VAL C 50 51.20 -67.96 20.09
N THR C 51 51.10 -67.41 18.89
CA THR C 51 51.93 -66.27 18.47
C THR C 51 50.98 -65.22 17.85
N ILE C 52 50.94 -64.06 18.50
CA ILE C 52 49.89 -63.06 18.26
C ILE C 52 50.22 -62.18 17.07
N LEU C 53 51.42 -61.63 17.07
CA LEU C 53 51.80 -60.60 16.09
C LEU C 53 52.57 -61.18 14.92
N ARG C 54 52.27 -60.66 13.73
CA ARG C 54 52.93 -61.13 12.53
C ARG C 54 54.39 -60.66 12.56
N THR C 55 55.29 -61.62 12.40
CA THR C 55 56.72 -61.45 12.59
C THR C 55 57.41 -61.70 11.26
N PRO C 56 58.44 -60.91 10.92
CA PRO C 56 59.16 -61.20 9.68
C PRO C 56 59.74 -62.62 9.62
N LYS C 57 59.61 -63.28 8.48
CA LYS C 57 60.22 -64.61 8.30
C LYS C 57 61.74 -64.47 8.23
N LYS C 58 62.42 -65.59 8.48
CA LYS C 58 63.89 -65.61 8.54
CA LYS C 58 63.88 -65.64 8.53
C LYS C 58 64.54 -65.08 7.26
N ASP C 59 63.86 -65.22 6.12
CA ASP C 59 64.41 -64.78 4.84
C ASP C 59 64.18 -63.31 4.52
N LEU C 60 63.39 -62.60 5.33
CA LEU C 60 63.19 -61.18 5.07
C LEU C 60 64.46 -60.39 5.38
N LYS C 61 64.92 -59.63 4.40
CA LYS C 61 66.09 -58.78 4.54
C LYS C 61 65.77 -57.55 5.35
N PHE C 62 66.77 -57.02 6.05
CA PHE C 62 66.57 -55.84 6.90
C PHE C 62 65.99 -54.64 6.15
N GLU C 63 66.55 -54.31 4.99
CA GLU C 63 66.01 -53.20 4.18
C GLU C 63 64.55 -53.37 3.77
N ASP C 64 64.15 -54.60 3.46
CA ASP C 64 62.78 -54.87 3.05
C ASP C 64 61.85 -54.76 4.26
N PHE C 65 62.32 -55.12 5.44
CA PHE C 65 61.56 -54.80 6.66
C PHE C 65 61.47 -53.27 6.88
N LYS C 66 62.61 -52.59 6.91
CA LYS C 66 62.69 -51.14 7.18
C LYS C 66 61.89 -50.27 6.17
N ASN C 67 61.75 -50.76 4.94
CA ASN C 67 60.99 -50.03 3.90
C ASN C 67 59.48 -50.20 4.00
N ARG C 68 59.03 -51.26 4.68
CA ARG C 68 57.59 -51.53 4.83
C ARG C 68 57.34 -52.29 6.14
N PRO C 69 57.63 -51.64 7.29
CA PRO C 69 57.45 -52.29 8.59
C PRO C 69 55.99 -52.31 9.04
N GLN C 70 55.14 -51.54 8.37
CA GLN C 70 53.72 -51.43 8.79
C GLN C 70 52.88 -52.71 8.60
N VAL C 71 53.43 -53.73 7.93
CA VAL C 71 52.73 -54.99 7.79
C VAL C 71 53.24 -56.05 8.80
N TYR C 72 54.01 -55.63 9.81
CA TYR C 72 54.48 -56.52 10.86
C TYR C 72 54.33 -55.87 12.25
N GLY C 73 54.03 -56.68 13.24
CA GLY C 73 54.17 -56.24 14.63
C GLY C 73 53.24 -55.08 14.96
N LEU C 74 53.80 -54.09 15.66
CA LEU C 74 53.08 -52.95 16.18
C LEU C 74 53.70 -51.65 15.67
N PRO C 75 53.35 -51.24 14.44
CA PRO C 75 53.98 -50.08 13.84
C PRO C 75 53.25 -48.80 14.30
N VAL C 76 53.97 -47.86 14.90
CA VAL C 76 53.31 -46.60 15.41
C VAL C 76 53.19 -45.56 14.29
N LEU C 77 52.02 -44.95 14.17
CA LEU C 77 51.69 -44.08 13.04
C LEU C 77 51.43 -42.66 13.55
N PHE C 78 52.03 -41.69 12.86
CA PHE C 78 51.87 -40.26 13.20
C PHE C 78 51.99 -39.48 11.91
N PRO C 79 50.87 -39.21 11.23
CA PRO C 79 49.52 -39.56 11.55
C PRO C 79 49.20 -40.96 11.03
N PRO C 80 48.18 -41.61 11.61
CA PRO C 80 47.67 -42.83 10.98
C PRO C 80 46.95 -42.51 9.69
N ASN C 81 47.23 -43.30 8.67
CA ASN C 81 46.51 -43.25 7.44
C ASN C 81 46.70 -41.91 6.73
N ARG C 82 45.76 -41.51 5.90
CA ARG C 82 45.99 -40.51 4.86
C ARG C 82 45.65 -39.07 5.26
N ILE C 83 46.46 -38.15 4.74
CA ILE C 83 46.16 -36.74 4.66
C ILE C 83 46.03 -36.35 3.17
N ASP C 84 44.85 -35.88 2.80
CA ASP C 84 44.50 -35.48 1.42
C ASP C 84 45.50 -34.49 0.83
N ASP C 85 46.15 -34.87 -0.28
CA ASP C 85 47.13 -34.00 -0.97
C ASP C 85 48.30 -33.62 -0.09
N GLY C 86 48.54 -34.37 0.97
CA GLY C 86 49.63 -34.07 1.86
C GLY C 86 49.54 -32.70 2.50
N THR C 87 48.34 -32.12 2.62
CA THR C 87 48.22 -30.76 3.13
C THR C 87 46.95 -30.55 4.00
N PHE C 88 47.09 -29.67 5.00
CA PHE C 88 45.97 -29.21 5.80
C PHE C 88 46.32 -27.85 6.39
N LYS C 89 45.29 -27.18 6.90
CA LYS C 89 45.45 -25.87 7.52
C LYS C 89 44.96 -25.96 8.95
N LEU C 90 45.84 -25.63 9.91
CA LEU C 90 45.46 -25.60 11.33
C LEU C 90 45.64 -24.16 11.76
N GLY C 91 44.55 -23.54 12.17
CA GLY C 91 44.61 -22.13 12.52
C GLY C 91 45.01 -21.28 11.34
N ASP C 92 46.07 -20.52 11.51
CA ASP C 92 46.62 -19.64 10.50
C ASP C 92 47.71 -20.31 9.69
N LYS C 93 48.03 -21.56 10.00
CA LYS C 93 49.22 -22.22 9.43
C LYS C 93 48.85 -23.38 8.49
N THR C 94 49.42 -23.34 7.28
CA THR C 94 49.24 -24.40 6.29
C THR C 94 50.41 -25.34 6.34
N TYR C 95 50.11 -26.62 6.48
CA TYR C 95 51.13 -27.65 6.47
C TYR C 95 51.13 -28.33 5.12
N LYS C 96 52.31 -28.63 4.60
CA LYS C 96 52.43 -29.29 3.30
C LYS C 96 53.57 -30.30 3.33
N PHE C 97 53.21 -31.56 3.12
CA PHE C 97 54.15 -32.66 3.21
C PHE C 97 54.34 -33.28 1.84
N PRO C 98 55.52 -33.85 1.60
CA PRO C 98 55.72 -34.50 0.31
C PRO C 98 54.85 -35.74 0.17
N ILE C 99 54.39 -36.02 -1.04
CA ILE C 99 53.47 -37.12 -1.30
C ILE C 99 54.18 -38.48 -1.23
N ASN C 100 53.72 -39.36 -0.36
CA ASN C 100 54.26 -40.71 -0.23
C ASN C 100 53.24 -41.82 -0.53
N GLU C 101 52.07 -41.44 -1.01
CA GLU C 101 51.08 -42.37 -1.60
C GLU C 101 50.72 -41.80 -2.96
N ALA C 102 51.41 -42.29 -3.98
CA ALA C 102 51.36 -41.65 -5.30
C ALA C 102 50.02 -41.76 -6.02
N LYS C 103 49.47 -42.96 -6.07
CA LYS C 103 48.23 -43.29 -6.76
CA LYS C 103 48.26 -43.21 -6.84
C LYS C 103 47.10 -42.33 -6.36
N ASN C 104 46.93 -42.19 -5.06
CA ASN C 104 45.84 -41.39 -4.47
C ASN C 104 46.24 -39.97 -4.01
N ASN C 105 47.48 -39.57 -4.31
CA ASN C 105 48.03 -38.25 -4.00
C ASN C 105 47.84 -37.81 -2.54
N ASN C 106 48.33 -38.63 -1.64
CA ASN C 106 48.20 -38.40 -0.18
C ASN C 106 49.54 -38.47 0.53
N TYR C 107 49.61 -37.90 1.74
CA TYR C 107 50.64 -38.29 2.69
C TYR C 107 50.01 -39.36 3.61
N ILE C 108 50.76 -40.41 3.93
CA ILE C 108 50.21 -41.56 4.67
C ILE C 108 51.18 -42.00 5.77
N HIS C 109 50.63 -42.32 6.94
CA HIS C 109 51.30 -43.09 8.02
C HIS C 109 52.42 -42.46 8.84
N GLY C 110 53.14 -41.50 8.26
CA GLY C 110 54.27 -40.87 8.94
C GLY C 110 55.57 -41.62 8.76
N PHE C 111 56.62 -41.13 9.42
CA PHE C 111 57.98 -41.66 9.24
C PHE C 111 58.53 -42.29 10.53
N ILE C 112 57.89 -42.04 11.68
CA ILE C 112 58.45 -42.58 12.92
C ILE C 112 58.48 -44.12 12.94
N LYS C 113 57.58 -44.76 12.20
CA LYS C 113 57.54 -46.23 12.06
C LYS C 113 58.78 -46.78 11.33
N ASN C 114 59.46 -45.93 10.55
CA ASN C 114 60.63 -46.31 9.73
C ASN C 114 61.93 -45.88 10.36
N SER C 115 61.86 -45.10 11.44
CA SER C 115 63.02 -44.41 12.01
C SER C 115 63.64 -45.13 13.18
N LYS C 116 64.88 -44.77 13.50
CA LYS C 116 65.60 -45.32 14.65
C LYS C 116 65.09 -44.70 15.93
N TRP C 117 64.72 -45.53 16.89
CA TRP C 117 64.40 -45.11 18.25
C TRP C 117 65.50 -45.51 19.20
N THR C 118 65.62 -44.80 20.31
CA THR C 118 66.64 -45.14 21.27
CA THR C 118 66.63 -45.04 21.30
C THR C 118 66.02 -45.85 22.47
N VAL C 119 66.76 -46.78 23.05
CA VAL C 119 66.28 -47.51 24.25
C VAL C 119 66.48 -46.66 25.48
N HIS C 120 65.38 -46.36 26.17
CA HIS C 120 65.35 -45.55 27.37
C HIS C 120 65.37 -46.41 28.65
N LYS C 121 64.73 -47.58 28.62
CA LYS C 121 64.67 -48.52 29.77
C LYS C 121 64.66 -49.97 29.27
N LYS C 122 65.37 -50.88 29.95
CA LYS C 122 65.35 -52.33 29.59
C LYS C 122 65.74 -53.13 30.81
N LYS C 123 64.75 -53.40 31.66
CA LYS C 123 64.98 -54.04 32.96
C LYS C 123 63.81 -54.89 33.41
N ILE C 124 64.09 -55.80 34.34
CA ILE C 124 63.05 -56.51 35.07
C ILE C 124 62.66 -55.62 36.24
N ASP C 125 61.37 -55.55 36.53
CA ASP C 125 60.88 -54.76 37.66
C ASP C 125 59.79 -55.57 38.34
N GLN C 126 60.10 -56.11 39.52
CA GLN C 126 59.24 -57.02 40.25
C GLN C 126 59.00 -58.27 39.37
N ASP C 127 57.75 -58.58 39.00
CA ASP C 127 57.48 -59.73 38.14
C ASP C 127 57.10 -59.31 36.71
N LYS C 128 57.60 -58.15 36.30
CA LYS C 128 57.34 -57.63 34.95
C LYS C 128 58.63 -57.35 34.22
N ALA C 129 58.59 -57.44 32.88
CA ALA C 129 59.70 -56.98 32.04
C ALA C 129 59.29 -55.62 31.41
N LEU C 130 60.11 -54.60 31.63
CA LEU C 130 59.85 -53.24 31.17
CA LEU C 130 59.86 -53.23 31.16
C LEU C 130 60.85 -52.81 30.09
N VAL C 131 60.33 -52.43 28.91
CA VAL C 131 61.16 -51.95 27.82
C VAL C 131 60.53 -50.66 27.31
N GLU C 132 61.30 -49.56 27.33
CA GLU C 132 60.83 -48.24 26.81
C GLU C 132 61.79 -47.73 25.74
N VAL C 133 61.21 -47.22 24.66
CA VAL C 133 61.94 -46.62 23.56
C VAL C 133 61.42 -45.22 23.31
N VAL C 134 62.31 -44.33 22.88
CA VAL C 134 61.93 -42.94 22.64
CA VAL C 134 62.02 -42.92 22.69
C VAL C 134 62.42 -42.47 21.29
N PHE C 135 61.66 -41.52 20.71
CA PHE C 135 62.04 -40.90 19.46
C PHE C 135 62.05 -39.38 19.66
N ASP C 136 63.20 -38.77 19.43
CA ASP C 136 63.38 -37.32 19.63
C ASP C 136 63.40 -36.67 18.26
N PHE C 137 62.45 -35.78 18.01
CA PHE C 137 62.34 -35.10 16.75
C PHE C 137 62.86 -33.69 17.04
N THR C 138 64.02 -33.36 16.47
CA THR C 138 64.69 -32.08 16.73
C THR C 138 64.71 -31.17 15.49
N LYS C 139 65.06 -29.90 15.70
CA LYS C 139 65.21 -28.96 14.58
C LYS C 139 66.20 -29.44 13.50
N GLU C 140 67.08 -30.37 13.87
CA GLU C 140 68.10 -30.91 12.98
C GLU C 140 67.56 -31.99 12.06
N ASN C 141 66.39 -32.55 12.36
CA ASN C 141 65.79 -33.55 11.52
C ASN C 141 65.47 -33.00 10.13
N GLU C 142 65.73 -33.81 9.10
CA GLU C 142 65.43 -33.44 7.71
CA GLU C 142 65.42 -33.43 7.72
C GLU C 142 63.93 -33.16 7.46
N ALA C 143 63.06 -33.69 8.31
CA ALA C 143 61.62 -33.51 8.17
C ALA C 143 61.10 -32.27 8.87
N TYR C 144 61.92 -31.65 9.70
CA TYR C 144 61.47 -30.50 10.51
C TYR C 144 60.99 -29.37 9.63
N LYS C 145 61.62 -29.20 8.47
CA LYS C 145 61.21 -28.14 7.54
CA LYS C 145 61.21 -28.14 7.54
C LYS C 145 59.75 -28.27 7.11
N TYR C 146 59.20 -29.48 7.17
CA TYR C 146 57.82 -29.76 6.79
C TYR C 146 56.84 -29.75 8.00
N PHE C 147 57.38 -30.07 9.17
CA PHE C 147 56.59 -30.17 10.39
C PHE C 147 57.41 -29.56 11.52
N SER C 148 57.33 -28.24 11.64
CA SER C 148 58.27 -27.54 12.49
C SER C 148 57.85 -27.53 13.95
N HIS C 149 57.75 -28.71 14.55
CA HIS C 149 57.41 -28.83 15.94
C HIS C 149 58.33 -29.87 16.54
N GLU C 150 59.22 -29.46 17.42
CA GLU C 150 60.00 -30.43 18.17
C GLU C 150 59.06 -31.26 19.03
N PHE C 151 59.35 -32.55 19.16
CA PHE C 151 58.55 -33.42 20.01
C PHE C 151 59.35 -34.63 20.45
N GLN C 152 58.84 -35.33 21.46
CA GLN C 152 59.38 -36.62 21.83
C GLN C 152 58.25 -37.62 21.96
N PHE C 153 58.38 -38.73 21.24
CA PHE C 153 57.50 -39.86 21.31
C PHE C 153 58.12 -40.94 22.21
N LYS C 154 57.27 -41.65 22.92
CA LYS C 154 57.74 -42.73 23.77
C LYS C 154 56.74 -43.90 23.70
N LEU C 155 57.30 -45.10 23.54
CA LEU C 155 56.54 -46.35 23.65
C LEU C 155 57.05 -47.08 24.88
N SER C 156 56.16 -47.29 25.82
CA SER C 156 56.50 -47.95 27.08
CA SER C 156 56.50 -47.93 27.08
C SER C 156 55.77 -49.27 27.17
N TYR C 157 56.52 -50.35 27.15
CA TYR C 157 55.98 -51.70 27.14
C TYR C 157 56.24 -52.41 28.46
N GLU C 158 55.18 -52.98 29.02
CA GLU C 158 55.27 -53.75 30.26
CA GLU C 158 55.29 -53.76 30.25
C GLU C 158 54.71 -55.12 29.95
N LEU C 159 55.53 -56.16 30.10
CA LEU C 159 55.09 -57.51 29.87
C LEU C 159 54.95 -58.20 31.22
N SER C 160 53.87 -58.95 31.40
CA SER C 160 53.57 -59.61 32.66
C SER C 160 52.64 -60.80 32.40
N SER C 161 52.22 -61.49 33.47
CA SER C 161 51.25 -62.57 33.31
C SER C 161 49.95 -62.04 32.72
N LYS C 162 49.73 -60.73 32.76
CA LYS C 162 48.53 -60.10 32.20
C LYS C 162 48.65 -59.80 30.69
N GLY C 163 49.83 -60.03 30.14
CA GLY C 163 50.08 -59.81 28.72
C GLY C 163 50.93 -58.57 28.56
N LEU C 164 50.84 -57.97 27.39
CA LEU C 164 51.64 -56.80 27.03
C LEU C 164 50.79 -55.57 27.21
N LYS C 165 51.27 -54.64 28.00
CA LYS C 165 50.68 -53.31 28.05
C LYS C 165 51.56 -52.32 27.33
N GLN C 166 50.94 -51.48 26.52
CA GLN C 166 51.60 -50.55 25.64
C GLN C 166 51.10 -49.15 26.01
N THR C 167 52.01 -48.30 26.52
CA THR C 167 51.66 -46.91 26.81
C THR C 167 52.39 -46.03 25.81
N THR C 168 51.63 -45.40 24.92
CA THR C 168 52.18 -44.57 23.88
C THR C 168 51.99 -43.12 24.30
N SER C 169 53.04 -42.31 24.23
CA SER C 169 52.88 -40.90 24.53
C SER C 169 53.69 -40.02 23.63
N VAL C 170 53.29 -38.76 23.55
CA VAL C 170 54.05 -37.77 22.80
C VAL C 170 53.87 -36.45 23.51
N VAL C 171 54.94 -35.67 23.60
CA VAL C 171 54.91 -34.32 24.18
C VAL C 171 55.34 -33.31 23.12
N ASN C 172 54.62 -32.21 23.04
CA ASN C 172 54.90 -31.10 22.14
C ASN C 172 55.97 -30.26 22.80
N LEU C 173 57.13 -30.20 22.18
CA LEU C 173 58.25 -29.41 22.70
C LEU C 173 58.44 -28.12 21.91
N SER C 174 57.45 -27.79 21.08
CA SER C 174 57.48 -26.55 20.32
C SER C 174 56.75 -25.42 21.07
N SER C 175 56.85 -24.20 20.55
CA SER C 175 56.16 -23.06 21.14
C SER C 175 54.83 -22.77 20.44
N GLU C 176 54.35 -23.66 19.56
CA GLU C 176 53.03 -23.52 18.89
C GLU C 176 52.16 -24.75 19.13
N GLU C 177 50.84 -24.64 18.91
CA GLU C 177 49.95 -25.81 18.99
C GLU C 177 50.35 -26.84 17.94
N MSE C 178 50.47 -28.10 18.34
CA MSE C 178 50.95 -29.16 17.42
C MSE C 178 49.78 -30.07 17.05
O MSE C 178 49.09 -30.59 17.94
CB MSE C 178 52.04 -29.98 18.11
CG MSE C 178 52.63 -31.02 17.19
SE MSE C 178 53.77 -32.26 18.14
CE MSE C 178 52.48 -33.41 18.84
N PRO C 179 49.57 -30.32 15.76
CA PRO C 179 48.55 -31.27 15.30
C PRO C 179 48.83 -32.66 15.88
N LEU C 180 47.77 -33.34 16.31
CA LEU C 180 47.88 -34.64 16.98
CA LEU C 180 47.88 -34.64 16.97
C LEU C 180 46.89 -35.63 16.39
N SER C 181 47.44 -36.66 15.74
CA SER C 181 46.69 -37.83 15.34
C SER C 181 47.68 -39.02 15.40
N VAL C 182 47.31 -40.04 16.16
CA VAL C 182 48.18 -41.20 16.43
C VAL C 182 47.40 -42.49 16.20
N GLY C 183 48.11 -43.49 15.71
CA GLY C 183 47.50 -44.81 15.63
C GLY C 183 48.53 -45.88 15.49
N TYR C 184 48.05 -47.09 15.23
CA TYR C 184 48.92 -48.24 15.04
C TYR C 184 48.44 -49.05 13.86
N HIS C 185 49.39 -49.64 13.15
CA HIS C 185 49.05 -50.48 11.98
C HIS C 185 49.24 -51.95 12.34
N SER C 186 48.73 -52.33 13.51
CA SER C 186 49.04 -53.60 14.15
C SER C 186 48.66 -54.79 13.32
N ALA C 187 49.60 -55.71 13.16
CA ALA C 187 49.49 -56.86 12.26
C ALA C 187 49.43 -58.17 13.05
N PHE C 188 48.29 -58.88 12.95
CA PHE C 188 47.98 -60.10 13.71
C PHE C 188 48.00 -61.36 12.84
N ASN C 189 48.61 -62.40 13.38
CA ASN C 189 48.56 -63.73 12.78
C ASN C 189 47.14 -64.28 12.79
N VAL C 190 46.71 -64.83 11.65
CA VAL C 190 45.41 -65.48 11.55
C VAL C 190 45.65 -66.73 10.66
N PRO C 191 45.82 -67.91 11.26
CA PRO C 191 45.63 -68.25 12.65
C PRO C 191 46.82 -67.86 13.50
N PHE C 192 46.63 -67.88 14.82
CA PHE C 192 47.66 -67.54 15.79
C PHE C 192 48.07 -68.74 16.65
N ILE C 193 47.44 -69.90 16.40
CA ILE C 193 47.79 -71.12 17.09
CA ILE C 193 47.75 -71.16 17.08
C ILE C 193 48.01 -72.22 16.04
N GLU C 194 48.94 -73.14 16.32
CA GLU C 194 49.17 -74.24 15.38
CA GLU C 194 49.21 -74.28 15.41
C GLU C 194 48.15 -75.35 15.60
N GLY C 195 47.90 -76.11 14.54
CA GLY C 195 46.83 -77.11 14.54
C GLY C 195 45.49 -76.46 14.24
N SER C 196 45.54 -75.26 13.67
CA SER C 196 44.35 -74.56 13.26
C SER C 196 44.52 -73.99 11.86
N GLU C 197 43.49 -73.31 11.40
CA GLU C 197 43.43 -72.79 10.04
C GLU C 197 42.89 -71.35 10.11
N ASP C 198 43.28 -70.54 9.13
CA ASP C 198 42.76 -69.16 9.04
C ASP C 198 41.22 -69.09 9.13
N SER C 199 40.53 -70.04 8.50
CA SER C 199 39.07 -70.04 8.43
CA SER C 199 39.07 -70.01 8.44
C SER C 199 38.44 -70.28 9.80
N ASN C 200 39.24 -70.78 10.74
CA ASN C 200 38.74 -71.01 12.09
C ASN C 200 38.62 -69.71 12.90
N CYS C 201 39.15 -68.61 12.35
CA CYS C 201 39.27 -67.37 13.13
C CYS C 201 38.15 -66.38 12.84
N ARG C 202 37.63 -65.78 13.92
CA ARG C 202 36.58 -64.79 13.83
C ARG C 202 37.02 -63.50 14.57
N VAL C 203 36.82 -62.35 13.92
CA VAL C 203 37.21 -61.06 14.51
C VAL C 203 36.01 -60.28 15.00
N LYS C 204 36.10 -59.85 16.27
CA LYS C 204 35.11 -58.95 16.87
C LYS C 204 35.74 -57.59 17.11
N ILE C 205 34.98 -56.54 16.86
CA ILE C 205 35.45 -55.16 17.09
C ILE C 205 34.30 -54.37 17.68
N SER C 206 34.58 -53.58 18.72
CA SER C 206 33.57 -52.73 19.37
C SER C 206 33.24 -51.49 18.52
N ILE C 207 32.64 -51.75 17.36
CA ILE C 207 32.32 -50.71 16.38
C ILE C 207 31.05 -49.91 16.72
N ASP C 208 31.07 -48.65 16.34
CA ASP C 208 29.94 -47.73 16.50
C ASP C 208 29.30 -47.57 15.12
N LYS C 209 29.92 -46.76 14.26
CA LYS C 209 29.41 -46.55 12.91
C LYS C 209 30.50 -46.86 11.87
N PHE C 210 30.04 -47.22 10.68
CA PHE C 210 30.86 -47.38 9.49
C PHE C 210 30.97 -46.05 8.75
N TRP C 211 32.18 -45.74 8.30
CA TRP C 211 32.46 -44.50 7.55
C TRP C 211 32.95 -44.82 6.14
N LYS C 212 32.15 -44.42 5.16
CA LYS C 212 32.48 -44.70 3.76
CA LYS C 212 32.46 -44.68 3.75
C LYS C 212 33.68 -43.90 3.32
N GLN C 213 34.44 -44.49 2.39
CA GLN C 213 35.60 -43.85 1.81
C GLN C 213 35.39 -43.71 0.31
N ASP C 214 36.02 -42.71 -0.28
CA ASP C 214 35.93 -42.46 -1.71
C ASP C 214 37.03 -43.23 -2.45
N SER C 215 37.16 -43.00 -3.77
CA SER C 215 38.13 -43.72 -4.60
C SER C 215 39.58 -43.42 -4.25
N ARG C 216 39.84 -42.37 -3.45
CA ARG C 216 41.17 -42.05 -2.97
C ARG C 216 41.40 -42.53 -1.53
N ASN C 217 40.48 -43.36 -1.02
CA ASN C 217 40.49 -43.87 0.35
C ASN C 217 40.36 -42.79 1.44
N LEU C 218 39.81 -41.63 1.07
CA LEU C 218 39.51 -40.57 2.02
C LEU C 218 38.04 -40.68 2.42
N PRO C 219 37.71 -40.37 3.67
CA PRO C 219 36.29 -40.41 4.08
C PRO C 219 35.41 -39.42 3.29
N THR C 220 34.20 -39.85 2.96
CA THR C 220 33.22 -38.96 2.36
C THR C 220 32.55 -38.05 3.39
N GLY C 221 32.58 -38.46 4.67
CA GLY C 221 31.84 -37.74 5.71
C GLY C 221 30.55 -38.45 6.06
N GLU C 222 30.16 -39.45 5.24
CA GLU C 222 28.95 -40.23 5.46
C GLU C 222 29.25 -41.34 6.44
N SER C 223 28.34 -41.53 7.40
CA SER C 223 28.46 -42.58 8.37
C SER C 223 27.16 -43.35 8.46
N PHE C 224 27.29 -44.62 8.79
CA PHE C 224 26.16 -45.56 8.80
C PHE C 224 26.17 -46.52 9.95
N ALA C 225 24.97 -46.91 10.37
CA ALA C 225 24.83 -48.01 11.28
C ALA C 225 25.42 -49.25 10.60
N PRO C 226 26.08 -50.13 11.36
CA PRO C 226 26.59 -51.34 10.72
C PRO C 226 25.50 -52.10 9.97
N THR C 227 25.82 -52.60 8.78
CA THR C 227 24.85 -53.36 7.99
C THR C 227 25.48 -54.63 7.43
N GLY C 228 24.64 -55.63 7.21
CA GLY C 228 25.09 -56.92 6.68
C GLY C 228 26.15 -57.55 7.55
N GLU C 229 27.21 -58.04 6.91
CA GLU C 229 28.29 -58.71 7.58
C GLU C 229 28.94 -57.84 8.69
N GLN C 230 28.84 -56.53 8.56
CA GLN C 230 29.45 -55.61 9.54
C GLN C 230 28.87 -55.81 10.95
N LYS C 231 27.60 -56.21 11.01
CA LYS C 231 26.96 -56.43 12.29
C LYS C 231 27.64 -57.56 13.06
N GLU C 232 28.27 -58.49 12.35
CA GLU C 232 28.94 -59.63 12.98
C GLU C 232 30.14 -59.23 13.86
N TYR C 233 30.74 -58.06 13.60
CA TYR C 233 31.83 -57.58 14.48
C TYR C 233 31.33 -57.45 15.93
N LEU C 234 30.02 -57.29 16.12
CA LEU C 234 29.45 -57.12 17.46
C LEU C 234 28.80 -58.38 17.99
N GLU C 235 28.73 -59.43 17.17
CA GLU C 235 27.98 -60.64 17.55
CA GLU C 235 27.95 -60.65 17.49
C GLU C 235 28.87 -61.87 17.49
N ASN C 236 28.88 -62.62 16.38
CA ASN C 236 29.66 -63.86 16.30
C ASN C 236 31.07 -63.66 15.79
N GLY C 237 31.35 -62.49 15.24
CA GLY C 237 32.68 -62.20 14.69
C GLY C 237 32.72 -62.47 13.20
N VAL C 238 33.55 -61.70 12.52
CA VAL C 238 33.66 -61.74 11.08
C VAL C 238 34.74 -62.74 10.68
N ALA C 239 34.43 -63.56 9.68
CA ALA C 239 35.36 -64.54 9.17
C ALA C 239 36.37 -63.78 8.32
N VAL C 240 37.42 -63.30 8.97
CA VAL C 240 38.31 -62.30 8.38
C VAL C 240 39.11 -62.86 7.19
N ALA C 241 39.36 -64.18 7.20
CA ALA C 241 40.06 -64.85 6.11
C ALA C 241 39.15 -65.14 4.90
N SER C 242 37.83 -64.98 5.06
CA SER C 242 36.84 -65.31 3.99
C SER C 242 36.89 -64.48 2.72
N HIS C 243 37.27 -63.22 2.81
CA HIS C 243 37.33 -62.33 1.64
C HIS C 243 38.07 -61.04 1.99
N PRO C 244 38.45 -60.23 0.97
CA PRO C 244 39.13 -58.96 1.25
C PRO C 244 38.29 -57.97 2.06
N ILE C 245 38.95 -57.29 3.00
CA ILE C 245 38.32 -56.35 3.95
C ILE C 245 39.24 -55.12 4.03
N GLU C 246 38.66 -53.94 3.87
CA GLU C 246 39.32 -52.67 4.14
C GLU C 246 38.25 -51.66 4.52
N SER C 247 38.10 -51.43 5.83
CA SER C 247 36.97 -50.72 6.36
C SER C 247 37.37 -49.77 7.50
N LEU C 248 36.69 -48.63 7.58
CA LEU C 248 36.90 -47.61 8.60
C LEU C 248 35.67 -47.57 9.51
N PHE C 249 35.88 -47.72 10.81
CA PHE C 249 34.82 -47.64 11.80
C PHE C 249 35.18 -46.66 12.89
N SER C 250 34.15 -46.05 13.47
CA SER C 250 34.28 -45.42 14.77
C SER C 250 34.13 -46.52 15.84
N LEU C 251 34.73 -46.28 16.99
CA LEU C 251 34.62 -47.20 18.12
C LEU C 251 33.72 -46.70 19.24
N LYS C 252 33.19 -47.66 19.97
CA LYS C 252 32.50 -47.37 21.24
C LYS C 252 32.88 -48.42 22.26
N ASP C 253 32.46 -48.19 23.49
CA ASP C 253 32.53 -49.24 24.52
C ASP C 253 31.34 -50.19 24.38
N ILE C 254 31.58 -51.46 24.67
CA ILE C 254 30.53 -52.46 24.84
C ILE C 254 30.66 -53.09 26.22
N ASP C 255 29.66 -53.86 26.61
CA ASP C 255 29.70 -54.58 27.87
C ASP C 255 30.08 -56.03 27.60
N VAL C 256 31.11 -56.51 28.29
CA VAL C 256 31.54 -57.90 28.23
C VAL C 256 31.76 -58.42 29.66
N ASN C 257 30.97 -59.40 30.09
CA ASN C 257 31.09 -59.99 31.45
C ASN C 257 31.10 -58.95 32.57
N GLY C 258 30.15 -58.03 32.53
CA GLY C 258 29.97 -57.10 33.61
C GLY C 258 30.88 -55.91 33.61
N LYS C 259 31.71 -55.74 32.58
CA LYS C 259 32.57 -54.57 32.50
C LYS C 259 32.64 -54.02 31.09
N THR C 260 33.04 -52.77 30.99
CA THR C 260 33.10 -52.18 29.66
C THR C 260 34.40 -52.67 28.99
N PHE C 261 34.34 -52.73 27.67
CA PHE C 261 35.48 -53.14 26.86
C PHE C 261 35.42 -52.28 25.61
N ARG C 262 36.59 -51.80 25.19
CA ARG C 262 36.77 -51.19 23.90
C ARG C 262 37.96 -51.88 23.23
N GLY C 263 37.79 -52.23 21.96
CA GLY C 263 38.84 -52.92 21.21
C GLY C 263 38.35 -54.06 20.33
N ALA C 264 39.23 -55.02 20.14
CA ALA C 264 39.03 -56.09 19.16
C ALA C 264 39.46 -57.40 19.81
N CYS C 265 38.96 -58.48 19.26
CA CYS C 265 39.48 -59.78 19.61
C CYS C 265 39.45 -60.72 18.40
N ILE C 266 40.32 -61.70 18.45
CA ILE C 266 40.41 -62.73 17.41
C ILE C 266 40.17 -64.06 18.12
N GLU C 267 39.03 -64.69 17.81
CA GLU C 267 38.61 -65.92 18.47
C GLU C 267 38.86 -67.10 17.53
N ASP C 268 39.47 -68.14 18.06
CA ASP C 268 39.56 -69.41 17.40
C ASP C 268 38.80 -70.40 18.33
N ALA C 269 37.48 -70.48 18.13
CA ALA C 269 36.62 -71.31 18.97
C ALA C 269 37.08 -72.75 18.97
N SER C 270 37.60 -73.20 17.84
CA SER C 270 38.07 -74.56 17.69
C SER C 270 39.16 -74.94 18.68
N LYS C 271 39.98 -73.96 19.05
CA LYS C 271 41.09 -74.15 19.97
C LYS C 271 40.81 -73.48 21.32
N ASN C 272 39.57 -73.03 21.49
CA ASN C 272 39.11 -72.46 22.72
C ASN C 272 40.00 -71.30 23.20
N THR C 273 40.49 -70.52 22.25
CA THR C 273 41.48 -69.44 22.53
C THR C 273 41.10 -68.14 21.84
N ARG C 274 41.21 -67.03 22.59
CA ARG C 274 40.92 -65.66 22.11
C ARG C 274 42.15 -64.76 22.34
N VAL C 275 42.57 -64.06 21.29
CA VAL C 275 43.55 -62.97 21.40
C VAL C 275 42.75 -61.68 21.57
N VAL C 276 43.06 -60.91 22.62
CA VAL C 276 42.32 -59.71 22.93
C VAL C 276 43.24 -58.52 22.72
N TYR C 277 42.74 -57.49 22.04
CA TYR C 277 43.46 -56.22 21.81
C TYR C 277 42.56 -55.13 22.38
N GLU C 278 42.85 -54.75 23.62
CA GLU C 278 42.04 -53.78 24.34
C GLU C 278 42.64 -52.40 24.17
N MSE C 279 41.79 -51.41 23.91
CA MSE C 279 42.19 -50.07 23.53
C MSE C 279 41.57 -49.04 24.46
O MSE C 279 40.38 -49.14 24.79
CB MSE C 279 41.69 -49.77 22.13
CG MSE C 279 42.19 -50.74 21.11
SE MSE C 279 41.18 -50.58 19.48
CE MSE C 279 41.89 -52.22 18.72
N SER C 280 42.36 -48.05 24.86
CA SER C 280 41.81 -47.00 25.73
C SER C 280 40.90 -46.07 24.94
N SER C 281 40.10 -45.29 25.65
CA SER C 281 39.13 -44.37 25.05
CA SER C 281 39.13 -44.40 25.03
C SER C 281 39.77 -43.28 24.19
N GLU C 282 41.08 -43.09 24.29
CA GLU C 282 41.79 -42.18 23.41
C GLU C 282 41.71 -42.61 21.92
N TYR C 283 41.54 -43.91 21.71
CA TYR C 283 41.37 -44.46 20.37
C TYR C 283 39.89 -44.47 20.03
N LYS C 284 39.56 -43.68 19.00
CA LYS C 284 38.19 -43.39 18.61
C LYS C 284 37.73 -43.97 17.27
N TYR C 285 38.67 -44.36 16.43
CA TYR C 285 38.41 -44.96 15.12
C TYR C 285 39.32 -46.18 14.95
N LEU C 286 38.99 -47.00 13.96
CA LEU C 286 39.76 -48.18 13.70
C LEU C 286 39.61 -48.51 12.21
N VAL C 287 40.74 -48.88 11.60
CA VAL C 287 40.77 -49.45 10.23
C VAL C 287 41.06 -50.92 10.37
N ILE C 288 40.28 -51.75 9.65
CA ILE C 288 40.60 -53.18 9.55
C ILE C 288 40.96 -53.42 8.07
N TRP C 289 42.12 -54.02 7.86
CA TRP C 289 42.65 -54.29 6.51
C TRP C 289 43.34 -55.64 6.55
N ASN C 290 42.89 -56.59 5.72
CA ASN C 290 43.42 -57.96 5.73
C ASN C 290 44.26 -58.34 4.53
N ASP C 291 44.68 -57.36 3.74
CA ASP C 291 45.60 -57.58 2.65
C ASP C 291 45.09 -58.72 1.76
N MSE C 292 43.81 -58.62 1.37
CA MSE C 292 43.07 -59.60 0.53
C MSE C 292 42.55 -60.85 1.28
O MSE C 292 41.77 -61.63 0.73
CB MSE C 292 43.87 -59.96 -0.74
CG MSE C 292 44.18 -58.76 -1.69
SE MSE C 292 42.62 -57.66 -1.87
CE MSE C 292 43.36 -55.90 -2.36
N GLY C 293 42.96 -61.00 2.54
CA GLY C 293 42.53 -62.12 3.39
C GLY C 293 43.23 -63.46 3.14
N ASP C 294 44.24 -63.49 2.27
CA ASP C 294 44.89 -64.75 1.86
C ASP C 294 46.36 -64.90 2.31
N LYS C 295 46.84 -64.00 3.18
CA LYS C 295 48.23 -64.05 3.58
C LYS C 295 48.40 -64.41 5.05
N LYS C 296 47.34 -64.91 5.69
CA LYS C 296 47.39 -65.49 7.02
C LYS C 296 47.63 -64.40 8.10
N TYR C 297 47.14 -63.20 7.81
CA TYR C 297 47.24 -62.11 8.76
C TYR C 297 46.19 -61.05 8.46
N ALA C 298 45.93 -60.21 9.45
CA ALA C 298 45.02 -59.10 9.28
C ALA C 298 45.55 -57.97 10.15
N CYS C 299 45.39 -56.75 9.68
CA CYS C 299 45.75 -55.55 10.45
C CYS C 299 44.50 -54.94 11.06
N ILE C 300 44.58 -54.73 12.37
CA ILE C 300 43.54 -54.08 13.15
C ILE C 300 44.17 -52.80 13.72
N GLU C 301 43.74 -51.64 13.20
CA GLU C 301 44.51 -50.41 13.30
C GLU C 301 43.77 -49.31 14.06
N PRO C 302 44.03 -49.19 15.37
CA PRO C 302 43.36 -48.12 16.12
C PRO C 302 43.92 -46.75 15.78
N GLN C 303 43.07 -45.73 15.83
CA GLN C 303 43.43 -44.35 15.55
C GLN C 303 42.74 -43.41 16.54
N THR C 304 43.43 -42.33 16.90
CA THR C 304 42.80 -41.32 17.76
C THR C 304 41.76 -40.50 17.01
N SER C 305 41.80 -40.54 15.68
CA SER C 305 40.91 -39.71 14.89
C SER C 305 40.59 -40.36 13.57
N ILE C 306 39.63 -39.80 12.87
CA ILE C 306 39.23 -40.38 11.58
C ILE C 306 40.35 -40.20 10.57
N ILE C 307 40.36 -41.03 9.53
CA ILE C 307 41.26 -40.81 8.40
C ILE C 307 41.08 -39.35 7.91
N ASN C 308 42.19 -38.68 7.64
CA ASN C 308 42.19 -37.32 7.09
C ASN C 308 41.51 -36.32 8.03
N SER C 309 41.65 -36.56 9.34
CA SER C 309 40.96 -35.75 10.32
C SER C 309 41.28 -34.27 10.33
N PRO C 310 42.50 -33.84 9.96
CA PRO C 310 42.75 -32.39 9.91
C PRO C 310 41.95 -31.64 8.85
N ASN C 311 41.40 -32.35 7.87
CA ASN C 311 40.71 -31.74 6.74
C ASN C 311 39.22 -32.01 6.69
N VAL C 312 38.74 -33.05 7.40
CA VAL C 312 37.34 -33.44 7.23
C VAL C 312 36.42 -32.32 7.71
N LYS C 313 35.29 -32.18 7.05
CA LYS C 313 34.27 -31.21 7.43
C LYS C 313 33.33 -31.87 8.43
N LEU C 314 33.88 -32.21 9.59
CA LEU C 314 33.16 -32.76 10.70
C LEU C 314 33.64 -31.97 11.91
N ASP C 315 32.79 -31.78 12.91
CA ASP C 315 33.20 -31.22 14.17
C ASP C 315 34.31 -32.05 14.79
N ARG C 316 35.16 -31.38 15.57
CA ARG C 316 36.24 -32.05 16.30
C ARG C 316 35.71 -33.12 17.24
N SER C 317 34.54 -32.88 17.85
CA SER C 317 33.95 -33.90 18.71
C SER C 317 33.60 -35.19 17.97
N VAL C 318 33.39 -35.12 16.65
CA VAL C 318 33.11 -36.30 15.86
C VAL C 318 34.41 -36.86 15.26
N SER C 319 35.26 -36.00 14.72
CA SER C 319 36.47 -36.43 14.00
C SER C 319 37.56 -36.99 14.90
N GLY C 320 37.67 -36.45 16.11
CA GLY C 320 38.76 -36.79 17.01
C GLY C 320 40.04 -36.03 16.81
N PHE C 321 40.09 -35.14 15.82
CA PHE C 321 41.28 -34.32 15.61
C PHE C 321 41.49 -33.45 16.83
N LYS C 322 42.72 -33.33 17.26
CA LYS C 322 43.05 -32.42 18.37
CA LYS C 322 43.03 -32.40 18.35
C LYS C 322 44.46 -31.89 18.20
N THR C 323 44.82 -30.99 19.09
CA THR C 323 46.14 -30.42 19.08
C THR C 323 46.70 -30.44 20.48
N LEU C 324 48.02 -30.37 20.57
CA LEU C 324 48.67 -30.29 21.87
C LEU C 324 49.26 -28.91 22.07
N LYS C 325 48.99 -28.31 23.22
CA LYS C 325 49.69 -27.07 23.58
C LYS C 325 51.16 -27.34 23.81
N PRO C 326 51.97 -26.26 23.76
CA PRO C 326 53.36 -26.31 24.21
C PRO C 326 53.52 -27.02 25.55
N ASN C 327 54.44 -27.99 25.59
CA ASN C 327 54.71 -28.83 26.76
C ASN C 327 53.56 -29.74 27.23
N GLU C 328 52.47 -29.83 26.47
CA GLU C 328 51.37 -30.73 26.77
C GLU C 328 51.66 -32.08 26.13
N SER C 329 51.22 -33.13 26.81
CA SER C 329 51.40 -34.50 26.31
CA SER C 329 51.40 -34.53 26.37
C SER C 329 50.06 -35.20 26.08
N TRP C 330 50.10 -36.18 25.19
CA TRP C 330 48.99 -37.10 24.91
C TRP C 330 49.51 -38.50 25.26
N SER C 331 48.63 -39.33 25.80
CA SER C 331 48.99 -40.73 26.13
C SER C 331 47.78 -41.63 25.89
N GLY C 332 48.02 -42.81 25.34
CA GLY C 332 46.97 -43.81 25.19
C GLY C 332 47.54 -45.17 25.56
N VAL C 333 46.66 -46.06 25.98
CA VAL C 333 47.09 -47.37 26.45
C VAL C 333 46.37 -48.47 25.67
N CYS C 334 47.12 -49.50 25.27
CA CYS C 334 46.51 -50.72 24.69
C CYS C 334 47.07 -51.90 25.42
N LYS C 335 46.32 -52.99 25.41
CA LYS C 335 46.78 -54.23 25.99
C LYS C 335 46.54 -55.39 25.03
N LEU C 336 47.49 -56.31 24.99
CA LEU C 336 47.37 -57.54 24.21
C LEU C 336 47.55 -58.73 25.13
N TYR C 337 46.61 -59.66 25.05
CA TYR C 337 46.67 -60.85 25.89
C TYR C 337 45.86 -61.98 25.28
N ILE C 338 46.08 -63.18 25.84
CA ILE C 338 45.44 -64.42 25.40
C ILE C 338 44.53 -64.90 26.53
N GLU C 339 43.31 -65.31 26.20
CA GLU C 339 42.48 -65.95 27.22
C GLU C 339 41.75 -67.18 26.69
N ASN C 340 41.33 -68.01 27.65
CA ASN C 340 40.43 -69.13 27.37
CA ASN C 340 40.45 -69.13 27.33
C ASN C 340 39.03 -68.66 27.02
N MSE C 341 38.42 -69.29 26.03
CA MSE C 341 37.04 -68.98 25.69
C MSE C 341 36.05 -69.74 26.57
O MSE C 341 36.35 -70.78 27.15
OXT MSE C 341 34.92 -69.29 26.75
CB MSE C 341 36.80 -69.25 24.21
CG MSE C 341 37.48 -68.22 23.36
SE MSE C 341 37.33 -68.49 21.53
CE MSE C 341 35.40 -68.25 21.35
N ASN D 4 -40.34 26.23 -10.47
CA ASN D 4 -41.12 27.17 -11.32
C ASN D 4 -40.35 27.88 -12.45
N LYS D 5 -40.40 29.23 -12.53
CA LYS D 5 -39.77 29.97 -13.65
C LYS D 5 -38.24 30.02 -13.56
N ASP D 6 -37.68 29.62 -12.42
CA ASP D 6 -36.22 29.57 -12.28
C ASP D 6 -35.66 28.15 -12.45
N LEU D 7 -36.45 27.24 -13.00
CA LEU D 7 -36.01 25.89 -13.28
C LEU D 7 -36.01 25.66 -14.79
N TRP D 8 -34.82 25.48 -15.38
CA TRP D 8 -34.74 25.31 -16.83
C TRP D 8 -33.38 24.82 -17.28
N ILE D 9 -33.36 24.32 -18.50
CA ILE D 9 -32.13 23.86 -19.14
C ILE D 9 -32.16 24.43 -20.56
N LYS D 10 -31.08 25.10 -20.97
CA LYS D 10 -30.99 25.70 -22.31
C LYS D 10 -29.70 25.26 -23.02
N GLU D 11 -29.86 24.81 -24.27
CA GLU D 11 -28.73 24.54 -25.10
C GLU D 11 -28.56 25.73 -26.05
N GLU D 12 -27.37 26.30 -26.08
CA GLU D 12 -27.14 27.51 -26.86
C GLU D 12 -25.72 27.49 -27.43
N ILE D 13 -25.42 28.48 -28.27
CA ILE D 13 -24.13 28.56 -28.93
C ILE D 13 -23.23 29.56 -28.19
N ILE D 14 -21.98 29.18 -27.95
CA ILE D 14 -20.99 30.06 -27.33
C ILE D 14 -19.74 30.00 -28.21
N TRP D 15 -18.96 31.08 -28.22
CA TRP D 15 -17.76 31.13 -29.04
C TRP D 15 -18.07 30.80 -30.51
N SER D 16 -19.21 31.31 -30.98
CA SER D 16 -19.69 31.20 -32.37
C SER D 16 -20.12 29.85 -32.90
N GLU D 17 -19.50 28.76 -32.46
CA GLU D 17 -19.78 27.46 -33.05
C GLU D 17 -19.72 26.30 -32.05
N HIS D 18 -19.76 26.60 -30.76
CA HIS D 18 -19.73 25.55 -29.75
C HIS D 18 -21.04 25.52 -28.96
N LYS D 19 -21.54 24.33 -28.71
CA LYS D 19 -22.80 24.18 -27.98
C LYS D 19 -22.45 24.19 -26.49
N CYS D 20 -23.20 24.92 -25.68
CA CYS D 20 -23.02 24.89 -24.25
C CYS D 20 -24.38 24.62 -23.63
N ILE D 21 -24.38 24.19 -22.37
CA ILE D 21 -25.64 23.96 -21.68
C ILE D 21 -25.67 24.90 -20.48
N ARG D 22 -26.70 25.73 -20.43
CA ARG D 22 -26.96 26.56 -19.29
C ARG D 22 -28.13 25.94 -18.51
N PHE D 23 -28.01 25.88 -17.20
CA PHE D 23 -29.04 25.22 -16.39
C PHE D 23 -29.26 25.93 -15.06
N ALA D 24 -30.50 25.88 -14.60
CA ALA D 24 -30.94 26.72 -13.49
C ALA D 24 -31.91 25.95 -12.67
N ALA D 25 -31.74 26.04 -11.35
CA ALA D 25 -32.71 25.52 -10.40
C ALA D 25 -32.49 26.19 -9.06
N GLY D 26 -33.57 26.42 -8.34
CA GLY D 26 -33.46 26.84 -6.93
C GLY D 26 -32.73 28.16 -6.63
N GLY D 27 -32.70 29.06 -7.59
CA GLY D 27 -32.01 30.33 -7.46
C GLY D 27 -30.60 30.34 -7.99
N TYR D 28 -30.09 29.16 -8.31
CA TYR D 28 -28.77 29.03 -8.91
C TYR D 28 -28.82 28.92 -10.42
N GLU D 29 -27.71 29.29 -11.06
CA GLU D 29 -27.57 29.10 -12.49
C GLU D 29 -26.12 28.67 -12.80
N ALA D 30 -25.98 27.68 -13.70
CA ALA D 30 -24.68 27.13 -14.09
C ALA D 30 -24.54 27.08 -15.61
N LEU D 31 -23.28 27.00 -16.07
CA LEU D 31 -22.96 26.91 -17.48
C LEU D 31 -21.84 25.89 -17.63
N ILE D 32 -22.06 24.88 -18.47
CA ILE D 32 -21.12 23.82 -18.77
C ILE D 32 -20.75 23.81 -20.24
N ILE D 33 -19.46 23.58 -20.50
CA ILE D 33 -18.89 23.57 -21.85
C ILE D 33 -18.42 22.14 -22.20
N PRO D 34 -19.28 21.33 -22.85
CA PRO D 34 -18.88 19.93 -23.11
C PRO D 34 -17.61 19.82 -23.99
N ASP D 35 -17.45 20.75 -24.93
CA ASP D 35 -16.30 20.70 -25.83
C ASP D 35 -14.95 20.89 -25.15
N VAL D 36 -14.94 21.47 -23.96
CA VAL D 36 -13.70 21.62 -23.22
C VAL D 36 -13.85 21.03 -21.83
N GLY D 37 -13.60 19.73 -21.74
CA GLY D 37 -13.51 19.04 -20.46
C GLY D 37 -14.81 18.86 -19.70
N GLY D 38 -15.96 19.14 -20.31
CA GLY D 38 -17.20 19.18 -19.54
C GLY D 38 -17.09 20.16 -18.40
N ASN D 39 -16.38 21.27 -18.61
CA ASN D 39 -16.08 22.24 -17.56
C ASN D 39 -17.30 23.11 -17.25
N VAL D 40 -17.77 23.04 -16.02
CA VAL D 40 -18.70 24.00 -15.46
C VAL D 40 -17.95 25.32 -15.12
N VAL D 41 -18.08 26.32 -15.99
CA VAL D 41 -17.30 27.55 -15.94
C VAL D 41 -18.01 28.64 -15.17
N GLU D 42 -19.28 28.42 -14.82
CA GLU D 42 -20.05 29.42 -14.09
C GLU D 42 -21.04 28.76 -13.14
N LEU D 43 -21.09 29.26 -11.91
CA LEU D 43 -22.09 28.86 -10.94
C LEU D 43 -22.40 30.09 -10.13
N LYS D 44 -23.61 30.60 -10.27
CA LYS D 44 -23.96 31.85 -9.64
C LYS D 44 -25.34 31.80 -9.02
N ASP D 45 -25.59 32.76 -8.12
CA ASP D 45 -26.92 33.09 -7.60
C ASP D 45 -27.10 34.59 -7.84
N THR D 46 -27.79 34.95 -8.93
CA THR D 46 -27.79 36.34 -9.36
C THR D 46 -28.55 37.22 -8.37
N ASN D 47 -29.60 36.71 -7.75
CA ASN D 47 -30.31 37.52 -6.75
C ASN D 47 -29.47 37.86 -5.53
N LYS D 48 -28.49 37.01 -5.22
CA LYS D 48 -27.60 37.29 -4.11
C LYS D 48 -26.37 38.03 -4.55
N GLY D 49 -26.16 38.13 -5.85
CA GLY D 49 -24.99 38.80 -6.39
C GLY D 49 -23.70 38.01 -6.19
N VAL D 50 -23.82 36.68 -6.10
CA VAL D 50 -22.69 35.81 -5.86
C VAL D 50 -22.35 35.04 -7.14
N THR D 51 -21.08 35.02 -7.47
CA THR D 51 -20.60 34.16 -8.54
C THR D 51 -19.37 33.37 -8.07
N ILE D 52 -19.54 32.06 -7.97
CA ILE D 52 -18.60 31.20 -7.24
C ILE D 52 -17.34 30.89 -8.05
N LEU D 53 -17.52 30.42 -9.28
CA LEU D 53 -16.47 29.89 -10.10
C LEU D 53 -15.93 30.93 -11.05
N ARG D 54 -14.60 30.90 -11.21
CA ARG D 54 -13.94 31.81 -12.10
C ARG D 54 -14.30 31.46 -13.55
N THR D 55 -14.82 32.45 -14.26
CA THR D 55 -15.44 32.26 -15.58
C THR D 55 -14.61 33.06 -16.60
N PRO D 56 -14.34 32.48 -17.77
CA PRO D 56 -13.63 33.22 -18.84
C PRO D 56 -14.34 34.53 -19.14
N LYS D 57 -13.57 35.58 -19.33
CA LYS D 57 -14.12 36.86 -19.73
C LYS D 57 -14.48 36.84 -21.19
N LYS D 58 -15.28 37.81 -21.61
CA LYS D 58 -15.81 37.84 -22.98
C LYS D 58 -14.74 37.87 -24.07
N ASP D 59 -13.59 38.46 -23.78
CA ASP D 59 -12.52 38.58 -24.77
C ASP D 59 -11.64 37.32 -24.92
N LEU D 60 -11.75 36.37 -23.99
CA LEU D 60 -10.98 35.13 -24.10
C LEU D 60 -11.42 34.31 -25.33
N LYS D 61 -10.48 34.03 -26.23
CA LYS D 61 -10.78 33.20 -27.40
C LYS D 61 -10.93 31.75 -27.01
N PHE D 62 -11.73 30.99 -27.76
CA PHE D 62 -11.92 29.60 -27.49
C PHE D 62 -10.62 28.84 -27.42
N GLU D 63 -9.74 29.08 -28.40
CA GLU D 63 -8.46 28.36 -28.43
C GLU D 63 -7.63 28.57 -27.15
N ASP D 64 -7.65 29.77 -26.63
CA ASP D 64 -6.94 30.09 -25.42
C ASP D 64 -7.55 29.47 -24.17
N PHE D 65 -8.88 29.36 -24.16
CA PHE D 65 -9.55 28.58 -23.12
C PHE D 65 -9.17 27.11 -23.21
N LYS D 66 -9.34 26.51 -24.39
CA LYS D 66 -9.04 25.10 -24.60
C LYS D 66 -7.58 24.73 -24.24
N ASN D 67 -6.65 25.64 -24.50
CA ASN D 67 -5.25 25.36 -24.20
C ASN D 67 -4.89 25.46 -22.73
N ARG D 68 -5.70 26.17 -21.94
CA ARG D 68 -5.45 26.28 -20.48
C ARG D 68 -6.77 26.42 -19.69
N PRO D 69 -7.58 25.37 -19.71
CA PRO D 69 -8.88 25.45 -19.05
C PRO D 69 -8.79 25.29 -17.52
N GLN D 70 -7.63 24.83 -17.03
CA GLN D 70 -7.47 24.50 -15.61
C GLN D 70 -7.49 25.69 -14.64
N VAL D 71 -7.43 26.92 -15.18
CA VAL D 71 -7.60 28.13 -14.36
C VAL D 71 -9.00 28.73 -14.36
N TYR D 72 -9.99 27.99 -14.86
CA TYR D 72 -11.39 28.36 -14.86
C TYR D 72 -12.27 27.19 -14.42
N GLY D 73 -13.35 27.52 -13.72
CA GLY D 73 -14.43 26.55 -13.46
C GLY D 73 -14.00 25.33 -12.67
N LEU D 74 -14.43 24.17 -13.18
CA LEU D 74 -14.24 22.88 -12.53
C LEU D 74 -13.53 21.94 -13.54
N PRO D 75 -12.21 22.04 -13.60
CA PRO D 75 -11.43 21.19 -14.54
C PRO D 75 -11.10 19.83 -13.94
N VAL D 76 -11.61 18.77 -14.55
CA VAL D 76 -11.39 17.42 -14.02
C VAL D 76 -10.01 16.88 -14.45
N LEU D 77 -9.29 16.32 -13.50
CA LEU D 77 -7.91 15.91 -13.65
C LEU D 77 -7.75 14.41 -13.51
N PHE D 78 -6.94 13.82 -14.40
CA PHE D 78 -6.72 12.39 -14.43
C PHE D 78 -5.37 12.18 -15.10
N PRO D 79 -4.30 12.13 -14.31
CA PRO D 79 -4.23 12.29 -12.87
C PRO D 79 -4.15 13.76 -12.47
N PRO D 80 -4.57 14.09 -11.23
CA PRO D 80 -4.28 15.40 -10.71
C PRO D 80 -2.78 15.58 -10.46
N ASN D 81 -2.26 16.70 -10.91
CA ASN D 81 -0.92 17.09 -10.58
C ASN D 81 0.10 16.14 -11.23
N ARG D 82 1.30 16.07 -10.65
CA ARG D 82 2.48 15.56 -11.30
C ARG D 82 2.75 14.07 -11.15
N ILE D 83 3.27 13.51 -12.23
CA ILE D 83 3.89 12.19 -12.25
C ILE D 83 5.37 12.34 -12.63
N ASP D 84 6.26 11.96 -11.72
CA ASP D 84 7.75 12.15 -11.83
C ASP D 84 8.26 11.53 -13.14
N ASP D 85 8.86 12.36 -13.98
CA ASP D 85 9.48 11.90 -15.24
C ASP D 85 8.46 11.27 -16.20
N GLY D 86 7.18 11.51 -15.95
CA GLY D 86 6.14 10.96 -16.74
C GLY D 86 6.04 9.44 -16.72
N THR D 87 6.51 8.80 -15.66
CA THR D 87 6.59 7.34 -15.69
C THR D 87 6.33 6.76 -14.32
N PHE D 88 5.68 5.60 -14.33
CA PHE D 88 5.57 4.79 -13.12
C PHE D 88 5.39 3.33 -13.53
N LYS D 89 5.58 2.44 -12.55
CA LYS D 89 5.37 1.00 -12.75
C LYS D 89 4.30 0.46 -11.83
N LEU D 90 3.28 -0.17 -12.41
CA LEU D 90 2.21 -0.82 -11.66
C LEU D 90 2.28 -2.30 -12.06
N GLY D 91 2.47 -3.19 -11.09
CA GLY D 91 2.63 -4.60 -11.35
C GLY D 91 3.77 -4.86 -12.30
N ASP D 92 3.48 -5.54 -13.39
CA ASP D 92 4.50 -5.92 -14.37
C ASP D 92 4.62 -4.83 -15.44
N LYS D 93 3.82 -3.77 -15.36
CA LYS D 93 3.68 -2.84 -16.50
C LYS D 93 4.31 -1.47 -16.23
N THR D 94 5.18 -1.01 -17.13
CA THR D 94 5.74 0.34 -17.02
C THR D 94 4.96 1.28 -17.91
N TYR D 95 4.50 2.37 -17.33
CA TYR D 95 3.79 3.43 -18.02
C TYR D 95 4.75 4.58 -18.30
N LYS D 96 4.71 5.11 -19.50
CA LYS D 96 5.61 6.19 -19.90
C LYS D 96 4.84 7.16 -20.76
N PHE D 97 4.70 8.39 -20.25
CA PHE D 97 3.91 9.43 -20.90
C PHE D 97 4.82 10.57 -21.39
N PRO D 98 4.44 11.25 -22.47
CA PRO D 98 5.23 12.38 -22.94
C PRO D 98 5.24 13.50 -21.89
N ILE D 99 6.37 14.19 -21.72
CA ILE D 99 6.48 15.26 -20.72
C ILE D 99 5.70 16.49 -21.15
N ASN D 100 4.74 16.92 -20.33
CA ASN D 100 3.98 18.15 -20.62
C ASN D 100 4.21 19.22 -19.54
N GLU D 101 5.18 18.99 -18.66
CA GLU D 101 5.68 20.02 -17.72
C GLU D 101 7.19 20.02 -17.89
N ALA D 102 7.67 20.91 -18.75
CA ALA D 102 9.08 20.87 -19.19
C ALA D 102 10.13 21.20 -18.13
N LYS D 103 9.91 22.27 -17.40
CA LYS D 103 10.90 22.73 -16.42
C LYS D 103 11.19 21.63 -15.39
N ASN D 104 10.15 20.97 -14.88
CA ASN D 104 10.37 19.98 -13.84
C ASN D 104 10.33 18.51 -14.34
N ASN D 105 10.22 18.32 -15.65
CA ASN D 105 10.25 17.00 -16.29
C ASN D 105 9.23 16.05 -15.68
N ASN D 106 7.98 16.50 -15.71
CA ASN D 106 6.84 15.70 -15.24
C ASN D 106 5.75 15.60 -16.28
N TYR D 107 4.86 14.63 -16.09
CA TYR D 107 3.58 14.63 -16.77
C TYR D 107 2.61 15.23 -15.74
N ILE D 108 1.73 16.14 -16.15
CA ILE D 108 0.86 16.81 -15.18
C ILE D 108 -0.58 16.88 -15.71
N HIS D 109 -1.56 16.65 -14.81
CA HIS D 109 -2.98 16.95 -14.96
C HIS D 109 -3.87 16.13 -15.89
N GLY D 110 -3.30 15.48 -16.88
CA GLY D 110 -4.08 14.72 -17.85
C GLY D 110 -4.60 15.53 -19.01
N PHE D 111 -5.30 14.88 -19.92
CA PHE D 111 -5.82 15.49 -21.12
C PHE D 111 -7.36 15.57 -21.12
N ILE D 112 -8.04 14.92 -20.18
CA ILE D 112 -9.49 14.92 -20.29
C ILE D 112 -10.06 16.33 -20.10
N LYS D 113 -9.36 17.16 -19.32
CA LYS D 113 -9.79 18.55 -19.12
C LYS D 113 -9.81 19.38 -20.41
N ASN D 114 -9.03 18.96 -21.39
CA ASN D 114 -8.82 19.70 -22.63
C ASN D 114 -9.65 19.11 -23.77
N SER D 115 -10.27 17.95 -23.51
CA SER D 115 -10.89 17.13 -24.56
C SER D 115 -12.39 17.34 -24.69
N LYS D 116 -12.96 16.87 -25.81
CA LYS D 116 -14.41 17.02 -26.04
CA LYS D 116 -14.39 17.02 -26.04
C LYS D 116 -15.17 15.94 -25.30
N TRP D 117 -16.15 16.34 -24.51
CA TRP D 117 -17.06 15.42 -23.86
C TRP D 117 -18.39 15.48 -24.58
N THR D 118 -19.23 14.45 -24.44
CA THR D 118 -20.55 14.47 -25.04
C THR D 118 -21.63 14.56 -23.97
N VAL D 119 -22.71 15.23 -24.32
CA VAL D 119 -23.83 15.35 -23.40
C VAL D 119 -24.58 14.03 -23.35
N HIS D 120 -24.69 13.49 -22.15
CA HIS D 120 -25.24 12.14 -21.90
C HIS D 120 -26.69 12.23 -21.43
N LYS D 121 -27.02 13.26 -20.66
CA LYS D 121 -28.36 13.40 -20.09
C LYS D 121 -28.64 14.86 -19.71
N LYS D 122 -29.86 15.32 -19.98
CA LYS D 122 -30.30 16.65 -19.53
CA LYS D 122 -30.31 16.66 -19.57
C LYS D 122 -31.73 16.47 -19.09
N LYS D 123 -32.03 16.76 -17.84
CA LYS D 123 -33.36 16.48 -17.31
C LYS D 123 -33.76 17.47 -16.24
N ILE D 124 -35.01 17.96 -16.27
CA ILE D 124 -35.60 18.70 -15.15
CA ILE D 124 -35.52 18.67 -15.11
C ILE D 124 -36.53 17.73 -14.41
N ASP D 125 -36.42 17.64 -13.10
CA ASP D 125 -37.15 16.59 -12.36
C ASP D 125 -37.26 17.03 -10.93
N GLN D 126 -38.51 17.01 -10.43
N GLN D 126 -38.49 17.32 -10.46
CA GLN D 126 -38.86 17.63 -9.19
CA GLN D 126 -38.73 17.69 -9.05
C GLN D 126 -38.38 19.05 -9.43
C GLN D 126 -37.81 18.79 -8.45
N ASP D 127 -37.71 19.68 -8.46
N ASP D 127 -37.92 19.97 -9.06
CA ASP D 127 -37.26 21.06 -8.59
CA ASP D 127 -37.22 21.16 -8.62
C ASP D 127 -35.74 21.14 -8.84
C ASP D 127 -35.68 21.01 -8.67
N LYS D 128 -35.19 20.16 -9.56
CA LYS D 128 -33.74 20.03 -9.82
C LYS D 128 -33.48 19.94 -11.32
N ALA D 129 -32.32 20.43 -11.74
CA ALA D 129 -31.84 20.35 -13.11
C ALA D 129 -30.61 19.48 -13.09
N LEU D 130 -30.61 18.46 -13.94
CA LEU D 130 -29.55 17.46 -14.02
C LEU D 130 -28.92 17.48 -15.40
N VAL D 131 -27.60 17.60 -15.45
CA VAL D 131 -26.89 17.57 -16.70
C VAL D 131 -25.70 16.64 -16.51
N GLU D 132 -25.58 15.63 -17.37
CA GLU D 132 -24.47 14.67 -17.31
C GLU D 132 -23.68 14.68 -18.61
N VAL D 133 -22.36 14.66 -18.50
CA VAL D 133 -21.48 14.59 -19.67
C VAL D 133 -20.58 13.36 -19.51
N VAL D 134 -20.18 12.74 -20.63
CA VAL D 134 -19.29 11.58 -20.61
C VAL D 134 -18.09 11.76 -21.53
N PHE D 135 -17.00 11.11 -21.18
CA PHE D 135 -15.82 11.04 -22.04
C PHE D 135 -15.52 9.58 -22.28
N ASP D 136 -15.55 9.18 -23.55
CA ASP D 136 -15.33 7.77 -23.92
C ASP D 136 -13.92 7.69 -24.49
N PHE D 137 -13.03 6.99 -23.79
CA PHE D 137 -11.66 6.77 -24.20
C PHE D 137 -11.60 5.38 -24.81
N THR D 138 -11.31 5.35 -26.11
CA THR D 138 -11.32 4.10 -26.85
C THR D 138 -9.94 3.81 -27.42
N LYS D 139 -9.79 2.61 -27.95
CA LYS D 139 -8.56 2.19 -28.60
C LYS D 139 -8.07 3.07 -29.74
N GLU D 140 -8.98 3.86 -30.32
CA GLU D 140 -8.69 4.76 -31.43
C GLU D 140 -8.13 6.10 -31.01
N ASN D 141 -8.19 6.40 -29.71
CA ASN D 141 -7.68 7.67 -29.22
C ASN D 141 -6.18 7.68 -29.39
N GLU D 142 -5.65 8.80 -29.83
CA GLU D 142 -4.22 8.93 -30.02
C GLU D 142 -3.42 8.77 -28.70
N ALA D 143 -4.07 8.92 -27.55
CA ALA D 143 -3.40 8.73 -26.27
C ALA D 143 -3.40 7.26 -25.81
N TYR D 144 -4.18 6.42 -26.49
CA TYR D 144 -4.30 5.01 -26.04
C TYR D 144 -2.96 4.28 -26.04
N LYS D 145 -2.08 4.56 -27.00
CA LYS D 145 -0.75 3.89 -27.03
C LYS D 145 0.07 4.14 -25.75
N TYR D 146 -0.20 5.25 -25.08
CA TYR D 146 0.48 5.59 -23.82
C TYR D 146 -0.24 5.08 -22.58
N PHE D 147 -1.56 4.92 -22.67
CA PHE D 147 -2.38 4.45 -21.55
C PHE D 147 -3.43 3.49 -22.07
N SER D 148 -3.08 2.22 -22.16
CA SER D 148 -3.87 1.28 -22.95
C SER D 148 -5.01 0.67 -22.13
N HIS D 149 -5.88 1.53 -21.63
CA HIS D 149 -7.07 1.12 -20.92
C HIS D 149 -8.25 1.90 -21.43
N GLU D 150 -9.16 1.22 -22.08
CA GLU D 150 -10.44 1.83 -22.41
C GLU D 150 -11.16 2.20 -21.10
N PHE D 151 -11.85 3.34 -21.13
CA PHE D 151 -12.59 3.79 -19.96
C PHE D 151 -13.69 4.77 -20.35
N GLN D 152 -14.66 4.94 -19.45
CA GLN D 152 -15.63 6.02 -19.56
C GLN D 152 -15.63 6.85 -18.29
N PHE D 153 -15.46 8.16 -18.46
CA PHE D 153 -15.52 9.11 -17.37
C PHE D 153 -16.88 9.76 -17.48
N LYS D 154 -17.49 10.06 -16.34
CA LYS D 154 -18.81 10.74 -16.31
C LYS D 154 -18.80 11.83 -15.27
N LEU D 155 -19.30 13.01 -15.64
CA LEU D 155 -19.56 14.06 -14.66
C LEU D 155 -21.08 14.24 -14.62
N SER D 156 -21.66 14.07 -13.43
CA SER D 156 -23.11 14.19 -13.27
C SER D 156 -23.41 15.33 -12.34
N TYR D 157 -24.01 16.39 -12.90
CA TYR D 157 -24.26 17.63 -12.14
C TYR D 157 -25.74 17.79 -11.84
N GLU D 158 -26.08 17.97 -10.56
CA GLU D 158 -27.45 18.22 -10.17
C GLU D 158 -27.49 19.56 -9.47
N LEU D 159 -28.30 20.46 -10.00
CA LEU D 159 -28.46 21.76 -9.47
C LEU D 159 -29.82 21.81 -8.78
N SER D 160 -29.86 22.39 -7.59
CA SER D 160 -31.08 22.52 -6.80
C SER D 160 -30.97 23.70 -5.84
N SER D 161 -32.01 23.91 -5.04
CA SER D 161 -31.90 24.91 -3.96
C SER D 161 -30.74 24.65 -2.98
N LYS D 162 -30.21 23.44 -2.98
CA LYS D 162 -29.07 23.08 -2.13
C LYS D 162 -27.76 23.38 -2.77
N GLY D 163 -27.78 23.91 -4.00
CA GLY D 163 -26.56 24.21 -4.74
C GLY D 163 -26.26 23.18 -5.80
N LEU D 164 -24.97 23.05 -6.13
CA LEU D 164 -24.53 22.17 -7.19
C LEU D 164 -23.95 20.92 -6.57
N LYS D 165 -24.43 19.76 -7.01
CA LYS D 165 -23.87 18.47 -6.59
CA LYS D 165 -23.86 18.48 -6.59
C LYS D 165 -23.17 17.86 -7.80
N GLN D 166 -21.91 17.47 -7.61
CA GLN D 166 -21.05 16.90 -8.65
C GLN D 166 -20.73 15.48 -8.27
N THR D 167 -21.19 14.53 -9.09
CA THR D 167 -20.83 13.12 -8.93
C THR D 167 -19.93 12.77 -10.08
N THR D 168 -18.67 12.47 -9.76
CA THR D 168 -17.63 12.20 -10.72
C THR D 168 -17.42 10.70 -10.70
N SER D 169 -17.38 10.06 -11.87
CA SER D 169 -17.19 8.62 -11.87
C SER D 169 -16.37 8.17 -13.07
N VAL D 170 -15.71 7.02 -12.92
CA VAL D 170 -15.01 6.41 -14.02
C VAL D 170 -15.09 4.90 -13.91
N VAL D 171 -15.28 4.25 -15.06
CA VAL D 171 -15.32 2.82 -15.11
C VAL D 171 -14.18 2.34 -15.99
N ASN D 172 -13.46 1.32 -15.50
CA ASN D 172 -12.39 0.68 -16.25
C ASN D 172 -13.02 -0.31 -17.26
N LEU D 173 -12.86 -0.05 -18.54
CA LEU D 173 -13.43 -0.91 -19.59
C LEU D 173 -12.38 -1.79 -20.27
N SER D 174 -11.19 -1.83 -19.68
CA SER D 174 -10.11 -2.66 -20.17
C SER D 174 -10.11 -4.02 -19.46
N SER D 175 -9.23 -4.92 -19.91
CA SER D 175 -9.13 -6.26 -19.33
C SER D 175 -7.99 -6.34 -18.30
N GLU D 176 -7.41 -5.20 -17.93
CA GLU D 176 -6.32 -5.20 -16.95
CA GLU D 176 -6.26 -5.13 -17.01
C GLU D 176 -6.59 -4.15 -15.87
N GLU D 177 -5.94 -4.29 -14.72
CA GLU D 177 -6.07 -3.30 -13.61
CA GLU D 177 -6.05 -3.32 -13.62
C GLU D 177 -5.67 -1.91 -14.11
N MSE D 178 -6.50 -0.90 -13.83
CA MSE D 178 -6.27 0.46 -14.32
C MSE D 178 -5.82 1.39 -13.17
O MSE D 178 -6.52 1.49 -12.16
CB MSE D 178 -7.55 1.03 -14.92
CG MSE D 178 -7.27 2.31 -15.69
SE MSE D 178 -8.91 3.20 -16.24
CE MSE D 178 -9.39 4.05 -14.65
N PRO D 179 -4.68 2.07 -13.33
CA PRO D 179 -4.27 3.06 -12.34
C PRO D 179 -5.35 4.11 -12.19
N LEU D 180 -5.58 4.56 -10.95
CA LEU D 180 -6.63 5.52 -10.66
CA LEU D 180 -6.64 5.51 -10.63
C LEU D 180 -6.16 6.60 -9.68
N SER D 181 -6.20 7.83 -10.18
CA SER D 181 -6.02 9.02 -9.33
C SER D 181 -6.81 10.13 -10.01
N VAL D 182 -7.69 10.80 -9.27
CA VAL D 182 -8.59 11.80 -9.83
C VAL D 182 -8.57 13.05 -8.99
N GLY D 183 -8.75 14.20 -9.63
CA GLY D 183 -8.97 15.41 -8.83
C GLY D 183 -9.59 16.49 -9.68
N TYR D 184 -9.61 17.69 -9.13
CA TYR D 184 -10.12 18.86 -9.82
C TYR D 184 -9.20 20.03 -9.57
N HIS D 185 -9.06 20.89 -10.58
CA HIS D 185 -8.29 22.12 -10.44
C HIS D 185 -9.20 23.35 -10.20
N SER D 186 -10.15 23.20 -9.28
CA SER D 186 -11.31 24.13 -9.18
C SER D 186 -10.87 25.57 -8.91
N ALA D 187 -11.38 26.50 -9.72
CA ALA D 187 -10.96 27.90 -9.69
C ALA D 187 -12.10 28.79 -9.16
N PHE D 188 -11.87 29.39 -7.99
CA PHE D 188 -12.86 30.20 -7.28
C PHE D 188 -12.59 31.68 -7.36
N ASN D 189 -13.66 32.45 -7.57
CA ASN D 189 -13.59 33.91 -7.47
C ASN D 189 -13.33 34.37 -6.04
N VAL D 190 -12.36 35.26 -5.89
CA VAL D 190 -12.02 35.85 -4.60
C VAL D 190 -11.75 37.33 -4.89
N PRO D 191 -12.74 38.21 -4.68
CA PRO D 191 -14.05 38.01 -4.06
C PRO D 191 -15.09 37.39 -4.99
N PHE D 192 -16.12 36.82 -4.38
CA PHE D 192 -17.21 36.14 -5.09
C PHE D 192 -18.50 36.92 -5.03
N ILE D 193 -18.50 38.01 -4.28
CA ILE D 193 -19.70 38.81 -4.13
C ILE D 193 -19.40 40.24 -4.57
N GLU D 194 -20.45 40.83 -5.10
N GLU D 194 -20.36 40.88 -5.22
CA GLU D 194 -20.50 42.24 -5.47
CA GLU D 194 -20.05 42.05 -6.07
C GLU D 194 -20.19 43.08 -4.24
C GLU D 194 -19.39 43.27 -5.35
N GLY D 195 -19.55 44.23 -4.47
N GLY D 195 -19.98 43.70 -4.24
CA GLY D 195 -19.33 45.24 -3.45
CA GLY D 195 -19.47 44.88 -3.53
C GLY D 195 -18.24 44.90 -2.42
C GLY D 195 -18.51 44.59 -2.38
N SER D 196 -17.41 43.90 -2.70
CA SER D 196 -16.40 43.51 -1.71
C SER D 196 -14.95 43.61 -2.29
N GLU D 197 -13.98 43.00 -1.62
CA GLU D 197 -12.58 43.07 -2.05
C GLU D 197 -11.92 41.73 -1.76
N ASP D 198 -10.87 41.44 -2.52
CA ASP D 198 -10.11 40.19 -2.30
C ASP D 198 -9.59 40.05 -0.87
N SER D 199 -9.18 41.17 -0.25
CA SER D 199 -8.70 41.17 1.13
C SER D 199 -9.77 40.89 2.19
N ASN D 200 -11.05 40.88 1.81
CA ASN D 200 -12.13 40.54 2.76
C ASN D 200 -12.32 39.01 2.90
N CYS D 201 -11.70 38.24 2.02
CA CYS D 201 -11.97 36.78 2.01
C CYS D 201 -10.95 35.99 2.83
N ARG D 202 -11.44 34.97 3.54
CA ARG D 202 -10.62 34.05 4.32
C ARG D 202 -10.97 32.65 3.86
N VAL D 203 -9.94 31.82 3.67
CA VAL D 203 -10.14 30.43 3.23
C VAL D 203 -9.88 29.47 4.37
N LYS D 204 -10.84 28.58 4.61
CA LYS D 204 -10.70 27.51 5.61
C LYS D 204 -10.71 26.16 4.87
N ILE D 205 -9.91 25.22 5.35
CA ILE D 205 -9.78 23.90 4.72
C ILE D 205 -9.59 22.91 5.83
N SER D 206 -10.25 21.76 5.75
CA SER D 206 -10.19 20.72 6.77
C SER D 206 -8.91 19.89 6.67
N ILE D 207 -7.79 20.56 6.93
CA ILE D 207 -6.50 19.95 6.69
C ILE D 207 -6.12 19.03 7.84
N ASP D 208 -5.32 18.04 7.50
CA ASP D 208 -4.76 17.10 8.46
C ASP D 208 -3.25 17.45 8.60
N LYS D 209 -2.45 17.03 7.64
CA LYS D 209 -1.03 17.34 7.62
C LYS D 209 -0.60 18.07 6.36
N PHE D 210 0.50 18.79 6.49
CA PHE D 210 1.23 19.41 5.39
C PHE D 210 2.31 18.50 4.83
N TRP D 211 2.43 18.47 3.50
CA TRP D 211 3.36 17.60 2.85
C TRP D 211 4.37 18.43 2.06
N LYS D 212 5.63 18.35 2.48
CA LYS D 212 6.71 19.08 1.85
CA LYS D 212 6.70 19.10 1.84
C LYS D 212 6.93 18.64 0.39
N GLN D 213 7.25 19.61 -0.48
CA GLN D 213 7.55 19.28 -1.86
C GLN D 213 8.96 19.74 -2.16
N ASP D 214 9.60 19.01 -3.06
CA ASP D 214 10.95 19.33 -3.48
C ASP D 214 10.99 20.40 -4.60
N SER D 215 12.18 20.62 -5.17
CA SER D 215 12.30 21.68 -6.16
C SER D 215 11.61 21.33 -7.49
N ARG D 216 11.25 20.06 -7.71
CA ARG D 216 10.47 19.69 -8.89
C ARG D 216 8.95 19.57 -8.57
N ASN D 217 8.54 20.07 -7.40
CA ASN D 217 7.16 20.05 -6.93
C ASN D 217 6.63 18.67 -6.65
N LEU D 218 7.53 17.72 -6.46
CA LEU D 218 7.18 16.37 -6.06
C LEU D 218 7.30 16.22 -4.55
N PRO D 219 6.38 15.47 -3.95
CA PRO D 219 6.48 15.32 -2.48
C PRO D 219 7.77 14.62 -2.06
N THR D 220 8.33 15.09 -0.96
CA THR D 220 9.50 14.41 -0.38
C THR D 220 9.10 13.17 0.40
N GLY D 221 7.83 13.07 0.78
CA GLY D 221 7.33 11.97 1.59
C GLY D 221 7.23 12.34 3.07
N GLU D 222 7.81 13.46 3.43
CA GLU D 222 7.74 14.00 4.78
C GLU D 222 6.44 14.79 4.99
N SER D 223 5.83 14.59 6.16
CA SER D 223 4.58 15.25 6.51
C SER D 223 4.75 15.90 7.88
N PHE D 224 3.98 16.94 8.11
CA PHE D 224 4.14 17.80 9.29
C PHE D 224 2.80 18.23 9.79
N ALA D 225 2.68 18.39 11.10
CA ALA D 225 1.54 19.10 11.58
C ALA D 225 1.51 20.52 10.98
N PRO D 226 0.30 21.08 10.76
CA PRO D 226 0.25 22.46 10.26
C PRO D 226 1.03 23.40 11.17
N THR D 227 1.78 24.32 10.58
CA THR D 227 2.52 25.31 11.36
C THR D 227 2.30 26.69 10.82
N GLY D 228 2.51 27.66 11.68
CA GLY D 228 2.39 29.06 11.29
C GLY D 228 1.03 29.35 10.74
N GLU D 229 0.99 30.11 9.66
CA GLU D 229 -0.25 30.51 9.03
C GLU D 229 -1.13 29.33 8.59
N GLN D 230 -0.51 28.15 8.35
CA GLN D 230 -1.28 26.94 7.99
C GLN D 230 -2.31 26.58 9.04
N LYS D 231 -2.04 26.93 10.28
CA LYS D 231 -2.97 26.66 11.38
C LYS D 231 -4.27 27.44 11.23
N GLU D 232 -4.21 28.57 10.51
CA GLU D 232 -5.42 29.35 10.35
CA GLU D 232 -5.38 29.41 10.25
C GLU D 232 -6.44 28.71 9.39
N TYR D 233 -6.02 27.74 8.58
CA TYR D 233 -6.97 26.98 7.75
C TYR D 233 -8.05 26.31 8.57
N LEU D 234 -7.74 25.99 9.83
CA LEU D 234 -8.70 25.34 10.72
C LEU D 234 -9.36 26.30 11.68
N GLU D 235 -8.92 27.56 11.70
CA GLU D 235 -9.37 28.51 12.74
CA GLU D 235 -9.41 28.50 12.73
C GLU D 235 -10.08 29.72 12.11
N ASN D 236 -9.38 30.82 11.92
CA ASN D 236 -9.99 32.04 11.36
C ASN D 236 -10.01 32.08 9.83
N GLY D 237 -9.31 31.13 9.19
CA GLY D 237 -9.11 31.18 7.78
C GLY D 237 -7.91 31.96 7.34
N VAL D 238 -7.35 31.55 6.21
CA VAL D 238 -6.16 32.18 5.65
C VAL D 238 -6.56 33.32 4.74
N ALA D 239 -5.85 34.45 4.84
CA ALA D 239 -6.07 35.59 3.96
C ALA D 239 -5.38 35.31 2.62
N VAL D 240 -6.10 34.60 1.77
CA VAL D 240 -5.58 34.03 0.53
C VAL D 240 -5.00 35.05 -0.46
N ALA D 241 -5.55 36.28 -0.49
CA ALA D 241 -5.08 37.27 -1.43
C ALA D 241 -3.76 37.93 -0.97
N SER D 242 -3.35 37.69 0.26
CA SER D 242 -2.28 38.52 0.86
C SER D 242 -0.87 38.20 0.40
N HIS D 243 -0.62 36.98 -0.08
CA HIS D 243 0.70 36.55 -0.53
C HIS D 243 0.58 35.29 -1.38
N PRO D 244 1.64 34.92 -2.09
CA PRO D 244 1.59 33.68 -2.88
C PRO D 244 1.43 32.43 -2.01
N ILE D 245 0.58 31.52 -2.48
CA ILE D 245 0.31 30.28 -1.79
C ILE D 245 0.37 29.14 -2.80
N GLU D 246 1.09 28.08 -2.42
CA GLU D 246 1.11 26.86 -3.20
C GLU D 246 1.52 25.72 -2.25
N SER D 247 0.51 24.97 -1.78
CA SER D 247 0.69 24.02 -0.69
C SER D 247 -0.10 22.75 -0.94
N LEU D 248 0.44 21.64 -0.45
CA LEU D 248 -0.20 20.32 -0.49
C LEU D 248 -0.52 19.83 0.93
N PHE D 249 -1.79 19.47 1.16
CA PHE D 249 -2.24 18.96 2.44
C PHE D 249 -2.95 17.66 2.26
N SER D 250 -2.94 16.83 3.30
CA SER D 250 -3.95 15.78 3.41
C SER D 250 -5.20 16.37 4.07
N LEU D 251 -6.33 15.73 3.85
CA LEU D 251 -7.62 16.13 4.41
C LEU D 251 -8.08 15.18 5.51
N LYS D 252 -8.89 15.73 6.42
CA LYS D 252 -9.63 14.96 7.43
C LYS D 252 -11.00 15.56 7.59
N ASP D 253 -11.86 14.85 8.30
CA ASP D 253 -13.15 15.40 8.66
C ASP D 253 -13.00 16.26 9.90
N ILE D 254 -13.79 17.32 9.96
CA ILE D 254 -13.89 18.13 11.14
C ILE D 254 -15.36 18.19 11.54
N ASP D 255 -15.63 18.69 12.73
CA ASP D 255 -17.00 18.84 13.20
C ASP D 255 -17.46 20.30 13.03
N VAL D 256 -18.58 20.49 12.35
CA VAL D 256 -19.21 21.82 12.15
C VAL D 256 -20.71 21.72 12.48
N ASN D 257 -21.13 22.40 13.56
CA ASN D 257 -22.57 22.40 13.97
C ASN D 257 -23.18 21.02 14.06
N GLY D 258 -22.51 20.16 14.81
CA GLY D 258 -23.01 18.83 15.12
C GLY D 258 -22.95 17.78 14.02
N LYS D 259 -22.17 18.06 12.96
CA LYS D 259 -22.18 17.27 11.76
C LYS D 259 -20.71 17.20 11.24
N THR D 260 -20.26 16.07 10.71
CA THR D 260 -18.91 16.05 10.15
C THR D 260 -18.91 16.80 8.83
N PHE D 261 -17.77 17.40 8.53
CA PHE D 261 -17.57 18.16 7.31
C PHE D 261 -16.17 17.89 6.83
N ARG D 262 -16.03 17.71 5.51
CA ARG D 262 -14.73 17.68 4.85
C ARG D 262 -14.82 18.62 3.65
N GLY D 263 -13.79 19.47 3.52
CA GLY D 263 -13.67 20.35 2.39
C GLY D 263 -13.18 21.72 2.77
N ALA D 264 -13.68 22.73 2.06
CA ALA D 264 -13.16 24.06 2.17
C ALA D 264 -14.30 25.05 2.18
N CYS D 265 -14.02 26.26 2.67
CA CYS D 265 -14.95 27.36 2.50
CA CYS D 265 -14.96 27.38 2.60
C CYS D 265 -14.20 28.67 2.34
N ILE D 266 -14.85 29.64 1.72
CA ILE D 266 -14.33 30.99 1.51
C ILE D 266 -15.36 31.90 2.15
N GLU D 267 -14.91 32.59 3.18
CA GLU D 267 -15.77 33.42 4.02
C GLU D 267 -15.50 34.86 3.68
N ASP D 268 -16.57 35.61 3.47
CA ASP D 268 -16.49 37.07 3.35
C ASP D 268 -17.36 37.67 4.46
N ALA D 269 -16.76 37.88 5.62
CA ALA D 269 -17.51 38.36 6.78
C ALA D 269 -18.16 39.74 6.53
N SER D 270 -17.50 40.56 5.73
CA SER D 270 -18.03 41.89 5.41
C SER D 270 -19.41 41.81 4.77
N LYS D 271 -19.68 40.71 4.07
CA LYS D 271 -20.96 40.50 3.39
C LYS D 271 -21.76 39.34 3.99
N ASN D 272 -21.30 38.85 5.13
CA ASN D 272 -21.94 37.77 5.88
C ASN D 272 -22.27 36.55 5.04
N THR D 273 -21.38 36.21 4.11
CA THR D 273 -21.61 35.12 3.16
C THR D 273 -20.41 34.22 3.06
N ARG D 274 -20.69 32.93 2.97
CA ARG D 274 -19.66 31.89 2.87
C ARG D 274 -19.98 31.02 1.62
N VAL D 275 -18.96 30.72 0.84
CA VAL D 275 -19.05 29.73 -0.24
C VAL D 275 -18.48 28.44 0.33
N VAL D 276 -19.23 27.35 0.19
CA VAL D 276 -18.86 26.04 0.76
C VAL D 276 -18.53 25.04 -0.37
N TYR D 277 -17.37 24.40 -0.26
CA TYR D 277 -16.96 23.32 -1.18
C TYR D 277 -16.77 22.05 -0.38
N GLU D 278 -17.83 21.25 -0.31
CA GLU D 278 -17.82 20.06 0.49
C GLU D 278 -17.34 18.92 -0.37
N MSE D 279 -16.49 18.07 0.20
CA MSE D 279 -15.86 16.94 -0.52
C MSE D 279 -16.09 15.60 0.14
O MSE D 279 -15.97 15.50 1.36
CB MSE D 279 -14.33 17.17 -0.55
CG MSE D 279 -13.99 18.47 -1.14
SE MSE D 279 -12.14 18.95 -0.74
CE MSE D 279 -12.40 20.75 -1.38
N SER D 280 -16.40 14.57 -0.65
CA SER D 280 -16.58 13.21 -0.07
C SER D 280 -15.23 12.66 0.40
N SER D 281 -15.33 11.60 1.21
CA SER D 281 -14.16 10.98 1.81
CA SER D 281 -14.17 10.95 1.81
C SER D 281 -13.23 10.35 0.77
N GLU D 282 -13.70 10.17 -0.47
CA GLU D 282 -12.79 9.70 -1.54
C GLU D 282 -11.65 10.69 -1.83
N TYR D 283 -11.86 11.96 -1.51
CA TYR D 283 -10.83 12.98 -1.70
C TYR D 283 -10.01 13.10 -0.41
N LYS D 284 -8.72 12.76 -0.54
CA LYS D 284 -7.80 12.52 0.61
C LYS D 284 -6.73 13.59 0.74
N TYR D 285 -6.51 14.31 -0.37
CA TYR D 285 -5.52 15.36 -0.47
C TYR D 285 -6.11 16.57 -1.16
N LEU D 286 -5.37 17.65 -1.02
CA LEU D 286 -5.76 18.91 -1.61
C LEU D 286 -4.56 19.81 -1.85
N VAL D 287 -4.58 20.49 -3.00
CA VAL D 287 -3.59 21.50 -3.35
C VAL D 287 -4.34 22.82 -3.33
N ILE D 288 -3.77 23.80 -2.62
CA ILE D 288 -4.24 25.17 -2.73
C ILE D 288 -3.13 26.00 -3.47
N TRP D 289 -3.56 26.67 -4.53
CA TRP D 289 -2.68 27.48 -5.38
C TRP D 289 -3.44 28.74 -5.78
N ASN D 290 -2.89 29.90 -5.42
CA ASN D 290 -3.59 31.16 -5.69
C ASN D 290 -2.93 32.03 -6.79
N ASP D 291 -2.05 31.45 -7.61
CA ASP D 291 -1.44 32.17 -8.77
C ASP D 291 -0.90 33.54 -8.28
N MSE D 292 -0.12 33.48 -7.21
CA MSE D 292 0.52 34.62 -6.53
C MSE D 292 -0.43 35.46 -5.63
O MSE D 292 0.03 36.23 -4.83
CB MSE D 292 1.24 35.54 -7.52
CG MSE D 292 2.12 34.84 -8.53
SE MSE D 292 3.37 33.57 -7.68
CE MSE D 292 4.38 34.75 -6.99
N GLY D 293 -1.74 35.29 -5.76
CA GLY D 293 -2.70 35.94 -4.86
C GLY D 293 -3.24 37.28 -5.32
N ASP D 294 -2.80 37.72 -6.48
CA ASP D 294 -3.15 39.05 -6.98
C ASP D 294 -4.03 39.07 -8.20
N LYS D 295 -4.69 37.94 -8.51
CA LYS D 295 -5.50 37.86 -9.70
C LYS D 295 -6.99 37.62 -9.44
N LYS D 296 -7.42 37.83 -8.19
CA LYS D 296 -8.86 37.78 -7.82
C LYS D 296 -9.46 36.37 -7.95
N TYR D 297 -8.62 35.35 -7.79
CA TYR D 297 -9.05 33.96 -7.74
C TYR D 297 -8.07 33.10 -7.00
N ALA D 298 -8.52 31.91 -6.63
CA ALA D 298 -7.67 30.90 -6.04
C ALA D 298 -8.20 29.54 -6.43
N CYS D 299 -7.28 28.58 -6.60
CA CYS D 299 -7.62 27.19 -6.91
C CYS D 299 -7.53 26.34 -5.66
N ILE D 300 -8.61 25.61 -5.43
CA ILE D 300 -8.71 24.70 -4.30
C ILE D 300 -8.97 23.34 -4.95
N GLU D 301 -7.98 22.47 -4.88
CA GLU D 301 -7.87 21.30 -5.79
C GLU D 301 -7.91 19.98 -5.04
N PRO D 302 -9.08 19.38 -4.89
CA PRO D 302 -9.14 18.08 -4.23
C PRO D 302 -8.56 16.97 -5.07
N GLN D 303 -8.01 15.97 -4.40
CA GLN D 303 -7.40 14.85 -5.07
C GLN D 303 -7.68 13.58 -4.31
N THR D 304 -7.80 12.48 -5.05
CA THR D 304 -7.96 11.17 -4.43
C THR D 304 -6.67 10.62 -3.79
N SER D 305 -5.53 11.19 -4.17
CA SER D 305 -4.25 10.69 -3.73
C SER D 305 -3.22 11.82 -3.72
N ILE D 306 -2.10 11.56 -3.08
CA ILE D 306 -1.03 12.53 -3.03
C ILE D 306 -0.46 12.79 -4.44
N ILE D 307 0.14 13.95 -4.64
CA ILE D 307 0.88 14.21 -5.87
C ILE D 307 1.87 13.05 -6.09
N ASN D 308 1.99 12.55 -7.33
CA ASN D 308 2.96 11.51 -7.72
C ASN D 308 2.69 10.19 -7.02
N SER D 309 1.41 9.96 -6.64
CA SER D 309 1.03 8.78 -5.84
C SER D 309 1.44 7.41 -6.42
N PRO D 310 1.46 7.24 -7.76
CA PRO D 310 1.91 5.93 -8.26
C PRO D 310 3.38 5.59 -7.97
N ASN D 311 4.18 6.60 -7.65
CA ASN D 311 5.63 6.45 -7.43
C ASN D 311 6.09 6.59 -5.98
N VAL D 312 5.25 7.15 -5.11
CA VAL D 312 5.74 7.52 -3.77
C VAL D 312 6.07 6.27 -2.95
N LYS D 313 7.07 6.39 -2.09
N LYS D 313 7.02 6.38 -2.03
CA LYS D 313 7.40 5.32 -1.16
CA LYS D 313 7.42 5.24 -1.20
C LYS D 313 6.65 5.56 0.14
C LYS D 313 6.42 4.89 -0.09
N LEU D 314 5.33 5.65 0.00
CA LEU D 314 4.41 5.59 1.11
C LEU D 314 3.51 4.39 0.87
N ASP D 315 2.97 3.79 1.92
CA ASP D 315 1.92 2.75 1.82
CA ASP D 315 2.01 2.72 1.70
C ASP D 315 0.73 3.29 1.08
N ARG D 316 -0.04 2.43 0.43
CA ARG D 316 -1.25 2.89 -0.26
C ARG D 316 -2.30 3.43 0.67
N SER D 317 -2.32 2.94 1.90
CA SER D 317 -3.27 3.44 2.85
C SER D 317 -2.98 4.92 3.16
N VAL D 318 -1.74 5.36 3.04
CA VAL D 318 -1.38 6.76 3.22
C VAL D 318 -1.50 7.55 1.90
N SER D 319 -0.91 7.02 0.84
CA SER D 319 -0.86 7.77 -0.43
C SER D 319 -2.21 7.99 -1.10
N GLY D 320 -3.12 7.03 -0.94
CA GLY D 320 -4.38 7.03 -1.65
C GLY D 320 -4.38 6.48 -3.07
N PHE D 321 -3.23 6.06 -3.57
CA PHE D 321 -3.18 5.46 -4.90
C PHE D 321 -4.02 4.21 -4.87
N LYS D 322 -4.78 4.02 -5.94
CA LYS D 322 -5.76 2.93 -6.07
CA LYS D 322 -5.65 2.84 -6.04
C LYS D 322 -5.67 2.41 -7.49
N THR D 323 -6.21 1.24 -7.72
CA THR D 323 -6.40 0.76 -9.06
C THR D 323 -7.84 0.18 -9.19
N LEU D 324 -8.35 0.14 -10.41
CA LEU D 324 -9.68 -0.42 -10.70
C LEU D 324 -9.55 -1.74 -11.48
N LYS D 325 -10.23 -2.77 -10.97
CA LYS D 325 -10.36 -4.00 -11.71
C LYS D 325 -11.17 -3.77 -12.99
N PRO D 326 -11.06 -4.68 -13.99
CA PRO D 326 -11.96 -4.62 -15.13
C PRO D 326 -13.42 -4.54 -14.72
N ASN D 327 -14.12 -3.60 -15.37
CA ASN D 327 -15.52 -3.25 -15.10
CA ASN D 327 -15.53 -3.26 -15.12
C ASN D 327 -15.82 -2.66 -13.74
N GLU D 328 -14.79 -2.31 -12.97
CA GLU D 328 -15.00 -1.73 -11.66
C GLU D 328 -15.03 -0.20 -11.86
N SER D 329 -15.85 0.49 -11.05
CA SER D 329 -15.95 1.95 -11.08
CA SER D 329 -15.92 1.95 -11.08
C SER D 329 -15.49 2.61 -9.78
N TRP D 330 -15.11 3.88 -9.90
CA TRP D 330 -14.78 4.76 -8.80
C TRP D 330 -15.79 5.90 -8.93
N SER D 331 -16.27 6.43 -7.80
CA SER D 331 -17.12 7.62 -7.81
CA SER D 331 -17.07 7.65 -7.81
C SER D 331 -16.80 8.49 -6.59
N GLY D 332 -16.86 9.80 -6.79
CA GLY D 332 -16.69 10.77 -5.72
C GLY D 332 -17.75 11.84 -5.88
N VAL D 333 -18.10 12.49 -4.77
CA VAL D 333 -19.16 13.51 -4.77
C VAL D 333 -18.59 14.78 -4.11
N CYS D 334 -18.81 15.92 -4.75
CA CYS D 334 -18.56 17.22 -4.12
C CYS D 334 -19.83 18.11 -4.24
N LYS D 335 -19.95 19.08 -3.35
CA LYS D 335 -21.06 19.99 -3.37
C LYS D 335 -20.52 21.41 -3.29
N LEU D 336 -21.16 22.33 -4.01
CA LEU D 336 -20.82 23.76 -3.92
C LEU D 336 -22.11 24.50 -3.61
N TYR D 337 -22.07 25.35 -2.60
CA TYR D 337 -23.25 26.11 -2.24
C TYR D 337 -22.86 27.35 -1.47
N ILE D 338 -23.84 28.24 -1.29
CA ILE D 338 -23.68 29.50 -0.62
C ILE D 338 -24.49 29.47 0.65
N GLU D 339 -23.95 30.00 1.74
CA GLU D 339 -24.75 30.09 2.96
C GLU D 339 -24.46 31.38 3.71
N ASN D 340 -25.41 31.76 4.56
CA ASN D 340 -25.25 32.93 5.43
C ASN D 340 -24.33 32.59 6.56
N MSE D 341 -23.56 33.57 7.01
CA MSE D 341 -22.63 33.32 8.11
C MSE D 341 -23.30 33.60 9.44
O MSE D 341 -24.41 34.18 9.45
OXT MSE D 341 -22.77 33.25 10.51
CB MSE D 341 -21.35 34.16 7.94
CG MSE D 341 -20.54 33.69 6.79
SE MSE D 341 -18.95 34.70 6.54
CE MSE D 341 -18.16 34.53 8.34
O1 PG4 E . -42.06 72.54 10.96
C1 PG4 E . -43.38 72.67 10.45
C2 PG4 E . -44.37 72.40 11.56
O2 PG4 E . -45.69 72.09 11.05
C3 PG4 E . -46.65 72.05 12.13
C4 PG4 E . -48.08 71.64 11.69
O3 PG4 E . -49.05 71.88 12.74
C5 PG4 E . -49.30 70.79 13.65
C6 PG4 E . -50.37 71.22 14.64
O4 PG4 E . -50.67 70.21 15.62
C7 PG4 E . -52.01 69.68 15.55
C8 PG4 E . -52.43 69.19 16.92
O5 PG4 E . -53.66 68.46 16.87
O1 TLA F . -47.88 54.06 11.37
O11 TLA F . -46.37 52.64 12.07
C1 TLA F . -46.75 53.81 11.82
C2 TLA F . -45.80 54.93 12.04
O2 TLA F . -46.38 56.15 11.58
C3 TLA F . -44.51 54.62 11.29
O3 TLA F . -44.85 54.41 9.90
C4 TLA F . -43.53 55.74 11.51
O4 TLA F . -42.91 55.75 12.62
O41 TLA F . -43.35 56.61 10.63
C1 EDO G . -28.94 68.15 18.45
O1 EDO G . -28.62 68.54 19.80
C2 EDO G . -28.26 69.23 17.66
O2 EDO G . -28.38 69.03 16.27
C1 EDO H . -49.84 76.79 -3.15
O1 EDO H . -49.73 76.58 -4.55
C2 EDO H . -51.01 75.98 -2.59
O2 EDO H . -52.25 76.37 -3.21
C1 EDO I . -47.89 43.55 -5.59
O1 EDO I . -49.20 43.33 -5.06
C2 EDO I . -47.41 42.24 -6.21
O2 EDO I . -48.14 42.04 -7.42
O1 PG4 J . -26.74 68.14 5.04
C1 PG4 J . -27.62 67.60 4.06
C2 PG4 J . -28.25 68.69 3.19
O2 PG4 J . -29.28 68.04 2.43
C3 PG4 J . -28.81 67.36 1.25
C4 PG4 J . -29.67 67.70 0.05
O3 PG4 J . -28.94 68.28 -1.05
C5 PG4 J . -28.72 69.69 -0.96
C6 PG4 J . -29.10 70.41 -2.25
O4 PG4 J . -30.53 70.56 -2.35
O1 PG4 K . 6.24 -17.29 1.87
C1 PG4 K . 4.94 -17.47 1.32
C2 PG4 K . 3.92 -17.61 2.45
O2 PG4 K . 2.68 -18.14 1.95
C3 PG4 K . 1.68 -18.14 2.96
C4 PG4 K . 0.44 -18.93 2.55
O3 PG4 K . -0.62 -18.68 3.49
C5 PG4 K . -0.75 -19.59 4.59
C6 PG4 K . -1.90 -19.14 5.47
O4 PG4 K . -2.08 -19.94 6.63
C7 PG4 K . -3.05 -20.99 6.55
C8 PG4 K . -4.14 -20.78 7.58
O5 PG4 K . -4.79 -22.01 7.87
O1 TLA L . 2.43 -36.28 3.64
O11 TLA L . 4.10 -37.38 4.51
C1 TLA L . 3.57 -36.32 4.13
C2 TLA L . 4.38 -35.07 4.32
O2 TLA L . 3.71 -33.93 3.79
C3 TLA L . 5.71 -35.25 3.60
O3 TLA L . 5.45 -35.54 2.22
C4 TLA L . 6.53 -34.00 3.78
O4 TLA L . 6.96 -33.78 4.94
O41 TLA L . 6.75 -33.24 2.79
C1 EDO M . -15.15 -31.36 -22.05
O1 EDO M . -15.98 -30.24 -21.70
C2 EDO M . -14.51 -31.12 -23.41
O2 EDO M . -13.76 -29.88 -23.41
C1 EDO N . -2.87 -15.81 -12.12
O1 EDO N . -3.84 -15.39 -13.09
C2 EDO N . -1.51 -15.28 -12.59
O2 EDO N . -1.34 -15.39 -14.01
C1 EDO O . 16.34 -35.25 6.71
O1 EDO O . 17.36 -35.88 5.95
C2 EDO O . 16.44 -33.76 6.46
O2 EDO O . 17.76 -33.33 6.83
C1 EDO P . 0.23 -47.49 -17.87
O1 EDO P . 1.52 -48.06 -17.62
C2 EDO P . 0.06 -47.32 -19.38
O2 EDO P . 1.16 -46.57 -19.89
C1 EDO Q . 4.33 -47.98 -12.52
O1 EDO Q . 3.02 -47.95 -11.96
C2 EDO Q . 4.73 -49.40 -12.86
O2 EDO Q . 4.83 -49.55 -14.28
C1 EDO R . -11.97 -21.96 -6.45
O1 EDO R . -12.01 -22.26 -5.04
C2 EDO R . -11.18 -20.67 -6.68
O2 EDO R . -11.35 -20.17 -8.03
C1 EDO S . 19.70 -21.01 -6.23
O1 EDO S . 20.92 -20.88 -5.50
C2 EDO S . 19.92 -21.76 -7.55
O2 EDO S . 19.64 -21.01 -8.76
O1 PG4 T . 47.85 -34.72 11.98
C1 PG4 T . 49.13 -34.95 12.59
C2 PG4 T . 50.20 -34.69 11.55
O2 PG4 T . 51.44 -35.30 11.92
C3 PG4 T . 52.47 -34.91 11.02
C4 PG4 T . 53.78 -35.68 11.21
O3 PG4 T . 54.82 -35.16 10.35
C5 PG4 T . 54.78 -35.52 8.97
C6 PG4 T . 55.77 -34.65 8.20
O4 PG4 T . 56.08 -35.15 6.90
C7 PG4 T . 57.43 -35.61 6.76
C8 PG4 T . 57.84 -35.57 5.32
O5 PG4 T . 59.20 -35.96 5.14
O1 TLA U . 52.35 -51.28 3.16
O11 TLA U . 50.72 -51.85 1.83
C1 TLA U . 51.22 -51.08 2.68
C2 TLA U . 50.38 -49.90 3.10
O2 TLA U . 50.98 -49.09 4.13
C3 TLA U . 49.07 -50.47 3.62
O3 TLA U . 49.35 -51.30 4.76
C4 TLA U . 48.15 -49.32 3.89
O4 TLA U . 47.66 -48.74 2.89
O41 TLA U . 47.92 -48.98 5.07
C1 EDO V . 34.09 -35.08 4.75
O1 EDO V . 34.00 -34.34 5.98
C2 EDO V . 34.43 -34.15 3.60
O2 EDO V . 35.68 -33.53 3.89
C1 EDO W . 55.90 -38.16 26.28
O1 EDO W . 55.74 -38.92 27.48
C2 EDO W . 57.15 -38.63 25.53
O2 EDO W . 58.30 -38.72 26.39
C1 EDO X . 37.25 -59.54 26.09
O1 EDO X . 37.10 -60.94 26.28
C2 EDO X . 37.25 -58.88 27.46
O2 EDO X . 38.49 -59.10 28.14
C1 EDO Y . 64.26 -61.45 11.07
O1 EDO Y . 63.46 -62.49 11.64
C2 EDO Y . 65.48 -62.04 10.37
O2 EDO Y . 66.15 -62.98 11.21
C1 EDO Z . 44.67 -58.96 31.30
O1 EDO Z . 44.62 -60.08 32.21
C2 EDO Z . 43.56 -57.96 31.63
O2 EDO Z . 44.08 -56.63 31.78
C1 EDO AA . 43.09 -49.04 29.12
O1 EDO AA . 41.70 -48.65 29.01
C2 EDO AA . 43.21 -50.51 28.74
O2 EDO AA . 43.65 -50.63 27.38
O1 PG4 BA . 36.06 -41.90 23.50
C1 PG4 BA . 34.64 -41.83 23.23
C2 PG4 BA . 34.40 -41.67 21.74
O2 PG4 BA . 34.41 -42.92 21.03
C3 PG4 BA . 35.06 -42.90 19.73
C4 PG4 BA . 34.13 -42.84 18.51
O3 PG4 BA . 34.39 -41.70 17.70
C5 PG4 BA . 33.76 -40.55 18.26
C6 PG4 BA . 34.35 -39.31 17.62
O4 PG4 BA . 35.56 -38.86 18.27
O1 PG4 CA . -2.73 7.35 -12.15
C1 PG4 CA . -3.67 7.71 -13.16
C2 PG4 CA . -2.93 7.80 -14.48
O2 PG4 CA . -3.74 8.36 -15.50
C3 PG4 CA . -3.02 8.53 -16.72
C4 PG4 CA . -3.92 9.05 -17.84
O3 PG4 CA . -3.26 8.87 -19.11
C5 PG4 CA . -2.28 9.84 -19.49
C6 PG4 CA . -1.73 9.44 -20.85
O4 PG4 CA . -0.89 10.44 -21.42
C7 PG4 CA . -1.37 10.92 -22.67
C8 PG4 CA . -0.26 11.58 -23.43
O5 PG4 CA . -0.74 12.39 -24.49
O1 TLA DA . -1.98 26.59 -16.00
O11 TLA DA . -0.51 27.66 -14.80
C1 TLA DA . -1.10 26.60 -15.12
C2 TLA DA . -0.72 25.31 -14.44
O2 TLA DA . -1.55 24.21 -14.88
C3 TLA DA . -0.91 25.49 -12.95
O3 TLA DA . -2.29 25.83 -12.73
C4 TLA DA . -0.51 24.20 -12.28
O4 TLA DA . 0.73 23.94 -12.13
O41 TLA DA . -1.43 23.44 -11.90
C1 EDO EA . 7.76 10.02 -1.35
O1 EDO EA . 7.58 8.72 -0.74
C2 EDO EA . 9.14 10.09 -1.96
O2 EDO EA . 9.25 8.94 -2.80
C1 EDO FA . -18.67 5.86 -14.90
O1 EDO FA . -19.98 5.89 -14.26
C2 EDO FA . -18.79 6.17 -16.39
O2 EDO FA . -20.12 5.84 -16.85
C1 EDO GA . -20.61 24.15 7.26
O1 EDO GA . -20.20 25.45 6.79
C2 EDO GA . -21.17 23.32 6.09
O2 EDO GA . -22.51 23.72 5.72
O1 PG4 HA . -5.15 11.32 3.36
C1 PG4 HA . -6.09 11.87 4.29
C2 PG4 HA . -7.54 11.73 3.85
O2 PG4 HA . -8.46 11.29 4.86
C3 PG4 HA . -8.67 9.87 4.91
C4 PG4 HA . -10.14 9.46 5.05
O3 PG4 HA . -10.74 9.26 3.76
#